data_6EKB
# 
_entry.id   6EKB 
# 
_audit_conform.dict_name       mmcif_pdbx.dic 
_audit_conform.dict_version    5.391 
_audit_conform.dict_location   http://mmcif.pdb.org/dictionaries/ascii/mmcif_pdbx.dic 
# 
loop_
_database_2.database_id 
_database_2.database_code 
_database_2.pdbx_database_accession 
_database_2.pdbx_DOI 
PDB   6EKB         pdb_00006ekb 10.2210/pdb6ekb/pdb 
WWPDB D_1200006742 ?            ?                   
# 
loop_
_pdbx_audit_revision_history.ordinal 
_pdbx_audit_revision_history.data_content_type 
_pdbx_audit_revision_history.major_revision 
_pdbx_audit_revision_history.minor_revision 
_pdbx_audit_revision_history.revision_date 
1 'Structure model' 1 0 2017-12-06 
2 'Structure model' 1 1 2017-12-20 
3 'Structure model' 2 0 2024-05-08 
# 
_pdbx_audit_revision_details.ordinal             1 
_pdbx_audit_revision_details.revision_ordinal    1 
_pdbx_audit_revision_details.data_content_type   'Structure model' 
_pdbx_audit_revision_details.provider            repository 
_pdbx_audit_revision_details.type                'Initial release' 
_pdbx_audit_revision_details.description         ? 
_pdbx_audit_revision_details.details             ? 
# 
loop_
_pdbx_audit_revision_group.ordinal 
_pdbx_audit_revision_group.revision_ordinal 
_pdbx_audit_revision_group.data_content_type 
_pdbx_audit_revision_group.group 
1 2 'Structure model' 'Database references'  
2 3 'Structure model' 'Atomic model'         
3 3 'Structure model' 'Data collection'      
4 3 'Structure model' 'Database references'  
5 3 'Structure model' 'Derived calculations' 
# 
loop_
_pdbx_audit_revision_category.ordinal 
_pdbx_audit_revision_category.revision_ordinal 
_pdbx_audit_revision_category.data_content_type 
_pdbx_audit_revision_category.category 
1 2 'Structure model' citation               
2 3 'Structure model' atom_site              
3 3 'Structure model' chem_comp_atom         
4 3 'Structure model' chem_comp_bond         
5 3 'Structure model' database_2             
6 3 'Structure model' pdbx_struct_conn_angle 
7 3 'Structure model' struct_conn            
# 
loop_
_pdbx_audit_revision_item.ordinal 
_pdbx_audit_revision_item.revision_ordinal 
_pdbx_audit_revision_item.data_content_type 
_pdbx_audit_revision_item.item 
1  2 'Structure model' '_citation.journal_volume'                    
2  2 'Structure model' '_citation.page_first'                        
3  2 'Structure model' '_citation.page_last'                         
4  2 'Structure model' '_citation.pdbx_database_id_DOI'              
5  2 'Structure model' '_citation.pdbx_database_id_PubMed'           
6  2 'Structure model' '_citation.title'                             
7  3 'Structure model' '_atom_site.occupancy'                        
8  3 'Structure model' '_database_2.pdbx_DOI'                        
9  3 'Structure model' '_database_2.pdbx_database_accession'         
10 3 'Structure model' '_pdbx_struct_conn_angle.ptnr1_auth_comp_id'  
11 3 'Structure model' '_pdbx_struct_conn_angle.ptnr1_auth_seq_id'   
12 3 'Structure model' '_pdbx_struct_conn_angle.ptnr1_label_atom_id' 
13 3 'Structure model' '_pdbx_struct_conn_angle.ptnr1_label_comp_id' 
14 3 'Structure model' '_pdbx_struct_conn_angle.ptnr1_label_seq_id'  
15 3 'Structure model' '_pdbx_struct_conn_angle.ptnr3_auth_comp_id'  
16 3 'Structure model' '_pdbx_struct_conn_angle.ptnr3_auth_seq_id'   
17 3 'Structure model' '_pdbx_struct_conn_angle.ptnr3_label_atom_id' 
18 3 'Structure model' '_pdbx_struct_conn_angle.ptnr3_label_comp_id' 
19 3 'Structure model' '_pdbx_struct_conn_angle.ptnr3_label_seq_id'  
20 3 'Structure model' '_pdbx_struct_conn_angle.value'               
21 3 'Structure model' '_struct_conn.pdbx_dist_value'                
22 3 'Structure model' '_struct_conn.ptnr1_auth_comp_id'             
23 3 'Structure model' '_struct_conn.ptnr1_auth_seq_id'              
24 3 'Structure model' '_struct_conn.ptnr1_label_atom_id'            
25 3 'Structure model' '_struct_conn.ptnr1_label_comp_id'            
26 3 'Structure model' '_struct_conn.ptnr1_label_seq_id'             
27 3 'Structure model' '_struct_conn.ptnr2_auth_seq_id'              
28 3 'Structure model' '_struct_conn.ptnr2_label_asym_id'            
29 3 'Structure model' '_struct_conn.ptnr2_symmetry'                 
# 
_pdbx_database_status.status_code                     REL 
_pdbx_database_status.status_code_sf                  REL 
_pdbx_database_status.status_code_mr                  ? 
_pdbx_database_status.entry_id                        6EKB 
_pdbx_database_status.recvd_initial_deposition_date   2017-09-26 
_pdbx_database_status.SG_entry                        N 
_pdbx_database_status.deposit_site                    PDBE 
_pdbx_database_status.process_site                    PDBE 
_pdbx_database_status.status_code_cs                  ? 
_pdbx_database_status.methods_development_category    ? 
_pdbx_database_status.pdb_format_compatible           Y 
_pdbx_database_status.status_code_nmr_data            ? 
# 
loop_
_audit_author.name 
_audit_author.pdbx_ordinal 
_audit_author.identifier_ORCID 
'Aigner, H.'      1 ?                   
'Wilson, R.H.'    2 ?                   
'Bracher, A.'     3 0000-0001-8530-7594 
'Calisse, L.'     4 ?                   
'Bhat, J.Y.'      5 ?                   
'Hartl, F.U.'     6 ?                   
'Hayer-Hartl, M.' 7 ?                   
# 
_citation.abstract                  ? 
_citation.abstract_id_CAS           ? 
_citation.book_id_ISBN              ? 
_citation.book_publisher            ? 
_citation.book_publisher_city       ? 
_citation.book_title                ? 
_citation.coordinate_linkage        ? 
_citation.country                   US 
_citation.database_id_Medline       ? 
_citation.details                   ? 
_citation.id                        primary 
_citation.journal_abbrev            Science 
_citation.journal_id_ASTM           SCIEAS 
_citation.journal_id_CSD            0038 
_citation.journal_id_ISSN           1095-9203 
_citation.journal_full              ? 
_citation.journal_issue             ? 
_citation.journal_volume            358 
_citation.language                  ? 
_citation.page_first                1272 
_citation.page_last                 1278 
_citation.title                     'Plant RuBisCo assembly in E. coli with five chloroplast chaperones including BSD2.' 
_citation.year                      2017 
_citation.database_id_CSD           ? 
_citation.pdbx_database_id_DOI      10.1126/science.aap9221 
_citation.pdbx_database_id_PubMed   29217567 
_citation.unpublished_flag          ? 
# 
loop_
_citation_author.citation_id 
_citation_author.name 
_citation_author.ordinal 
_citation_author.identifier_ORCID 
primary 'Aigner, H.'      1 ? 
primary 'Wilson, R.H.'    2 ? 
primary 'Bracher, A.'     3 ? 
primary 'Calisse, L.'     4 ? 
primary 'Bhat, J.Y.'      5 ? 
primary 'Hartl, F.U.'     6 ? 
primary 'Hayer-Hartl, M.' 7 ? 
# 
loop_
_entity.id 
_entity.type 
_entity.src_method 
_entity.pdbx_description 
_entity.formula_weight 
_entity.pdbx_number_of_molecules 
_entity.pdbx_ec 
_entity.pdbx_mutation 
_entity.pdbx_fragment 
_entity.details 
1 polymer     man 'DnaJ/Hsp40 cysteine-rich domain superfamily protein' 8355.468 1  ? K56M ? ? 
2 non-polymer syn 'ZINC ION'                                            65.409   3  ? ?    ? ? 
3 water       nat water                                                 18.015   29 ? ?    ? ? 
# 
_entity_name_com.entity_id   1 
_entity_name_com.name        'Uncharacterized protein At3g47650,Uncharacterized protein F1P2.200' 
# 
_entity_poly.entity_id                      1 
_entity_poly.type                           'polypeptide(L)' 
_entity_poly.nstd_linkage                   no 
_entity_poly.nstd_monomer                   no 
_entity_poly.pdbx_seq_one_letter_code       
;MAANNNPQGTKPNSLVCANCEGEGCVACSQCKGGGVNLIDHFNGQFKAGALCWLCRGKKEVLCGDCNGAGFIGGFLSTFD
E
;
_entity_poly.pdbx_seq_one_letter_code_can   
;MAANNNPQGTKPNSLVCANCEGEGCVACSQCKGGGVNLIDHFNGQFKAGALCWLCRGKKEVLCGDCNGAGFIGGFLSTFD
E
;
_entity_poly.pdbx_strand_id                 A 
_entity_poly.pdbx_target_identifier         ? 
# 
loop_
_pdbx_entity_nonpoly.entity_id 
_pdbx_entity_nonpoly.name 
_pdbx_entity_nonpoly.comp_id 
2 'ZINC ION' ZN  
3 water      HOH 
# 
loop_
_entity_poly_seq.entity_id 
_entity_poly_seq.num 
_entity_poly_seq.mon_id 
_entity_poly_seq.hetero 
1 1  MET n 
1 2  ALA n 
1 3  ALA n 
1 4  ASN n 
1 5  ASN n 
1 6  ASN n 
1 7  PRO n 
1 8  GLN n 
1 9  GLY n 
1 10 THR n 
1 11 LYS n 
1 12 PRO n 
1 13 ASN n 
1 14 SER n 
1 15 LEU n 
1 16 VAL n 
1 17 CYS n 
1 18 ALA n 
1 19 ASN n 
1 20 CYS n 
1 21 GLU n 
1 22 GLY n 
1 23 GLU n 
1 24 GLY n 
1 25 CYS n 
1 26 VAL n 
1 27 ALA n 
1 28 CYS n 
1 29 SER n 
1 30 GLN n 
1 31 CYS n 
1 32 LYS n 
1 33 GLY n 
1 34 GLY n 
1 35 GLY n 
1 36 VAL n 
1 37 ASN n 
1 38 LEU n 
1 39 ILE n 
1 40 ASP n 
1 41 HIS n 
1 42 PHE n 
1 43 ASN n 
1 44 GLY n 
1 45 GLN n 
1 46 PHE n 
1 47 LYS n 
1 48 ALA n 
1 49 GLY n 
1 50 ALA n 
1 51 LEU n 
1 52 CYS n 
1 53 TRP n 
1 54 LEU n 
1 55 CYS n 
1 56 ARG n 
1 57 GLY n 
1 58 LYS n 
1 59 LYS n 
1 60 GLU n 
1 61 VAL n 
1 62 LEU n 
1 63 CYS n 
1 64 GLY n 
1 65 ASP n 
1 66 CYS n 
1 67 ASN n 
1 68 GLY n 
1 69 ALA n 
1 70 GLY n 
1 71 PHE n 
1 72 ILE n 
1 73 GLY n 
1 74 GLY n 
1 75 PHE n 
1 76 LEU n 
1 77 SER n 
1 78 THR n 
1 79 PHE n 
1 80 ASP n 
1 81 GLU n 
# 
_entity_src_gen.entity_id                          1 
_entity_src_gen.pdbx_src_id                        1 
_entity_src_gen.pdbx_alt_source_flag               sample 
_entity_src_gen.pdbx_seq_type                      'Biological sequence' 
_entity_src_gen.pdbx_beg_seq_num                   1 
_entity_src_gen.pdbx_end_seq_num                   81 
_entity_src_gen.gene_src_common_name               'Mouse-ear cress' 
_entity_src_gen.gene_src_genus                     ? 
_entity_src_gen.pdbx_gene_src_gene                 'F1P2.200, At3g47650' 
_entity_src_gen.gene_src_species                   ? 
_entity_src_gen.gene_src_strain                    ? 
_entity_src_gen.gene_src_tissue                    ? 
_entity_src_gen.gene_src_tissue_fraction           ? 
_entity_src_gen.gene_src_details                   ? 
_entity_src_gen.pdbx_gene_src_fragment             ? 
_entity_src_gen.pdbx_gene_src_scientific_name      'Arabidopsis thaliana' 
_entity_src_gen.pdbx_gene_src_ncbi_taxonomy_id     3702 
_entity_src_gen.pdbx_gene_src_variant              ? 
_entity_src_gen.pdbx_gene_src_cell_line            ? 
_entity_src_gen.pdbx_gene_src_atcc                 ? 
_entity_src_gen.pdbx_gene_src_organ                ? 
_entity_src_gen.pdbx_gene_src_organelle            ? 
_entity_src_gen.pdbx_gene_src_cell                 ? 
_entity_src_gen.pdbx_gene_src_cellular_location    ? 
_entity_src_gen.host_org_common_name               ? 
_entity_src_gen.pdbx_host_org_scientific_name      'Escherichia coli BL21(DE3)' 
_entity_src_gen.pdbx_host_org_ncbi_taxonomy_id     469008 
_entity_src_gen.host_org_genus                     ? 
_entity_src_gen.pdbx_host_org_gene                 ? 
_entity_src_gen.pdbx_host_org_organ                ? 
_entity_src_gen.host_org_species                   ? 
_entity_src_gen.pdbx_host_org_tissue               ? 
_entity_src_gen.pdbx_host_org_tissue_fraction      ? 
_entity_src_gen.pdbx_host_org_strain               ? 
_entity_src_gen.pdbx_host_org_variant              ? 
_entity_src_gen.pdbx_host_org_cell_line            ? 
_entity_src_gen.pdbx_host_org_atcc                 ? 
_entity_src_gen.pdbx_host_org_culture_collection   ? 
_entity_src_gen.pdbx_host_org_cell                 ? 
_entity_src_gen.pdbx_host_org_organelle            ? 
_entity_src_gen.pdbx_host_org_cellular_location    ? 
_entity_src_gen.pdbx_host_org_vector_type          plasmid 
_entity_src_gen.pdbx_host_org_vector               ? 
_entity_src_gen.host_org_details                   ? 
_entity_src_gen.expression_system_id               ? 
_entity_src_gen.plasmid_name                       pHUE 
_entity_src_gen.plasmid_details                    ? 
_entity_src_gen.pdbx_description                   ? 
# 
loop_
_chem_comp.id 
_chem_comp.type 
_chem_comp.mon_nstd_flag 
_chem_comp.name 
_chem_comp.pdbx_synonyms 
_chem_comp.formula 
_chem_comp.formula_weight 
ALA 'L-peptide linking' y ALANINE         ? 'C3 H7 N O2'     89.093  
ARG 'L-peptide linking' y ARGININE        ? 'C6 H15 N4 O2 1' 175.209 
ASN 'L-peptide linking' y ASPARAGINE      ? 'C4 H8 N2 O3'    132.118 
ASP 'L-peptide linking' y 'ASPARTIC ACID' ? 'C4 H7 N O4'     133.103 
CYS 'L-peptide linking' y CYSTEINE        ? 'C3 H7 N O2 S'   121.158 
GLN 'L-peptide linking' y GLUTAMINE       ? 'C5 H10 N2 O3'   146.144 
GLU 'L-peptide linking' y 'GLUTAMIC ACID' ? 'C5 H9 N O4'     147.129 
GLY 'peptide linking'   y GLYCINE         ? 'C2 H5 N O2'     75.067  
HIS 'L-peptide linking' y HISTIDINE       ? 'C6 H10 N3 O2 1' 156.162 
HOH non-polymer         . WATER           ? 'H2 O'           18.015  
ILE 'L-peptide linking' y ISOLEUCINE      ? 'C6 H13 N O2'    131.173 
LEU 'L-peptide linking' y LEUCINE         ? 'C6 H13 N O2'    131.173 
LYS 'L-peptide linking' y LYSINE          ? 'C6 H15 N2 O2 1' 147.195 
MET 'L-peptide linking' y METHIONINE      ? 'C5 H11 N O2 S'  149.211 
PHE 'L-peptide linking' y PHENYLALANINE   ? 'C9 H11 N O2'    165.189 
PRO 'L-peptide linking' y PROLINE         ? 'C5 H9 N O2'     115.130 
SER 'L-peptide linking' y SERINE          ? 'C3 H7 N O3'     105.093 
THR 'L-peptide linking' y THREONINE       ? 'C4 H9 N O3'     119.119 
TRP 'L-peptide linking' y TRYPTOPHAN      ? 'C11 H12 N2 O2'  204.225 
VAL 'L-peptide linking' y VALINE          ? 'C5 H11 N O2'    117.146 
ZN  non-polymer         . 'ZINC ION'      ? 'Zn 2'           65.409  
# 
loop_
_pdbx_poly_seq_scheme.asym_id 
_pdbx_poly_seq_scheme.entity_id 
_pdbx_poly_seq_scheme.seq_id 
_pdbx_poly_seq_scheme.mon_id 
_pdbx_poly_seq_scheme.ndb_seq_num 
_pdbx_poly_seq_scheme.pdb_seq_num 
_pdbx_poly_seq_scheme.auth_seq_num 
_pdbx_poly_seq_scheme.pdb_mon_id 
_pdbx_poly_seq_scheme.auth_mon_id 
_pdbx_poly_seq_scheme.pdb_strand_id 
_pdbx_poly_seq_scheme.pdb_ins_code 
_pdbx_poly_seq_scheme.hetero 
A 1 1  MET 1  56  ?   ?   ?   A . n 
A 1 2  ALA 2  57  ?   ?   ?   A . n 
A 1 3  ALA 3  58  ?   ?   ?   A . n 
A 1 4  ASN 4  59  ?   ?   ?   A . n 
A 1 5  ASN 5  60  ?   ?   ?   A . n 
A 1 6  ASN 6  61  ?   ?   ?   A . n 
A 1 7  PRO 7  62  ?   ?   ?   A . n 
A 1 8  GLN 8  63  ?   ?   ?   A . n 
A 1 9  GLY 9  64  ?   ?   ?   A . n 
A 1 10 THR 10 65  ?   ?   ?   A . n 
A 1 11 LYS 11 66  ?   ?   ?   A . n 
A 1 12 PRO 12 67  ?   ?   ?   A . n 
A 1 13 ASN 13 68  68  ASN ASN A . n 
A 1 14 SER 14 69  69  SER SER A . n 
A 1 15 LEU 15 70  70  LEU LEU A . n 
A 1 16 VAL 16 71  71  VAL VAL A . n 
A 1 17 CYS 17 72  72  CYS CYS A . n 
A 1 18 ALA 18 73  73  ALA ALA A . n 
A 1 19 ASN 19 74  74  ASN ASN A . n 
A 1 20 CYS 20 75  75  CYS CYS A . n 
A 1 21 GLU 21 76  76  GLU GLU A . n 
A 1 22 GLY 22 77  77  GLY GLY A . n 
A 1 23 GLU 23 78  78  GLU GLU A . n 
A 1 24 GLY 24 79  79  GLY GLY A . n 
A 1 25 CYS 25 80  80  CYS CYS A . n 
A 1 26 VAL 26 81  81  VAL VAL A . n 
A 1 27 ALA 27 82  82  ALA ALA A . n 
A 1 28 CYS 28 83  83  CYS CYS A . n 
A 1 29 SER 29 84  84  SER SER A . n 
A 1 30 GLN 30 85  85  GLN GLN A . n 
A 1 31 CYS 31 86  86  CYS CYS A . n 
A 1 32 LYS 32 87  87  LYS LYS A . n 
A 1 33 GLY 33 88  88  GLY GLY A . n 
A 1 34 GLY 34 89  89  GLY GLY A . n 
A 1 35 GLY 35 90  90  GLY GLY A . n 
A 1 36 VAL 36 91  91  VAL VAL A . n 
A 1 37 ASN 37 92  92  ASN ASN A . n 
A 1 38 LEU 38 93  93  LEU LEU A . n 
A 1 39 ILE 39 94  94  ILE ILE A . n 
A 1 40 ASP 40 95  95  ASP ASP A . n 
A 1 41 HIS 41 96  96  HIS HIS A . n 
A 1 42 PHE 42 97  97  PHE PHE A . n 
A 1 43 ASN 43 98  98  ASN ASN A . n 
A 1 44 GLY 44 99  99  GLY GLY A . n 
A 1 45 GLN 45 100 100 GLN GLN A . n 
A 1 46 PHE 46 101 101 PHE PHE A . n 
A 1 47 LYS 47 102 102 LYS LYS A . n 
A 1 48 ALA 48 103 103 ALA ALA A . n 
A 1 49 GLY 49 104 104 GLY GLY A . n 
A 1 50 ALA 50 105 105 ALA ALA A . n 
A 1 51 LEU 51 106 106 LEU LEU A . n 
A 1 52 CYS 52 107 107 CYS CYS A . n 
A 1 53 TRP 53 108 108 TRP TRP A . n 
A 1 54 LEU 54 109 109 LEU LEU A . n 
A 1 55 CYS 55 110 110 CYS CYS A . n 
A 1 56 ARG 56 111 111 ARG ARG A . n 
A 1 57 GLY 57 112 112 GLY GLY A . n 
A 1 58 LYS 58 113 113 LYS LYS A . n 
A 1 59 LYS 59 114 114 LYS LYS A . n 
A 1 60 GLU 60 115 115 GLU GLU A . n 
A 1 61 VAL 61 116 116 VAL VAL A . n 
A 1 62 LEU 62 117 117 LEU LEU A . n 
A 1 63 CYS 63 118 118 CYS CYS A . n 
A 1 64 GLY 64 119 119 GLY GLY A . n 
A 1 65 ASP 65 120 120 ASP ASP A . n 
A 1 66 CYS 66 121 121 CYS CYS A . n 
A 1 67 ASN 67 122 122 ASN ASN A . n 
A 1 68 GLY 68 123 123 GLY GLY A . n 
A 1 69 ALA 69 124 124 ALA ALA A . n 
A 1 70 GLY 70 125 125 GLY GLY A . n 
A 1 71 PHE 71 126 126 PHE PHE A . n 
A 1 72 ILE 72 127 127 ILE ILE A . n 
A 1 73 GLY 73 128 128 GLY GLY A . n 
A 1 74 GLY 74 129 129 GLY GLY A . n 
A 1 75 PHE 75 130 ?   ?   ?   A . n 
A 1 76 LEU 76 131 ?   ?   ?   A . n 
A 1 77 SER 77 132 ?   ?   ?   A . n 
A 1 78 THR 78 133 ?   ?   ?   A . n 
A 1 79 PHE 79 134 ?   ?   ?   A . n 
A 1 80 ASP 80 135 ?   ?   ?   A . n 
A 1 81 GLU 81 136 ?   ?   ?   A . n 
# 
loop_
_pdbx_nonpoly_scheme.asym_id 
_pdbx_nonpoly_scheme.entity_id 
_pdbx_nonpoly_scheme.mon_id 
_pdbx_nonpoly_scheme.ndb_seq_num 
_pdbx_nonpoly_scheme.pdb_seq_num 
_pdbx_nonpoly_scheme.auth_seq_num 
_pdbx_nonpoly_scheme.pdb_mon_id 
_pdbx_nonpoly_scheme.auth_mon_id 
_pdbx_nonpoly_scheme.pdb_strand_id 
_pdbx_nonpoly_scheme.pdb_ins_code 
B 2 ZN  1  201 1  ZN  ZN  A . 
C 2 ZN  1  202 2  ZN  ZN  A . 
D 2 ZN  1  203 3  ZN  ZN  A . 
E 3 HOH 1  301 8  HOH HOH A . 
E 3 HOH 2  302 18 HOH HOH A . 
E 3 HOH 3  303 9  HOH HOH A . 
E 3 HOH 4  304 14 HOH HOH A . 
E 3 HOH 5  305 6  HOH HOH A . 
E 3 HOH 6  306 19 HOH HOH A . 
E 3 HOH 7  307 10 HOH HOH A . 
E 3 HOH 8  308 1  HOH HOH A . 
E 3 HOH 9  309 13 HOH HOH A . 
E 3 HOH 10 310 12 HOH HOH A . 
E 3 HOH 11 311 17 HOH HOH A . 
E 3 HOH 12 312 26 HOH HOH A . 
E 3 HOH 13 313 4  HOH HOH A . 
E 3 HOH 14 314 7  HOH HOH A . 
E 3 HOH 15 315 22 HOH HOH A . 
E 3 HOH 16 316 16 HOH HOH A . 
E 3 HOH 17 317 3  HOH HOH A . 
E 3 HOH 18 318 15 HOH HOH A . 
E 3 HOH 19 319 2  HOH HOH A . 
E 3 HOH 20 320 30 HOH HOH A . 
E 3 HOH 21 321 5  HOH HOH A . 
E 3 HOH 22 322 25 HOH HOH A . 
E 3 HOH 23 323 28 HOH HOH A . 
E 3 HOH 24 324 27 HOH HOH A . 
E 3 HOH 25 325 24 HOH HOH A . 
E 3 HOH 26 326 29 HOH HOH A . 
E 3 HOH 27 327 31 HOH HOH A . 
E 3 HOH 28 328 23 HOH HOH A . 
E 3 HOH 29 329 21 HOH HOH A . 
# 
loop_
_software.citation_id 
_software.classification 
_software.compiler_name 
_software.compiler_version 
_software.contact_author 
_software.contact_author_email 
_software.date 
_software.description 
_software.dependencies 
_software.hardware 
_software.language 
_software.location 
_software.mods 
_software.name 
_software.os 
_software.os_version 
_software.type 
_software.version 
_software.pdbx_ordinal 
? 'data scaling'    ? ? ? ? ? ? ? ? ? ? ? Aimless     ? ? ? 0.5.28   1 
? phasing           ? ? ? ? ? ? ? ? ? ? ? SHELXDE     ? ? ? .        2 
? refinement        ? ? ? ? ? ? ? ? ? ? ? REFMAC      ? ? ? 5.8.0155 3 
? 'data extraction' ? ? ? ? ? ? ? ? ? ? ? PDB_EXTRACT ? ? ? 3.22     4 
? 'data reduction'  ? ? ? ? ? ? ? ? ? ? ? XDS         ? ? ? .        5 
# 
_cell.angle_alpha                  90.000 
_cell.angle_alpha_esd              ? 
_cell.angle_beta                   90.000 
_cell.angle_beta_esd               ? 
_cell.angle_gamma                  90.000 
_cell.angle_gamma_esd              ? 
_cell.entry_id                     6EKB 
_cell.details                      ? 
_cell.formula_units_Z              ? 
_cell.length_a                     55.708 
_cell.length_a_esd                 ? 
_cell.length_b                     55.708 
_cell.length_b_esd                 ? 
_cell.length_c                     48.131 
_cell.length_c_esd                 ? 
_cell.volume                       ? 
_cell.volume_esd                   ? 
_cell.Z_PDB                        8 
_cell.reciprocal_angle_alpha       ? 
_cell.reciprocal_angle_beta        ? 
_cell.reciprocal_angle_gamma       ? 
_cell.reciprocal_angle_alpha_esd   ? 
_cell.reciprocal_angle_beta_esd    ? 
_cell.reciprocal_angle_gamma_esd   ? 
_cell.reciprocal_length_a          ? 
_cell.reciprocal_length_b          ? 
_cell.reciprocal_length_c          ? 
_cell.reciprocal_length_a_esd      ? 
_cell.reciprocal_length_b_esd      ? 
_cell.reciprocal_length_c_esd      ? 
_cell.pdbx_unique_axis             ? 
# 
_symmetry.entry_id                         6EKB 
_symmetry.cell_setting                     ? 
_symmetry.Int_Tables_number                92 
_symmetry.space_group_name_Hall            ? 
_symmetry.space_group_name_H-M             'P 41 21 2' 
_symmetry.pdbx_full_space_group_name_H-M   ? 
# 
_exptl.absorpt_coefficient_mu     ? 
_exptl.absorpt_correction_T_max   ? 
_exptl.absorpt_correction_T_min   ? 
_exptl.absorpt_correction_type    ? 
_exptl.absorpt_process_details    ? 
_exptl.entry_id                   6EKB 
_exptl.crystals_number            1 
_exptl.details                    ? 
_exptl.method                     'X-RAY DIFFRACTION' 
_exptl.method_details             ? 
# 
_exptl_crystal.colour                      ? 
_exptl_crystal.density_diffrn              ? 
_exptl_crystal.density_Matthews            2.97 
_exptl_crystal.density_method              ? 
_exptl_crystal.density_percent_sol         58.56 
_exptl_crystal.description                 ? 
_exptl_crystal.F_000                       ? 
_exptl_crystal.id                          1 
_exptl_crystal.preparation                 ? 
_exptl_crystal.size_max                    ? 
_exptl_crystal.size_mid                    ? 
_exptl_crystal.size_min                    ? 
_exptl_crystal.size_rad                    ? 
_exptl_crystal.colour_lustre               ? 
_exptl_crystal.colour_modifier             ? 
_exptl_crystal.colour_primary              ? 
_exptl_crystal.density_meas                ? 
_exptl_crystal.density_meas_esd            ? 
_exptl_crystal.density_meas_gt             ? 
_exptl_crystal.density_meas_lt             ? 
_exptl_crystal.density_meas_temp           ? 
_exptl_crystal.density_meas_temp_esd       ? 
_exptl_crystal.density_meas_temp_gt        ? 
_exptl_crystal.density_meas_temp_lt        ? 
_exptl_crystal.pdbx_crystal_image_url      ? 
_exptl_crystal.pdbx_crystal_image_format   ? 
_exptl_crystal.pdbx_mosaicity              ? 
_exptl_crystal.pdbx_mosaicity_esd          ? 
# 
_exptl_crystal_grow.apparatus       ? 
_exptl_crystal_grow.atmosphere      ? 
_exptl_crystal_grow.crystal_id      1 
_exptl_crystal_grow.details         ? 
_exptl_crystal_grow.method          'VAPOR DIFFUSION, SITTING DROP' 
_exptl_crystal_grow.method_ref      ? 
_exptl_crystal_grow.pH              7.5 
_exptl_crystal_grow.pressure        ? 
_exptl_crystal_grow.pressure_esd    ? 
_exptl_crystal_grow.seeding         ? 
_exptl_crystal_grow.seeding_ref     ? 
_exptl_crystal_grow.temp            291 
_exptl_crystal_grow.temp_details    ? 
_exptl_crystal_grow.temp_esd        ? 
_exptl_crystal_grow.time            ? 
_exptl_crystal_grow.pdbx_details    '20 % PEG 10,000, 8 % ethylene glycol and 0.1 M HEPES-NaOH pH 7.5' 
_exptl_crystal_grow.pdbx_pH_range   ? 
# 
_diffrn.ambient_environment    ? 
_diffrn.ambient_temp           100 
_diffrn.ambient_temp_details   ? 
_diffrn.ambient_temp_esd       ? 
_diffrn.crystal_id             1 
_diffrn.crystal_support        ? 
_diffrn.crystal_treatment      ? 
_diffrn.details                ? 
_diffrn.id                     1 
_diffrn.ambient_pressure       ? 
_diffrn.ambient_pressure_esd   ? 
_diffrn.ambient_pressure_gt    ? 
_diffrn.ambient_pressure_lt    ? 
_diffrn.ambient_temp_gt        ? 
_diffrn.ambient_temp_lt        ? 
# 
_diffrn_detector.details                      ? 
_diffrn_detector.detector                     PIXEL 
_diffrn_detector.diffrn_id                    1 
_diffrn_detector.type                         'DECTRIS PILATUS 6M' 
_diffrn_detector.area_resol_mean              ? 
_diffrn_detector.dtime                        ? 
_diffrn_detector.pdbx_frames_total            ? 
_diffrn_detector.pdbx_collection_time_total   ? 
_diffrn_detector.pdbx_collection_date         2017-02-19 
# 
_diffrn_radiation.collimation                      ? 
_diffrn_radiation.diffrn_id                        1 
_diffrn_radiation.filter_edge                      ? 
_diffrn_radiation.inhomogeneity                    ? 
_diffrn_radiation.monochromator                    ? 
_diffrn_radiation.polarisn_norm                    ? 
_diffrn_radiation.polarisn_ratio                   ? 
_diffrn_radiation.probe                            ? 
_diffrn_radiation.type                             ? 
_diffrn_radiation.xray_symbol                      ? 
_diffrn_radiation.wavelength_id                    1 
_diffrn_radiation.pdbx_monochromatic_or_laue_m_l   M 
_diffrn_radiation.pdbx_wavelength_list             ? 
_diffrn_radiation.pdbx_wavelength                  ? 
_diffrn_radiation.pdbx_diffrn_protocol             'SINGLE WAVELENGTH' 
_diffrn_radiation.pdbx_analyzer                    ? 
_diffrn_radiation.pdbx_scattering_type             x-ray 
# 
_diffrn_radiation_wavelength.id           1 
_diffrn_radiation_wavelength.wavelength   1.2826 
_diffrn_radiation_wavelength.wt           1.0 
# 
_diffrn_source.current                     ? 
_diffrn_source.details                     ? 
_diffrn_source.diffrn_id                   1 
_diffrn_source.power                       ? 
_diffrn_source.size                        ? 
_diffrn_source.source                      SYNCHROTRON 
_diffrn_source.target                      ? 
_diffrn_source.type                        'SLS BEAMLINE X10SA' 
_diffrn_source.voltage                     ? 
_diffrn_source.take-off_angle              ? 
_diffrn_source.pdbx_wavelength_list        1.2826 
_diffrn_source.pdbx_wavelength             ? 
_diffrn_source.pdbx_synchrotron_beamline   X10SA 
_diffrn_source.pdbx_synchrotron_site       SLS 
# 
_reflns.B_iso_Wilson_estimate            ? 
_reflns.entry_id                         6EKB 
_reflns.data_reduction_details           ? 
_reflns.data_reduction_method            ? 
_reflns.d_resolution_high                1.91 
_reflns.d_resolution_low                 47.850 
_reflns.details                          ? 
_reflns.limit_h_max                      ? 
_reflns.limit_h_min                      ? 
_reflns.limit_k_max                      ? 
_reflns.limit_k_min                      ? 
_reflns.limit_l_max                      ? 
_reflns.limit_l_min                      ? 
_reflns.number_all                       ? 
_reflns.number_obs                       6226 
_reflns.observed_criterion               ? 
_reflns.observed_criterion_F_max         ? 
_reflns.observed_criterion_F_min         ? 
_reflns.observed_criterion_I_max         ? 
_reflns.observed_criterion_I_min         ? 
_reflns.observed_criterion_sigma_F       ? 
_reflns.observed_criterion_sigma_I       ? 
_reflns.percent_possible_obs             99.700 
_reflns.R_free_details                   ? 
_reflns.Rmerge_F_all                     ? 
_reflns.Rmerge_F_obs                     ? 
_reflns.Friedel_coverage                 ? 
_reflns.number_gt                        ? 
_reflns.threshold_expression             ? 
_reflns.pdbx_redundancy                  48.600 
_reflns.pdbx_Rmerge_I_obs                0.138 
_reflns.pdbx_Rmerge_I_all                ? 
_reflns.pdbx_Rsym_value                  ? 
_reflns.pdbx_netI_over_av_sigmaI         ? 
_reflns.pdbx_netI_over_sigmaI            24.700 
_reflns.pdbx_res_netI_over_av_sigmaI_2   ? 
_reflns.pdbx_res_netI_over_sigmaI_2      ? 
_reflns.pdbx_chi_squared                 ? 
_reflns.pdbx_scaling_rejects             ? 
_reflns.pdbx_d_res_high_opt              ? 
_reflns.pdbx_d_res_low_opt               ? 
_reflns.pdbx_d_res_opt_method            ? 
_reflns.phase_calculation_details        ? 
_reflns.pdbx_Rrim_I_all                  0.140 
_reflns.pdbx_Rpim_I_all                  0.020 
_reflns.pdbx_d_opt                       ? 
_reflns.pdbx_number_measured_all         ? 
_reflns.pdbx_diffrn_id                   1 
_reflns.pdbx_ordinal                     1 
_reflns.pdbx_CC_half                     1.000 
_reflns.pdbx_R_split                     ? 
# 
loop_
_reflns_shell.d_res_high 
_reflns_shell.d_res_low 
_reflns_shell.meanI_over_sigI_all 
_reflns_shell.meanI_over_sigI_obs 
_reflns_shell.number_measured_all 
_reflns_shell.number_measured_obs 
_reflns_shell.number_possible 
_reflns_shell.number_unique_all 
_reflns_shell.number_unique_obs 
_reflns_shell.percent_possible_all 
_reflns_shell.percent_possible_obs 
_reflns_shell.Rmerge_F_all 
_reflns_shell.Rmerge_F_obs 
_reflns_shell.Rmerge_I_all 
_reflns_shell.Rmerge_I_obs 
_reflns_shell.meanI_over_sigI_gt 
_reflns_shell.meanI_over_uI_all 
_reflns_shell.meanI_over_uI_gt 
_reflns_shell.number_measured_gt 
_reflns_shell.number_unique_gt 
_reflns_shell.percent_possible_gt 
_reflns_shell.Rmerge_F_gt 
_reflns_shell.Rmerge_I_gt 
_reflns_shell.pdbx_redundancy 
_reflns_shell.pdbx_Rsym_value 
_reflns_shell.pdbx_chi_squared 
_reflns_shell.pdbx_netI_over_sigmaI_all 
_reflns_shell.pdbx_netI_over_sigmaI_obs 
_reflns_shell.pdbx_Rrim_I_all 
_reflns_shell.pdbx_Rpim_I_all 
_reflns_shell.pdbx_rejects 
_reflns_shell.pdbx_ordinal 
_reflns_shell.pdbx_diffrn_id 
_reflns_shell.pdbx_CC_half 
_reflns_shell.pdbx_R_split 
1.910 1.950  ? ? ? ? ? ? 379 95.000 ? ? ? ? 4.852 ? ? ? ? ? ? ? ? 47.400 ? ? ? ? 4.904 0.699 ? 1 1 0.742 ? 
8.950 47.850 ? ? ? ? ? ? 88  99.800 ? ? ? ? 0.046 ? ? ? ? ? ? ? ? 37.600 ? ? ? ? 0.046 0.007 ? 2 1 1.000 ? 
# 
_refine.aniso_B[1][1]                            -0.4400 
_refine.aniso_B[1][2]                            0.0000 
_refine.aniso_B[1][3]                            -0.0000 
_refine.aniso_B[2][2]                            -0.4400 
_refine.aniso_B[2][3]                            -0.0000 
_refine.aniso_B[3][3]                            0.8700 
_refine.B_iso_max                                107.810 
_refine.B_iso_mean                               46.1770 
_refine.B_iso_min                                28.590 
_refine.correlation_coeff_Fo_to_Fc               0.9640 
_refine.correlation_coeff_Fo_to_Fc_free          0.9440 
_refine.details                                  'HYDROGENS HAVE BEEN ADDED IN THE RIDING POSITIONS U VALUES      : WITH TLS ADDED' 
_refine.diff_density_max                         ? 
_refine.diff_density_max_esd                     ? 
_refine.diff_density_min                         ? 
_refine.diff_density_min_esd                     ? 
_refine.diff_density_rms                         ? 
_refine.diff_density_rms_esd                     ? 
_refine.entry_id                                 6EKB 
_refine.pdbx_refine_id                           'X-RAY DIFFRACTION' 
_refine.ls_abs_structure_details                 ? 
_refine.ls_abs_structure_Flack                   ? 
_refine.ls_abs_structure_Flack_esd               ? 
_refine.ls_abs_structure_Rogers                  ? 
_refine.ls_abs_structure_Rogers_esd              ? 
_refine.ls_d_res_high                            1.9000 
_refine.ls_d_res_low                             30.0000 
_refine.ls_extinction_coef                       ? 
_refine.ls_extinction_coef_esd                   ? 
_refine.ls_extinction_expression                 ? 
_refine.ls_extinction_method                     ? 
_refine.ls_goodness_of_fit_all                   ? 
_refine.ls_goodness_of_fit_all_esd               ? 
_refine.ls_goodness_of_fit_obs                   ? 
_refine.ls_goodness_of_fit_obs_esd               ? 
_refine.ls_hydrogen_treatment                    ? 
_refine.ls_matrix_type                           ? 
_refine.ls_number_constraints                    ? 
_refine.ls_number_parameters                     ? 
_refine.ls_number_reflns_all                     ? 
_refine.ls_number_reflns_obs                     5503 
_refine.ls_number_reflns_R_free                  277 
_refine.ls_number_reflns_R_work                  ? 
_refine.ls_number_restraints                     ? 
_refine.ls_percent_reflns_obs                    91.1000 
_refine.ls_percent_reflns_R_free                 4.8000 
_refine.ls_R_factor_all                          ? 
_refine.ls_R_factor_obs                          0.1901 
_refine.ls_R_factor_R_free                       0.2158 
_refine.ls_R_factor_R_free_error                 ? 
_refine.ls_R_factor_R_free_error_details         ? 
_refine.ls_R_factor_R_work                       0.1888 
_refine.ls_R_Fsqd_factor_obs                     ? 
_refine.ls_R_I_factor_obs                        ? 
_refine.ls_redundancy_reflns_all                 ? 
_refine.ls_redundancy_reflns_obs                 ? 
_refine.ls_restrained_S_all                      ? 
_refine.ls_restrained_S_obs                      ? 
_refine.ls_shift_over_esd_max                    ? 
_refine.ls_shift_over_esd_mean                   ? 
_refine.ls_structure_factor_coef                 ? 
_refine.ls_weighting_details                     ? 
_refine.ls_weighting_scheme                      ? 
_refine.ls_wR_factor_all                         ? 
_refine.ls_wR_factor_obs                         ? 
_refine.ls_wR_factor_R_free                      0.1962 
_refine.ls_wR_factor_R_work                      0.1763 
_refine.occupancy_max                            ? 
_refine.occupancy_min                            ? 
_refine.solvent_model_details                    MASK 
_refine.solvent_model_param_bsol                 ? 
_refine.solvent_model_param_ksol                 ? 
_refine.ls_R_factor_gt                           ? 
_refine.ls_goodness_of_fit_gt                    ? 
_refine.ls_goodness_of_fit_ref                   ? 
_refine.ls_shift_over_su_max                     ? 
_refine.ls_shift_over_su_max_lt                  ? 
_refine.ls_shift_over_su_mean                    ? 
_refine.ls_shift_over_su_mean_lt                 ? 
_refine.pdbx_ls_sigma_I                          ? 
_refine.pdbx_ls_sigma_F                          0.000 
_refine.pdbx_ls_sigma_Fsqd                       ? 
_refine.pdbx_data_cutoff_high_absF               ? 
_refine.pdbx_data_cutoff_high_rms_absF           ? 
_refine.pdbx_data_cutoff_low_absF                ? 
_refine.pdbx_isotropic_thermal_model             ? 
_refine.pdbx_ls_cross_valid_method               THROUGHOUT 
_refine.pdbx_method_to_determine_struct          MAD 
_refine.pdbx_starting_model                      ? 
_refine.pdbx_stereochemistry_target_values       'MAXIMUM LIKELIHOOD' 
_refine.pdbx_R_Free_selection_details            RANDOM 
_refine.pdbx_stereochem_target_val_spec_case     ? 
_refine.pdbx_overall_ESU_R                       0.1340 
_refine.pdbx_overall_ESU_R_Free                  0.1250 
_refine.pdbx_solvent_vdw_probe_radii             1.2000 
_refine.pdbx_solvent_ion_probe_radii             0.8000 
_refine.pdbx_solvent_shrinkage_radii             0.8000 
_refine.pdbx_real_space_R                        ? 
_refine.pdbx_density_correlation                 ? 
_refine.pdbx_pd_number_of_powder_patterns        ? 
_refine.pdbx_pd_number_of_points                 ? 
_refine.pdbx_pd_meas_number_of_points            ? 
_refine.pdbx_pd_proc_ls_prof_R_factor            ? 
_refine.pdbx_pd_proc_ls_prof_wR_factor           ? 
_refine.pdbx_pd_Marquardt_correlation_coeff      ? 
_refine.pdbx_pd_Fsqrd_R_factor                   ? 
_refine.pdbx_pd_ls_matrix_band_width             ? 
_refine.pdbx_overall_phase_error                 ? 
_refine.pdbx_overall_SU_R_free_Cruickshank_DPI   ? 
_refine.pdbx_overall_SU_R_free_Blow_DPI          ? 
_refine.pdbx_overall_SU_R_Blow_DPI               ? 
_refine.pdbx_TLS_residual_ADP_flag               ? 
_refine.pdbx_diffrn_id                           1 
_refine.overall_SU_B                             7.8110 
_refine.overall_SU_ML                            0.1110 
_refine.overall_SU_R_Cruickshank_DPI             0.1343 
_refine.overall_SU_R_free                        0.1250 
_refine.overall_FOM_free_R_set                   ? 
_refine.overall_FOM_work_R_set                   0.7757 
_refine.pdbx_average_fsc_overall                 ? 
_refine.pdbx_average_fsc_work                    ? 
_refine.pdbx_average_fsc_free                    ? 
# 
_refine_hist.cycle_id                         final 
_refine_hist.pdbx_refine_id                   'X-RAY DIFFRACTION' 
_refine_hist.d_res_high                       1.9000 
_refine_hist.d_res_low                        30.0000 
_refine_hist.pdbx_number_atoms_ligand         3 
_refine_hist.number_atoms_solvent             29 
_refine_hist.number_atoms_total               464 
_refine_hist.pdbx_number_residues_total       62 
_refine_hist.pdbx_B_iso_mean_ligand           48.76 
_refine_hist.pdbx_B_iso_mean_solvent          46.41 
_refine_hist.pdbx_number_atoms_protein        432 
_refine_hist.pdbx_number_atoms_nucleic_acid   0 
# 
loop_
_refine_ls_restr.pdbx_refine_id 
_refine_ls_restr.criterion 
_refine_ls_restr.dev_ideal 
_refine_ls_restr.dev_ideal_target 
_refine_ls_restr.number 
_refine_ls_restr.rejects 
_refine_ls_restr.type 
_refine_ls_restr.weight 
_refine_ls_restr.pdbx_restraint_function 
'X-RAY DIFFRACTION' ? 0.017  0.019  437 ? r_bond_refined_d       ? ? 
'X-RAY DIFFRACTION' ? 0.002  0.020  405 ? r_bond_other_d         ? ? 
'X-RAY DIFFRACTION' ? 1.814  1.934  583 ? r_angle_refined_deg    ? ? 
'X-RAY DIFFRACTION' ? 1.051  3.000  933 ? r_angle_other_deg      ? ? 
'X-RAY DIFFRACTION' ? 6.199  5.000  61  ? r_dihedral_angle_1_deg ? ? 
'X-RAY DIFFRACTION' ? 44.975 26.111 18  ? r_dihedral_angle_2_deg ? ? 
'X-RAY DIFFRACTION' ? 11.530 15.000 70  ? r_dihedral_angle_3_deg ? ? 
'X-RAY DIFFRACTION' ? 0.113  15.000 1   ? r_dihedral_angle_4_deg ? ? 
'X-RAY DIFFRACTION' ? 0.112  0.200  60  ? r_chiral_restr         ? ? 
'X-RAY DIFFRACTION' ? 0.007  0.020  531 ? r_gen_planes_refined   ? ? 
'X-RAY DIFFRACTION' ? 0.001  0.020  104 ? r_gen_planes_other     ? ? 
# 
_refine_ls_shell.pdbx_refine_id                   'X-RAY DIFFRACTION' 
_refine_ls_shell.d_res_high                       1.9020 
_refine_ls_shell.d_res_low                        1.9510 
_refine_ls_shell.number_reflns_all                334 
_refine_ls_shell.number_reflns_obs                ? 
_refine_ls_shell.number_reflns_R_free             20 
_refine_ls_shell.number_reflns_R_work             314 
_refine_ls_shell.percent_reflns_obs               73.5700 
_refine_ls_shell.percent_reflns_R_free            ? 
_refine_ls_shell.R_factor_all                     ? 
_refine_ls_shell.R_factor_obs                     ? 
_refine_ls_shell.R_factor_R_free                  0.4590 
_refine_ls_shell.R_factor_R_free_error            0.0000 
_refine_ls_shell.R_factor_R_work                  0.3920 
_refine_ls_shell.redundancy_reflns_all            ? 
_refine_ls_shell.redundancy_reflns_obs            ? 
_refine_ls_shell.wR_factor_all                    ? 
_refine_ls_shell.wR_factor_obs                    ? 
_refine_ls_shell.wR_factor_R_free                 ? 
_refine_ls_shell.wR_factor_R_work                 ? 
_refine_ls_shell.pdbx_total_number_of_bins_used   20 
_refine_ls_shell.pdbx_phase_error                 ? 
_refine_ls_shell.pdbx_fsc_work                    ? 
_refine_ls_shell.pdbx_fsc_free                    ? 
# 
_struct.entry_id                     6EKB 
_struct.title                        'Crystal structure of the BSD2 homolog of Arabidopsis thaliana' 
_struct.pdbx_model_details           ? 
_struct.pdbx_formula_weight          ? 
_struct.pdbx_formula_weight_method   ? 
_struct.pdbx_model_type_details      ? 
_struct.pdbx_CASP_flag               N 
# 
_struct_keywords.entry_id        6EKB 
_struct_keywords.text            'zinc finger, assembly chaperone, Rubisco, CHAPERONE' 
_struct_keywords.pdbx_keywords   CHAPERONE 
# 
loop_
_struct_asym.id 
_struct_asym.pdbx_blank_PDB_chainid_flag 
_struct_asym.pdbx_modified 
_struct_asym.entity_id 
_struct_asym.details 
A N N 1 ? 
B N N 2 ? 
C N N 2 ? 
D N N 2 ? 
E N N 3 ? 
# 
_struct_ref.id                         1 
_struct_ref.db_name                    UNP 
_struct_ref.db_code                    Q9SN73_ARATH 
_struct_ref.pdbx_db_accession          Q9SN73 
_struct_ref.pdbx_db_isoform            ? 
_struct_ref.entity_id                  1 
_struct_ref.pdbx_seq_one_letter_code   
;AANNNPQGTKPNSLVCANCEGEGCVACSQCKGGGVNLIDHFNGQFKAGALCWLCRGKKEVLCGDCNGAGFIGGFLSTFDE

;
_struct_ref.pdbx_align_begin           57 
# 
_struct_ref_seq.align_id                      1 
_struct_ref_seq.ref_id                        1 
_struct_ref_seq.pdbx_PDB_id_code              6EKB 
_struct_ref_seq.pdbx_strand_id                A 
_struct_ref_seq.seq_align_beg                 2 
_struct_ref_seq.pdbx_seq_align_beg_ins_code   ? 
_struct_ref_seq.seq_align_end                 81 
_struct_ref_seq.pdbx_seq_align_end_ins_code   ? 
_struct_ref_seq.pdbx_db_accession             Q9SN73 
_struct_ref_seq.db_align_beg                  57 
_struct_ref_seq.pdbx_db_align_beg_ins_code    ? 
_struct_ref_seq.db_align_end                  136 
_struct_ref_seq.pdbx_db_align_end_ins_code    ? 
_struct_ref_seq.pdbx_auth_seq_align_beg       57 
_struct_ref_seq.pdbx_auth_seq_align_end       136 
# 
_struct_ref_seq_dif.align_id                     1 
_struct_ref_seq_dif.pdbx_pdb_id_code             6EKB 
_struct_ref_seq_dif.mon_id                       MET 
_struct_ref_seq_dif.pdbx_pdb_strand_id           A 
_struct_ref_seq_dif.seq_num                      1 
_struct_ref_seq_dif.pdbx_pdb_ins_code            ? 
_struct_ref_seq_dif.pdbx_seq_db_name             UNP 
_struct_ref_seq_dif.pdbx_seq_db_accession_code   Q9SN73 
_struct_ref_seq_dif.db_mon_id                    ? 
_struct_ref_seq_dif.pdbx_seq_db_seq_num          ? 
_struct_ref_seq_dif.details                      'initiating methionine' 
_struct_ref_seq_dif.pdbx_auth_seq_num            56 
_struct_ref_seq_dif.pdbx_ordinal                 1 
# 
_pdbx_struct_assembly.id                   1 
_pdbx_struct_assembly.details              author_and_software_defined_assembly 
_pdbx_struct_assembly.method_details       PISA 
_pdbx_struct_assembly.oligomeric_details   monomeric 
_pdbx_struct_assembly.oligomeric_count     1 
# 
loop_
_pdbx_struct_assembly_prop.biol_id 
_pdbx_struct_assembly_prop.type 
_pdbx_struct_assembly_prop.value 
_pdbx_struct_assembly_prop.details 
1 'ABSA (A^2)' 70   ? 
1 MORE         -24  ? 
1 'SSA (A^2)'  4330 ? 
# 
_pdbx_struct_assembly_gen.assembly_id       1 
_pdbx_struct_assembly_gen.oper_expression   1 
_pdbx_struct_assembly_gen.asym_id_list      A,B,C,D,E 
# 
_pdbx_struct_assembly_auth_evidence.id                     1 
_pdbx_struct_assembly_auth_evidence.assembly_id            1 
_pdbx_struct_assembly_auth_evidence.experimental_support   none 
_pdbx_struct_assembly_auth_evidence.details                ? 
# 
_pdbx_struct_oper_list.id                   1 
_pdbx_struct_oper_list.type                 'identity operation' 
_pdbx_struct_oper_list.name                 1_555 
_pdbx_struct_oper_list.symmetry_operation   x,y,z 
_pdbx_struct_oper_list.matrix[1][1]         1.0000000000 
_pdbx_struct_oper_list.matrix[1][2]         0.0000000000 
_pdbx_struct_oper_list.matrix[1][3]         0.0000000000 
_pdbx_struct_oper_list.vector[1]            0.0000000000 
_pdbx_struct_oper_list.matrix[2][1]         0.0000000000 
_pdbx_struct_oper_list.matrix[2][2]         1.0000000000 
_pdbx_struct_oper_list.matrix[2][3]         0.0000000000 
_pdbx_struct_oper_list.vector[2]            0.0000000000 
_pdbx_struct_oper_list.matrix[3][1]         0.0000000000 
_pdbx_struct_oper_list.matrix[3][2]         0.0000000000 
_pdbx_struct_oper_list.matrix[3][3]         1.0000000000 
_pdbx_struct_oper_list.vector[3]            0.0000000000 
# 
loop_
_struct_conn.id 
_struct_conn.conn_type_id 
_struct_conn.pdbx_leaving_atom_flag 
_struct_conn.pdbx_PDB_id 
_struct_conn.ptnr1_label_asym_id 
_struct_conn.ptnr1_label_comp_id 
_struct_conn.ptnr1_label_seq_id 
_struct_conn.ptnr1_label_atom_id 
_struct_conn.pdbx_ptnr1_label_alt_id 
_struct_conn.pdbx_ptnr1_PDB_ins_code 
_struct_conn.pdbx_ptnr1_standard_comp_id 
_struct_conn.ptnr1_symmetry 
_struct_conn.ptnr2_label_asym_id 
_struct_conn.ptnr2_label_comp_id 
_struct_conn.ptnr2_label_seq_id 
_struct_conn.ptnr2_label_atom_id 
_struct_conn.pdbx_ptnr2_label_alt_id 
_struct_conn.pdbx_ptnr2_PDB_ins_code 
_struct_conn.ptnr1_auth_asym_id 
_struct_conn.ptnr1_auth_comp_id 
_struct_conn.ptnr1_auth_seq_id 
_struct_conn.ptnr2_auth_asym_id 
_struct_conn.ptnr2_auth_comp_id 
_struct_conn.ptnr2_auth_seq_id 
_struct_conn.ptnr2_symmetry 
_struct_conn.pdbx_ptnr3_label_atom_id 
_struct_conn.pdbx_ptnr3_label_seq_id 
_struct_conn.pdbx_ptnr3_label_comp_id 
_struct_conn.pdbx_ptnr3_label_asym_id 
_struct_conn.pdbx_ptnr3_label_alt_id 
_struct_conn.pdbx_ptnr3_PDB_ins_code 
_struct_conn.details 
_struct_conn.pdbx_dist_value 
_struct_conn.pdbx_value_order 
_struct_conn.pdbx_role 
metalc1  metalc ? ? A CYS 17 SG  ? ? ? 1_555 B ZN . ZN ? ? A CYS 72  A ZN 201 1_555 ? ? ? ? ? ? ? 2.526 ? ? 
metalc2  metalc ? ? A CYS 20 SG  ? ? ? 1_555 B ZN . ZN ? ? A CYS 75  A ZN 201 1_555 ? ? ? ? ? ? ? 2.415 ? ? 
metalc3  metalc ? ? A GLU 23 OE1 ? ? ? 1_555 D ZN . ZN ? ? A GLU 78  A ZN 203 1_555 ? ? ? ? ? ? ? 2.142 ? ? 
metalc4  metalc ? ? A CYS 25 SG  ? ? ? 1_555 D ZN . ZN ? ? A CYS 80  A ZN 203 1_555 ? ? ? ? ? ? ? 2.325 ? ? 
metalc5  metalc ? ? A CYS 28 SG  ? ? ? 1_555 C ZN . ZN ? ? A CYS 83  A ZN 202 1_555 ? ? ? ? ? ? ? 2.340 ? ? 
metalc6  metalc ? ? A CYS 31 SG  ? ? ? 1_555 C ZN . ZN ? ? A CYS 86  A ZN 202 1_555 ? ? ? ? ? ? ? 2.290 ? ? 
metalc7  metalc ? ? A HIS 41 ND1 ? ? ? 1_555 D ZN . ZN ? ? A HIS 96  A ZN 203 4_454 ? ? ? ? ? ? ? 2.235 ? ? 
metalc8  metalc ? ? A CYS 52 SG  ? ? ? 1_555 C ZN . ZN ? ? A CYS 107 A ZN 202 1_555 ? ? ? ? ? ? ? 2.439 ? ? 
metalc9  metalc ? ? A CYS 55 SG  ? ? ? 1_555 C ZN . ZN ? ? A CYS 110 A ZN 202 1_555 ? ? ? ? ? ? ? 2.362 ? ? 
metalc10 metalc ? ? A GLU 60 OE2 ? ? ? 1_555 D ZN . ZN ? ? A GLU 115 A ZN 203 1_555 ? ? ? ? ? ? ? 2.104 ? ? 
metalc11 metalc ? ? A CYS 63 SG  ? ? ? 1_555 B ZN . ZN ? ? A CYS 118 A ZN 201 1_555 ? ? ? ? ? ? ? 2.427 ? ? 
metalc12 metalc ? ? A CYS 66 SG  ? ? ? 1_555 B ZN . ZN ? ? A CYS 121 A ZN 201 1_555 ? ? ? ? ? ? ? 2.381 ? ? 
# 
_struct_conn_type.id          metalc 
_struct_conn_type.criteria    ? 
_struct_conn_type.reference   ? 
# 
loop_
_pdbx_struct_conn_angle.id 
_pdbx_struct_conn_angle.ptnr1_label_atom_id 
_pdbx_struct_conn_angle.ptnr1_label_alt_id 
_pdbx_struct_conn_angle.ptnr1_label_asym_id 
_pdbx_struct_conn_angle.ptnr1_label_comp_id 
_pdbx_struct_conn_angle.ptnr1_label_seq_id 
_pdbx_struct_conn_angle.ptnr1_auth_atom_id 
_pdbx_struct_conn_angle.ptnr1_auth_asym_id 
_pdbx_struct_conn_angle.ptnr1_auth_comp_id 
_pdbx_struct_conn_angle.ptnr1_auth_seq_id 
_pdbx_struct_conn_angle.ptnr1_PDB_ins_code 
_pdbx_struct_conn_angle.ptnr1_symmetry 
_pdbx_struct_conn_angle.ptnr2_label_atom_id 
_pdbx_struct_conn_angle.ptnr2_label_alt_id 
_pdbx_struct_conn_angle.ptnr2_label_asym_id 
_pdbx_struct_conn_angle.ptnr2_label_comp_id 
_pdbx_struct_conn_angle.ptnr2_label_seq_id 
_pdbx_struct_conn_angle.ptnr2_auth_atom_id 
_pdbx_struct_conn_angle.ptnr2_auth_asym_id 
_pdbx_struct_conn_angle.ptnr2_auth_comp_id 
_pdbx_struct_conn_angle.ptnr2_auth_seq_id 
_pdbx_struct_conn_angle.ptnr2_PDB_ins_code 
_pdbx_struct_conn_angle.ptnr2_symmetry 
_pdbx_struct_conn_angle.ptnr3_label_atom_id 
_pdbx_struct_conn_angle.ptnr3_label_alt_id 
_pdbx_struct_conn_angle.ptnr3_label_asym_id 
_pdbx_struct_conn_angle.ptnr3_label_comp_id 
_pdbx_struct_conn_angle.ptnr3_label_seq_id 
_pdbx_struct_conn_angle.ptnr3_auth_atom_id 
_pdbx_struct_conn_angle.ptnr3_auth_asym_id 
_pdbx_struct_conn_angle.ptnr3_auth_comp_id 
_pdbx_struct_conn_angle.ptnr3_auth_seq_id 
_pdbx_struct_conn_angle.ptnr3_PDB_ins_code 
_pdbx_struct_conn_angle.ptnr3_symmetry 
_pdbx_struct_conn_angle.value 
_pdbx_struct_conn_angle.value_esd 
1  SG  ? A CYS 17 ? A CYS 72  ? 1_555 ZN ? B ZN . ? A ZN 201 ? 1_555 SG  ? A CYS 20 ? A CYS 75  ? 1_555 108.4 ? 
2  SG  ? A CYS 17 ? A CYS 72  ? 1_555 ZN ? B ZN . ? A ZN 201 ? 1_555 SG  ? A CYS 63 ? A CYS 118 ? 1_555 111.7 ? 
3  SG  ? A CYS 20 ? A CYS 75  ? 1_555 ZN ? B ZN . ? A ZN 201 ? 1_555 SG  ? A CYS 63 ? A CYS 118 ? 1_555 113.2 ? 
4  SG  ? A CYS 17 ? A CYS 72  ? 1_555 ZN ? B ZN . ? A ZN 201 ? 1_555 SG  ? A CYS 66 ? A CYS 121 ? 1_555 111.9 ? 
5  SG  ? A CYS 20 ? A CYS 75  ? 1_555 ZN ? B ZN . ? A ZN 201 ? 1_555 SG  ? A CYS 66 ? A CYS 121 ? 1_555 105.9 ? 
6  SG  ? A CYS 63 ? A CYS 118 ? 1_555 ZN ? B ZN . ? A ZN 201 ? 1_555 SG  ? A CYS 66 ? A CYS 121 ? 1_555 105.7 ? 
7  OE1 ? A GLU 23 ? A GLU 78  ? 1_555 ZN ? D ZN . ? A ZN 203 ? 1_555 SG  ? A CYS 25 ? A CYS 80  ? 1_555 124.9 ? 
8  OE1 ? A GLU 23 ? A GLU 78  ? 1_555 ZN ? D ZN . ? A ZN 203 ? 1_555 ND1 ? A HIS 41 ? A HIS 96  ? 1_555 82.9  ? 
9  SG  ? A CYS 25 ? A CYS 80  ? 1_555 ZN ? D ZN . ? A ZN 203 ? 1_555 ND1 ? A HIS 41 ? A HIS 96  ? 1_555 97.0  ? 
10 OE1 ? A GLU 23 ? A GLU 78  ? 1_555 ZN ? D ZN . ? A ZN 203 ? 1_555 OE2 ? A GLU 60 ? A GLU 115 ? 1_555 90.3  ? 
11 SG  ? A CYS 25 ? A CYS 80  ? 1_555 ZN ? D ZN . ? A ZN 203 ? 1_555 OE2 ? A GLU 60 ? A GLU 115 ? 1_555 117.1 ? 
12 ND1 ? A HIS 41 ? A HIS 96  ? 1_555 ZN ? D ZN . ? A ZN 203 ? 1_555 OE2 ? A GLU 60 ? A GLU 115 ? 1_555 31.2  ? 
13 SG  ? A CYS 28 ? A CYS 83  ? 1_555 ZN ? C ZN . ? A ZN 202 ? 1_555 SG  ? A CYS 31 ? A CYS 86  ? 1_555 108.0 ? 
14 SG  ? A CYS 28 ? A CYS 83  ? 1_555 ZN ? C ZN . ? A ZN 202 ? 1_555 SG  ? A CYS 52 ? A CYS 107 ? 1_555 107.0 ? 
15 SG  ? A CYS 31 ? A CYS 86  ? 1_555 ZN ? C ZN . ? A ZN 202 ? 1_555 SG  ? A CYS 52 ? A CYS 107 ? 1_555 114.8 ? 
16 SG  ? A CYS 28 ? A CYS 83  ? 1_555 ZN ? C ZN . ? A ZN 202 ? 1_555 SG  ? A CYS 55 ? A CYS 110 ? 1_555 114.9 ? 
17 SG  ? A CYS 31 ? A CYS 86  ? 1_555 ZN ? C ZN . ? A ZN 202 ? 1_555 SG  ? A CYS 55 ? A CYS 110 ? 1_555 103.7 ? 
18 SG  ? A CYS 52 ? A CYS 107 ? 1_555 ZN ? C ZN . ? A ZN 202 ? 1_555 SG  ? A CYS 55 ? A CYS 110 ? 1_555 108.7 ? 
# 
loop_
_struct_sheet.id 
_struct_sheet.type 
_struct_sheet.number_strands 
_struct_sheet.details 
AA1 ? 2 ? 
AA2 ? 2 ? 
# 
loop_
_struct_sheet_order.sheet_id 
_struct_sheet_order.range_id_1 
_struct_sheet_order.range_id_2 
_struct_sheet_order.offset 
_struct_sheet_order.sense 
AA1 1 2 ? anti-parallel 
AA2 1 2 ? anti-parallel 
# 
loop_
_struct_sheet_range.sheet_id 
_struct_sheet_range.id 
_struct_sheet_range.beg_label_comp_id 
_struct_sheet_range.beg_label_asym_id 
_struct_sheet_range.beg_label_seq_id 
_struct_sheet_range.pdbx_beg_PDB_ins_code 
_struct_sheet_range.end_label_comp_id 
_struct_sheet_range.end_label_asym_id 
_struct_sheet_range.end_label_seq_id 
_struct_sheet_range.pdbx_end_PDB_ins_code 
_struct_sheet_range.beg_auth_comp_id 
_struct_sheet_range.beg_auth_asym_id 
_struct_sheet_range.beg_auth_seq_id 
_struct_sheet_range.end_auth_comp_id 
_struct_sheet_range.end_auth_asym_id 
_struct_sheet_range.end_auth_seq_id 
AA1 1 LEU A 15 ? VAL A 16 ? LEU A 70  VAL A 71  
AA1 2 PHE A 71 ? ILE A 72 ? PHE A 126 ILE A 127 
AA2 1 CYS A 25 ? ALA A 27 ? CYS A 80  ALA A 82  
AA2 2 GLU A 60 ? LEU A 62 ? GLU A 115 LEU A 117 
# 
loop_
_pdbx_struct_sheet_hbond.sheet_id 
_pdbx_struct_sheet_hbond.range_id_1 
_pdbx_struct_sheet_hbond.range_id_2 
_pdbx_struct_sheet_hbond.range_1_label_atom_id 
_pdbx_struct_sheet_hbond.range_1_label_comp_id 
_pdbx_struct_sheet_hbond.range_1_label_asym_id 
_pdbx_struct_sheet_hbond.range_1_label_seq_id 
_pdbx_struct_sheet_hbond.range_1_PDB_ins_code 
_pdbx_struct_sheet_hbond.range_1_auth_atom_id 
_pdbx_struct_sheet_hbond.range_1_auth_comp_id 
_pdbx_struct_sheet_hbond.range_1_auth_asym_id 
_pdbx_struct_sheet_hbond.range_1_auth_seq_id 
_pdbx_struct_sheet_hbond.range_2_label_atom_id 
_pdbx_struct_sheet_hbond.range_2_label_comp_id 
_pdbx_struct_sheet_hbond.range_2_label_asym_id 
_pdbx_struct_sheet_hbond.range_2_label_seq_id 
_pdbx_struct_sheet_hbond.range_2_PDB_ins_code 
_pdbx_struct_sheet_hbond.range_2_auth_atom_id 
_pdbx_struct_sheet_hbond.range_2_auth_comp_id 
_pdbx_struct_sheet_hbond.range_2_auth_asym_id 
_pdbx_struct_sheet_hbond.range_2_auth_seq_id 
AA1 1 2 N LEU A 15 ? N LEU A 70 O ILE A 72 ? O ILE A 127 
AA2 1 2 N VAL A 26 ? N VAL A 81 O VAL A 61 ? O VAL A 116 
# 
loop_
_struct_site.id 
_struct_site.pdbx_evidence_code 
_struct_site.pdbx_auth_asym_id 
_struct_site.pdbx_auth_comp_id 
_struct_site.pdbx_auth_seq_id 
_struct_site.pdbx_auth_ins_code 
_struct_site.pdbx_num_residues 
_struct_site.details 
AC1 Software A ZN 201 ? 4 'binding site for residue ZN A 201' 
AC2 Software A ZN 202 ? 4 'binding site for residue ZN A 202' 
AC3 Software A ZN 203 ? 4 'binding site for residue ZN A 203' 
# 
loop_
_struct_site_gen.id 
_struct_site_gen.site_id 
_struct_site_gen.pdbx_num_res 
_struct_site_gen.label_comp_id 
_struct_site_gen.label_asym_id 
_struct_site_gen.label_seq_id 
_struct_site_gen.pdbx_auth_ins_code 
_struct_site_gen.auth_comp_id 
_struct_site_gen.auth_asym_id 
_struct_site_gen.auth_seq_id 
_struct_site_gen.label_atom_id 
_struct_site_gen.label_alt_id 
_struct_site_gen.symmetry 
_struct_site_gen.details 
1  AC1 4 CYS A 17 ? CYS A 72  . ? 1_555 ? 
2  AC1 4 CYS A 20 ? CYS A 75  . ? 1_555 ? 
3  AC1 4 CYS A 63 ? CYS A 118 . ? 1_555 ? 
4  AC1 4 CYS A 66 ? CYS A 121 . ? 1_555 ? 
5  AC2 4 CYS A 28 ? CYS A 83  . ? 1_555 ? 
6  AC2 4 CYS A 31 ? CYS A 86  . ? 1_555 ? 
7  AC2 4 CYS A 52 ? CYS A 107 . ? 1_555 ? 
8  AC2 4 CYS A 55 ? CYS A 110 . ? 1_555 ? 
9  AC3 4 GLU A 23 ? GLU A 78  . ? 1_555 ? 
10 AC3 4 CYS A 25 ? CYS A 80  . ? 1_555 ? 
11 AC3 4 HIS A 41 ? HIS A 96  . ? 3_555 ? 
12 AC3 4 GLU A 60 ? GLU A 115 . ? 1_555 ? 
# 
_pdbx_validate_rmsd_bond.id                        1 
_pdbx_validate_rmsd_bond.PDB_model_num             1 
_pdbx_validate_rmsd_bond.auth_atom_id_1            CB 
_pdbx_validate_rmsd_bond.auth_asym_id_1            A 
_pdbx_validate_rmsd_bond.auth_comp_id_1            SER 
_pdbx_validate_rmsd_bond.auth_seq_id_1             84 
_pdbx_validate_rmsd_bond.PDB_ins_code_1            ? 
_pdbx_validate_rmsd_bond.label_alt_id_1            ? 
_pdbx_validate_rmsd_bond.auth_atom_id_2            OG 
_pdbx_validate_rmsd_bond.auth_asym_id_2            A 
_pdbx_validate_rmsd_bond.auth_comp_id_2            SER 
_pdbx_validate_rmsd_bond.auth_seq_id_2             84 
_pdbx_validate_rmsd_bond.PDB_ins_code_2            ? 
_pdbx_validate_rmsd_bond.label_alt_id_2            ? 
_pdbx_validate_rmsd_bond.bond_value                1.504 
_pdbx_validate_rmsd_bond.bond_target_value         1.418 
_pdbx_validate_rmsd_bond.bond_deviation            0.086 
_pdbx_validate_rmsd_bond.bond_standard_deviation   0.013 
_pdbx_validate_rmsd_bond.linker_flag               N 
# 
loop_
_pdbx_struct_special_symmetry.id 
_pdbx_struct_special_symmetry.PDB_model_num 
_pdbx_struct_special_symmetry.auth_asym_id 
_pdbx_struct_special_symmetry.auth_comp_id 
_pdbx_struct_special_symmetry.auth_seq_id 
_pdbx_struct_special_symmetry.PDB_ins_code 
_pdbx_struct_special_symmetry.label_asym_id 
_pdbx_struct_special_symmetry.label_comp_id 
_pdbx_struct_special_symmetry.label_seq_id 
1 1 A HOH 315 ? E HOH . 
2 1 A HOH 325 ? E HOH . 
3 1 A HOH 329 ? E HOH . 
# 
_pdbx_refine_tls.pdbx_refine_id   'X-RAY DIFFRACTION' 
_pdbx_refine_tls.id               1 
_pdbx_refine_tls.details          ? 
_pdbx_refine_tls.method           refined 
_pdbx_refine_tls.origin_x         0.6290 
_pdbx_refine_tls.origin_y         -0.6126 
_pdbx_refine_tls.origin_z         -0.3940 
_pdbx_refine_tls.T[1][1]          0.0508 
_pdbx_refine_tls.T[2][2]          0.0661 
_pdbx_refine_tls.T[3][3]          0.0618 
_pdbx_refine_tls.T[1][2]          -0.0121 
_pdbx_refine_tls.T[1][3]          -0.0189 
_pdbx_refine_tls.T[2][3]          0.0304 
_pdbx_refine_tls.L[1][1]          3.0500 
_pdbx_refine_tls.L[2][2]          4.9139 
_pdbx_refine_tls.L[3][3]          2.6451 
_pdbx_refine_tls.L[1][2]          -2.6379 
_pdbx_refine_tls.L[1][3]          -2.1046 
_pdbx_refine_tls.L[2][3]          3.3205 
_pdbx_refine_tls.S[1][1]          0.2191 
_pdbx_refine_tls.S[2][2]          -0.2218 
_pdbx_refine_tls.S[3][3]          0.0027 
_pdbx_refine_tls.S[1][2]          0.2072 
_pdbx_refine_tls.S[1][3]          -0.0670 
_pdbx_refine_tls.S[2][3]          0.1832 
_pdbx_refine_tls.S[2][1]          -0.3510 
_pdbx_refine_tls.S[3][1]          -0.1812 
_pdbx_refine_tls.S[3][2]          -0.2952 
# 
loop_
_pdbx_refine_tls_group.pdbx_refine_id 
_pdbx_refine_tls_group.id 
_pdbx_refine_tls_group.refine_tls_id 
_pdbx_refine_tls_group.beg_auth_asym_id 
_pdbx_refine_tls_group.beg_auth_seq_id 
_pdbx_refine_tls_group.end_auth_asym_id 
_pdbx_refine_tls_group.end_auth_seq_id 
_pdbx_refine_tls_group.selection_details 
_pdbx_refine_tls_group.beg_label_asym_id 
_pdbx_refine_tls_group.beg_label_seq_id 
_pdbx_refine_tls_group.end_label_asym_id 
_pdbx_refine_tls_group.end_label_seq_id 
_pdbx_refine_tls_group.selection 
'X-RAY DIFFRACTION' 1 1 A 68 A 129 ? ? ? ? ? ? 
'X-RAY DIFFRACTION' 2 1 B 1  B 2   ? ? ? ? ? ? 
# 
_phasing.method   MAD 
# 
loop_
_pdbx_unobs_or_zero_occ_residues.id 
_pdbx_unobs_or_zero_occ_residues.PDB_model_num 
_pdbx_unobs_or_zero_occ_residues.polymer_flag 
_pdbx_unobs_or_zero_occ_residues.occupancy_flag 
_pdbx_unobs_or_zero_occ_residues.auth_asym_id 
_pdbx_unobs_or_zero_occ_residues.auth_comp_id 
_pdbx_unobs_or_zero_occ_residues.auth_seq_id 
_pdbx_unobs_or_zero_occ_residues.PDB_ins_code 
_pdbx_unobs_or_zero_occ_residues.label_asym_id 
_pdbx_unobs_or_zero_occ_residues.label_comp_id 
_pdbx_unobs_or_zero_occ_residues.label_seq_id 
1  1 Y 1 A MET 56  ? A MET 1  
2  1 Y 1 A ALA 57  ? A ALA 2  
3  1 Y 1 A ALA 58  ? A ALA 3  
4  1 Y 1 A ASN 59  ? A ASN 4  
5  1 Y 1 A ASN 60  ? A ASN 5  
6  1 Y 1 A ASN 61  ? A ASN 6  
7  1 Y 1 A PRO 62  ? A PRO 7  
8  1 Y 1 A GLN 63  ? A GLN 8  
9  1 Y 1 A GLY 64  ? A GLY 9  
10 1 Y 1 A THR 65  ? A THR 10 
11 1 Y 1 A LYS 66  ? A LYS 11 
12 1 Y 1 A PRO 67  ? A PRO 12 
13 1 Y 1 A PHE 130 ? A PHE 75 
14 1 Y 1 A LEU 131 ? A LEU 76 
15 1 Y 1 A SER 132 ? A SER 77 
16 1 Y 1 A THR 133 ? A THR 78 
17 1 Y 1 A PHE 134 ? A PHE 79 
18 1 Y 1 A ASP 135 ? A ASP 80 
19 1 Y 1 A GLU 136 ? A GLU 81 
# 
loop_
_chem_comp_atom.comp_id 
_chem_comp_atom.atom_id 
_chem_comp_atom.type_symbol 
_chem_comp_atom.pdbx_aromatic_flag 
_chem_comp_atom.pdbx_stereo_config 
_chem_comp_atom.pdbx_ordinal 
ALA N    N  N N 1   
ALA CA   C  N S 2   
ALA C    C  N N 3   
ALA O    O  N N 4   
ALA CB   C  N N 5   
ALA OXT  O  N N 6   
ALA H    H  N N 7   
ALA H2   H  N N 8   
ALA HA   H  N N 9   
ALA HB1  H  N N 10  
ALA HB2  H  N N 11  
ALA HB3  H  N N 12  
ALA HXT  H  N N 13  
ARG N    N  N N 14  
ARG CA   C  N S 15  
ARG C    C  N N 16  
ARG O    O  N N 17  
ARG CB   C  N N 18  
ARG CG   C  N N 19  
ARG CD   C  N N 20  
ARG NE   N  N N 21  
ARG CZ   C  N N 22  
ARG NH1  N  N N 23  
ARG NH2  N  N N 24  
ARG OXT  O  N N 25  
ARG H    H  N N 26  
ARG H2   H  N N 27  
ARG HA   H  N N 28  
ARG HB2  H  N N 29  
ARG HB3  H  N N 30  
ARG HG2  H  N N 31  
ARG HG3  H  N N 32  
ARG HD2  H  N N 33  
ARG HD3  H  N N 34  
ARG HE   H  N N 35  
ARG HH11 H  N N 36  
ARG HH12 H  N N 37  
ARG HH21 H  N N 38  
ARG HH22 H  N N 39  
ARG HXT  H  N N 40  
ASN N    N  N N 41  
ASN CA   C  N S 42  
ASN C    C  N N 43  
ASN O    O  N N 44  
ASN CB   C  N N 45  
ASN CG   C  N N 46  
ASN OD1  O  N N 47  
ASN ND2  N  N N 48  
ASN OXT  O  N N 49  
ASN H    H  N N 50  
ASN H2   H  N N 51  
ASN HA   H  N N 52  
ASN HB2  H  N N 53  
ASN HB3  H  N N 54  
ASN HD21 H  N N 55  
ASN HD22 H  N N 56  
ASN HXT  H  N N 57  
ASP N    N  N N 58  
ASP CA   C  N S 59  
ASP C    C  N N 60  
ASP O    O  N N 61  
ASP CB   C  N N 62  
ASP CG   C  N N 63  
ASP OD1  O  N N 64  
ASP OD2  O  N N 65  
ASP OXT  O  N N 66  
ASP H    H  N N 67  
ASP H2   H  N N 68  
ASP HA   H  N N 69  
ASP HB2  H  N N 70  
ASP HB3  H  N N 71  
ASP HD2  H  N N 72  
ASP HXT  H  N N 73  
CYS N    N  N N 74  
CYS CA   C  N R 75  
CYS C    C  N N 76  
CYS O    O  N N 77  
CYS CB   C  N N 78  
CYS SG   S  N N 79  
CYS OXT  O  N N 80  
CYS H    H  N N 81  
CYS H2   H  N N 82  
CYS HA   H  N N 83  
CYS HB2  H  N N 84  
CYS HB3  H  N N 85  
CYS HG   H  N N 86  
CYS HXT  H  N N 87  
GLN N    N  N N 88  
GLN CA   C  N S 89  
GLN C    C  N N 90  
GLN O    O  N N 91  
GLN CB   C  N N 92  
GLN CG   C  N N 93  
GLN CD   C  N N 94  
GLN OE1  O  N N 95  
GLN NE2  N  N N 96  
GLN OXT  O  N N 97  
GLN H    H  N N 98  
GLN H2   H  N N 99  
GLN HA   H  N N 100 
GLN HB2  H  N N 101 
GLN HB3  H  N N 102 
GLN HG2  H  N N 103 
GLN HG3  H  N N 104 
GLN HE21 H  N N 105 
GLN HE22 H  N N 106 
GLN HXT  H  N N 107 
GLU N    N  N N 108 
GLU CA   C  N S 109 
GLU C    C  N N 110 
GLU O    O  N N 111 
GLU CB   C  N N 112 
GLU CG   C  N N 113 
GLU CD   C  N N 114 
GLU OE1  O  N N 115 
GLU OE2  O  N N 116 
GLU OXT  O  N N 117 
GLU H    H  N N 118 
GLU H2   H  N N 119 
GLU HA   H  N N 120 
GLU HB2  H  N N 121 
GLU HB3  H  N N 122 
GLU HG2  H  N N 123 
GLU HG3  H  N N 124 
GLU HE2  H  N N 125 
GLU HXT  H  N N 126 
GLY N    N  N N 127 
GLY CA   C  N N 128 
GLY C    C  N N 129 
GLY O    O  N N 130 
GLY OXT  O  N N 131 
GLY H    H  N N 132 
GLY H2   H  N N 133 
GLY HA2  H  N N 134 
GLY HA3  H  N N 135 
GLY HXT  H  N N 136 
HIS N    N  N N 137 
HIS CA   C  N S 138 
HIS C    C  N N 139 
HIS O    O  N N 140 
HIS CB   C  N N 141 
HIS CG   C  Y N 142 
HIS ND1  N  Y N 143 
HIS CD2  C  Y N 144 
HIS CE1  C  Y N 145 
HIS NE2  N  Y N 146 
HIS OXT  O  N N 147 
HIS H    H  N N 148 
HIS H2   H  N N 149 
HIS HA   H  N N 150 
HIS HB2  H  N N 151 
HIS HB3  H  N N 152 
HIS HD1  H  N N 153 
HIS HD2  H  N N 154 
HIS HE1  H  N N 155 
HIS HE2  H  N N 156 
HIS HXT  H  N N 157 
HOH O    O  N N 158 
HOH H1   H  N N 159 
HOH H2   H  N N 160 
ILE N    N  N N 161 
ILE CA   C  N S 162 
ILE C    C  N N 163 
ILE O    O  N N 164 
ILE CB   C  N S 165 
ILE CG1  C  N N 166 
ILE CG2  C  N N 167 
ILE CD1  C  N N 168 
ILE OXT  O  N N 169 
ILE H    H  N N 170 
ILE H2   H  N N 171 
ILE HA   H  N N 172 
ILE HB   H  N N 173 
ILE HG12 H  N N 174 
ILE HG13 H  N N 175 
ILE HG21 H  N N 176 
ILE HG22 H  N N 177 
ILE HG23 H  N N 178 
ILE HD11 H  N N 179 
ILE HD12 H  N N 180 
ILE HD13 H  N N 181 
ILE HXT  H  N N 182 
LEU N    N  N N 183 
LEU CA   C  N S 184 
LEU C    C  N N 185 
LEU O    O  N N 186 
LEU CB   C  N N 187 
LEU CG   C  N N 188 
LEU CD1  C  N N 189 
LEU CD2  C  N N 190 
LEU OXT  O  N N 191 
LEU H    H  N N 192 
LEU H2   H  N N 193 
LEU HA   H  N N 194 
LEU HB2  H  N N 195 
LEU HB3  H  N N 196 
LEU HG   H  N N 197 
LEU HD11 H  N N 198 
LEU HD12 H  N N 199 
LEU HD13 H  N N 200 
LEU HD21 H  N N 201 
LEU HD22 H  N N 202 
LEU HD23 H  N N 203 
LEU HXT  H  N N 204 
LYS N    N  N N 205 
LYS CA   C  N S 206 
LYS C    C  N N 207 
LYS O    O  N N 208 
LYS CB   C  N N 209 
LYS CG   C  N N 210 
LYS CD   C  N N 211 
LYS CE   C  N N 212 
LYS NZ   N  N N 213 
LYS OXT  O  N N 214 
LYS H    H  N N 215 
LYS H2   H  N N 216 
LYS HA   H  N N 217 
LYS HB2  H  N N 218 
LYS HB3  H  N N 219 
LYS HG2  H  N N 220 
LYS HG3  H  N N 221 
LYS HD2  H  N N 222 
LYS HD3  H  N N 223 
LYS HE2  H  N N 224 
LYS HE3  H  N N 225 
LYS HZ1  H  N N 226 
LYS HZ2  H  N N 227 
LYS HZ3  H  N N 228 
LYS HXT  H  N N 229 
MET N    N  N N 230 
MET CA   C  N S 231 
MET C    C  N N 232 
MET O    O  N N 233 
MET CB   C  N N 234 
MET CG   C  N N 235 
MET SD   S  N N 236 
MET CE   C  N N 237 
MET OXT  O  N N 238 
MET H    H  N N 239 
MET H2   H  N N 240 
MET HA   H  N N 241 
MET HB2  H  N N 242 
MET HB3  H  N N 243 
MET HG2  H  N N 244 
MET HG3  H  N N 245 
MET HE1  H  N N 246 
MET HE2  H  N N 247 
MET HE3  H  N N 248 
MET HXT  H  N N 249 
PHE N    N  N N 250 
PHE CA   C  N S 251 
PHE C    C  N N 252 
PHE O    O  N N 253 
PHE CB   C  N N 254 
PHE CG   C  Y N 255 
PHE CD1  C  Y N 256 
PHE CD2  C  Y N 257 
PHE CE1  C  Y N 258 
PHE CE2  C  Y N 259 
PHE CZ   C  Y N 260 
PHE OXT  O  N N 261 
PHE H    H  N N 262 
PHE H2   H  N N 263 
PHE HA   H  N N 264 
PHE HB2  H  N N 265 
PHE HB3  H  N N 266 
PHE HD1  H  N N 267 
PHE HD2  H  N N 268 
PHE HE1  H  N N 269 
PHE HE2  H  N N 270 
PHE HZ   H  N N 271 
PHE HXT  H  N N 272 
PRO N    N  N N 273 
PRO CA   C  N S 274 
PRO C    C  N N 275 
PRO O    O  N N 276 
PRO CB   C  N N 277 
PRO CG   C  N N 278 
PRO CD   C  N N 279 
PRO OXT  O  N N 280 
PRO H    H  N N 281 
PRO HA   H  N N 282 
PRO HB2  H  N N 283 
PRO HB3  H  N N 284 
PRO HG2  H  N N 285 
PRO HG3  H  N N 286 
PRO HD2  H  N N 287 
PRO HD3  H  N N 288 
PRO HXT  H  N N 289 
SER N    N  N N 290 
SER CA   C  N S 291 
SER C    C  N N 292 
SER O    O  N N 293 
SER CB   C  N N 294 
SER OG   O  N N 295 
SER OXT  O  N N 296 
SER H    H  N N 297 
SER H2   H  N N 298 
SER HA   H  N N 299 
SER HB2  H  N N 300 
SER HB3  H  N N 301 
SER HG   H  N N 302 
SER HXT  H  N N 303 
THR N    N  N N 304 
THR CA   C  N S 305 
THR C    C  N N 306 
THR O    O  N N 307 
THR CB   C  N R 308 
THR OG1  O  N N 309 
THR CG2  C  N N 310 
THR OXT  O  N N 311 
THR H    H  N N 312 
THR H2   H  N N 313 
THR HA   H  N N 314 
THR HB   H  N N 315 
THR HG1  H  N N 316 
THR HG21 H  N N 317 
THR HG22 H  N N 318 
THR HG23 H  N N 319 
THR HXT  H  N N 320 
TRP N    N  N N 321 
TRP CA   C  N S 322 
TRP C    C  N N 323 
TRP O    O  N N 324 
TRP CB   C  N N 325 
TRP CG   C  Y N 326 
TRP CD1  C  Y N 327 
TRP CD2  C  Y N 328 
TRP NE1  N  Y N 329 
TRP CE2  C  Y N 330 
TRP CE3  C  Y N 331 
TRP CZ2  C  Y N 332 
TRP CZ3  C  Y N 333 
TRP CH2  C  Y N 334 
TRP OXT  O  N N 335 
TRP H    H  N N 336 
TRP H2   H  N N 337 
TRP HA   H  N N 338 
TRP HB2  H  N N 339 
TRP HB3  H  N N 340 
TRP HD1  H  N N 341 
TRP HE1  H  N N 342 
TRP HE3  H  N N 343 
TRP HZ2  H  N N 344 
TRP HZ3  H  N N 345 
TRP HH2  H  N N 346 
TRP HXT  H  N N 347 
VAL N    N  N N 348 
VAL CA   C  N S 349 
VAL C    C  N N 350 
VAL O    O  N N 351 
VAL CB   C  N N 352 
VAL CG1  C  N N 353 
VAL CG2  C  N N 354 
VAL OXT  O  N N 355 
VAL H    H  N N 356 
VAL H2   H  N N 357 
VAL HA   H  N N 358 
VAL HB   H  N N 359 
VAL HG11 H  N N 360 
VAL HG12 H  N N 361 
VAL HG13 H  N N 362 
VAL HG21 H  N N 363 
VAL HG22 H  N N 364 
VAL HG23 H  N N 365 
VAL HXT  H  N N 366 
ZN  ZN   ZN N N 367 
# 
loop_
_chem_comp_bond.comp_id 
_chem_comp_bond.atom_id_1 
_chem_comp_bond.atom_id_2 
_chem_comp_bond.value_order 
_chem_comp_bond.pdbx_aromatic_flag 
_chem_comp_bond.pdbx_stereo_config 
_chem_comp_bond.pdbx_ordinal 
ALA N   CA   sing N N 1   
ALA N   H    sing N N 2   
ALA N   H2   sing N N 3   
ALA CA  C    sing N N 4   
ALA CA  CB   sing N N 5   
ALA CA  HA   sing N N 6   
ALA C   O    doub N N 7   
ALA C   OXT  sing N N 8   
ALA CB  HB1  sing N N 9   
ALA CB  HB2  sing N N 10  
ALA CB  HB3  sing N N 11  
ALA OXT HXT  sing N N 12  
ARG N   CA   sing N N 13  
ARG N   H    sing N N 14  
ARG N   H2   sing N N 15  
ARG CA  C    sing N N 16  
ARG CA  CB   sing N N 17  
ARG CA  HA   sing N N 18  
ARG C   O    doub N N 19  
ARG C   OXT  sing N N 20  
ARG CB  CG   sing N N 21  
ARG CB  HB2  sing N N 22  
ARG CB  HB3  sing N N 23  
ARG CG  CD   sing N N 24  
ARG CG  HG2  sing N N 25  
ARG CG  HG3  sing N N 26  
ARG CD  NE   sing N N 27  
ARG CD  HD2  sing N N 28  
ARG CD  HD3  sing N N 29  
ARG NE  CZ   sing N N 30  
ARG NE  HE   sing N N 31  
ARG CZ  NH1  sing N N 32  
ARG CZ  NH2  doub N N 33  
ARG NH1 HH11 sing N N 34  
ARG NH1 HH12 sing N N 35  
ARG NH2 HH21 sing N N 36  
ARG NH2 HH22 sing N N 37  
ARG OXT HXT  sing N N 38  
ASN N   CA   sing N N 39  
ASN N   H    sing N N 40  
ASN N   H2   sing N N 41  
ASN CA  C    sing N N 42  
ASN CA  CB   sing N N 43  
ASN CA  HA   sing N N 44  
ASN C   O    doub N N 45  
ASN C   OXT  sing N N 46  
ASN CB  CG   sing N N 47  
ASN CB  HB2  sing N N 48  
ASN CB  HB3  sing N N 49  
ASN CG  OD1  doub N N 50  
ASN CG  ND2  sing N N 51  
ASN ND2 HD21 sing N N 52  
ASN ND2 HD22 sing N N 53  
ASN OXT HXT  sing N N 54  
ASP N   CA   sing N N 55  
ASP N   H    sing N N 56  
ASP N   H2   sing N N 57  
ASP CA  C    sing N N 58  
ASP CA  CB   sing N N 59  
ASP CA  HA   sing N N 60  
ASP C   O    doub N N 61  
ASP C   OXT  sing N N 62  
ASP CB  CG   sing N N 63  
ASP CB  HB2  sing N N 64  
ASP CB  HB3  sing N N 65  
ASP CG  OD1  doub N N 66  
ASP CG  OD2  sing N N 67  
ASP OD2 HD2  sing N N 68  
ASP OXT HXT  sing N N 69  
CYS N   CA   sing N N 70  
CYS N   H    sing N N 71  
CYS N   H2   sing N N 72  
CYS CA  C    sing N N 73  
CYS CA  CB   sing N N 74  
CYS CA  HA   sing N N 75  
CYS C   O    doub N N 76  
CYS C   OXT  sing N N 77  
CYS CB  SG   sing N N 78  
CYS CB  HB2  sing N N 79  
CYS CB  HB3  sing N N 80  
CYS SG  HG   sing N N 81  
CYS OXT HXT  sing N N 82  
GLN N   CA   sing N N 83  
GLN N   H    sing N N 84  
GLN N   H2   sing N N 85  
GLN CA  C    sing N N 86  
GLN CA  CB   sing N N 87  
GLN CA  HA   sing N N 88  
GLN C   O    doub N N 89  
GLN C   OXT  sing N N 90  
GLN CB  CG   sing N N 91  
GLN CB  HB2  sing N N 92  
GLN CB  HB3  sing N N 93  
GLN CG  CD   sing N N 94  
GLN CG  HG2  sing N N 95  
GLN CG  HG3  sing N N 96  
GLN CD  OE1  doub N N 97  
GLN CD  NE2  sing N N 98  
GLN NE2 HE21 sing N N 99  
GLN NE2 HE22 sing N N 100 
GLN OXT HXT  sing N N 101 
GLU N   CA   sing N N 102 
GLU N   H    sing N N 103 
GLU N   H2   sing N N 104 
GLU CA  C    sing N N 105 
GLU CA  CB   sing N N 106 
GLU CA  HA   sing N N 107 
GLU C   O    doub N N 108 
GLU C   OXT  sing N N 109 
GLU CB  CG   sing N N 110 
GLU CB  HB2  sing N N 111 
GLU CB  HB3  sing N N 112 
GLU CG  CD   sing N N 113 
GLU CG  HG2  sing N N 114 
GLU CG  HG3  sing N N 115 
GLU CD  OE1  doub N N 116 
GLU CD  OE2  sing N N 117 
GLU OE2 HE2  sing N N 118 
GLU OXT HXT  sing N N 119 
GLY N   CA   sing N N 120 
GLY N   H    sing N N 121 
GLY N   H2   sing N N 122 
GLY CA  C    sing N N 123 
GLY CA  HA2  sing N N 124 
GLY CA  HA3  sing N N 125 
GLY C   O    doub N N 126 
GLY C   OXT  sing N N 127 
GLY OXT HXT  sing N N 128 
HIS N   CA   sing N N 129 
HIS N   H    sing N N 130 
HIS N   H2   sing N N 131 
HIS CA  C    sing N N 132 
HIS CA  CB   sing N N 133 
HIS CA  HA   sing N N 134 
HIS C   O    doub N N 135 
HIS C   OXT  sing N N 136 
HIS CB  CG   sing N N 137 
HIS CB  HB2  sing N N 138 
HIS CB  HB3  sing N N 139 
HIS CG  ND1  sing Y N 140 
HIS CG  CD2  doub Y N 141 
HIS ND1 CE1  doub Y N 142 
HIS ND1 HD1  sing N N 143 
HIS CD2 NE2  sing Y N 144 
HIS CD2 HD2  sing N N 145 
HIS CE1 NE2  sing Y N 146 
HIS CE1 HE1  sing N N 147 
HIS NE2 HE2  sing N N 148 
HIS OXT HXT  sing N N 149 
HOH O   H1   sing N N 150 
HOH O   H2   sing N N 151 
ILE N   CA   sing N N 152 
ILE N   H    sing N N 153 
ILE N   H2   sing N N 154 
ILE CA  C    sing N N 155 
ILE CA  CB   sing N N 156 
ILE CA  HA   sing N N 157 
ILE C   O    doub N N 158 
ILE C   OXT  sing N N 159 
ILE CB  CG1  sing N N 160 
ILE CB  CG2  sing N N 161 
ILE CB  HB   sing N N 162 
ILE CG1 CD1  sing N N 163 
ILE CG1 HG12 sing N N 164 
ILE CG1 HG13 sing N N 165 
ILE CG2 HG21 sing N N 166 
ILE CG2 HG22 sing N N 167 
ILE CG2 HG23 sing N N 168 
ILE CD1 HD11 sing N N 169 
ILE CD1 HD12 sing N N 170 
ILE CD1 HD13 sing N N 171 
ILE OXT HXT  sing N N 172 
LEU N   CA   sing N N 173 
LEU N   H    sing N N 174 
LEU N   H2   sing N N 175 
LEU CA  C    sing N N 176 
LEU CA  CB   sing N N 177 
LEU CA  HA   sing N N 178 
LEU C   O    doub N N 179 
LEU C   OXT  sing N N 180 
LEU CB  CG   sing N N 181 
LEU CB  HB2  sing N N 182 
LEU CB  HB3  sing N N 183 
LEU CG  CD1  sing N N 184 
LEU CG  CD2  sing N N 185 
LEU CG  HG   sing N N 186 
LEU CD1 HD11 sing N N 187 
LEU CD1 HD12 sing N N 188 
LEU CD1 HD13 sing N N 189 
LEU CD2 HD21 sing N N 190 
LEU CD2 HD22 sing N N 191 
LEU CD2 HD23 sing N N 192 
LEU OXT HXT  sing N N 193 
LYS N   CA   sing N N 194 
LYS N   H    sing N N 195 
LYS N   H2   sing N N 196 
LYS CA  C    sing N N 197 
LYS CA  CB   sing N N 198 
LYS CA  HA   sing N N 199 
LYS C   O    doub N N 200 
LYS C   OXT  sing N N 201 
LYS CB  CG   sing N N 202 
LYS CB  HB2  sing N N 203 
LYS CB  HB3  sing N N 204 
LYS CG  CD   sing N N 205 
LYS CG  HG2  sing N N 206 
LYS CG  HG3  sing N N 207 
LYS CD  CE   sing N N 208 
LYS CD  HD2  sing N N 209 
LYS CD  HD3  sing N N 210 
LYS CE  NZ   sing N N 211 
LYS CE  HE2  sing N N 212 
LYS CE  HE3  sing N N 213 
LYS NZ  HZ1  sing N N 214 
LYS NZ  HZ2  sing N N 215 
LYS NZ  HZ3  sing N N 216 
LYS OXT HXT  sing N N 217 
MET N   CA   sing N N 218 
MET N   H    sing N N 219 
MET N   H2   sing N N 220 
MET CA  C    sing N N 221 
MET CA  CB   sing N N 222 
MET CA  HA   sing N N 223 
MET C   O    doub N N 224 
MET C   OXT  sing N N 225 
MET CB  CG   sing N N 226 
MET CB  HB2  sing N N 227 
MET CB  HB3  sing N N 228 
MET CG  SD   sing N N 229 
MET CG  HG2  sing N N 230 
MET CG  HG3  sing N N 231 
MET SD  CE   sing N N 232 
MET CE  HE1  sing N N 233 
MET CE  HE2  sing N N 234 
MET CE  HE3  sing N N 235 
MET OXT HXT  sing N N 236 
PHE N   CA   sing N N 237 
PHE N   H    sing N N 238 
PHE N   H2   sing N N 239 
PHE CA  C    sing N N 240 
PHE CA  CB   sing N N 241 
PHE CA  HA   sing N N 242 
PHE C   O    doub N N 243 
PHE C   OXT  sing N N 244 
PHE CB  CG   sing N N 245 
PHE CB  HB2  sing N N 246 
PHE CB  HB3  sing N N 247 
PHE CG  CD1  doub Y N 248 
PHE CG  CD2  sing Y N 249 
PHE CD1 CE1  sing Y N 250 
PHE CD1 HD1  sing N N 251 
PHE CD2 CE2  doub Y N 252 
PHE CD2 HD2  sing N N 253 
PHE CE1 CZ   doub Y N 254 
PHE CE1 HE1  sing N N 255 
PHE CE2 CZ   sing Y N 256 
PHE CE2 HE2  sing N N 257 
PHE CZ  HZ   sing N N 258 
PHE OXT HXT  sing N N 259 
PRO N   CA   sing N N 260 
PRO N   CD   sing N N 261 
PRO N   H    sing N N 262 
PRO CA  C    sing N N 263 
PRO CA  CB   sing N N 264 
PRO CA  HA   sing N N 265 
PRO C   O    doub N N 266 
PRO C   OXT  sing N N 267 
PRO CB  CG   sing N N 268 
PRO CB  HB2  sing N N 269 
PRO CB  HB3  sing N N 270 
PRO CG  CD   sing N N 271 
PRO CG  HG2  sing N N 272 
PRO CG  HG3  sing N N 273 
PRO CD  HD2  sing N N 274 
PRO CD  HD3  sing N N 275 
PRO OXT HXT  sing N N 276 
SER N   CA   sing N N 277 
SER N   H    sing N N 278 
SER N   H2   sing N N 279 
SER CA  C    sing N N 280 
SER CA  CB   sing N N 281 
SER CA  HA   sing N N 282 
SER C   O    doub N N 283 
SER C   OXT  sing N N 284 
SER CB  OG   sing N N 285 
SER CB  HB2  sing N N 286 
SER CB  HB3  sing N N 287 
SER OG  HG   sing N N 288 
SER OXT HXT  sing N N 289 
THR N   CA   sing N N 290 
THR N   H    sing N N 291 
THR N   H2   sing N N 292 
THR CA  C    sing N N 293 
THR CA  CB   sing N N 294 
THR CA  HA   sing N N 295 
THR C   O    doub N N 296 
THR C   OXT  sing N N 297 
THR CB  OG1  sing N N 298 
THR CB  CG2  sing N N 299 
THR CB  HB   sing N N 300 
THR OG1 HG1  sing N N 301 
THR CG2 HG21 sing N N 302 
THR CG2 HG22 sing N N 303 
THR CG2 HG23 sing N N 304 
THR OXT HXT  sing N N 305 
TRP N   CA   sing N N 306 
TRP N   H    sing N N 307 
TRP N   H2   sing N N 308 
TRP CA  C    sing N N 309 
TRP CA  CB   sing N N 310 
TRP CA  HA   sing N N 311 
TRP C   O    doub N N 312 
TRP C   OXT  sing N N 313 
TRP CB  CG   sing N N 314 
TRP CB  HB2  sing N N 315 
TRP CB  HB3  sing N N 316 
TRP CG  CD1  doub Y N 317 
TRP CG  CD2  sing Y N 318 
TRP CD1 NE1  sing Y N 319 
TRP CD1 HD1  sing N N 320 
TRP CD2 CE2  doub Y N 321 
TRP CD2 CE3  sing Y N 322 
TRP NE1 CE2  sing Y N 323 
TRP NE1 HE1  sing N N 324 
TRP CE2 CZ2  sing Y N 325 
TRP CE3 CZ3  doub Y N 326 
TRP CE3 HE3  sing N N 327 
TRP CZ2 CH2  doub Y N 328 
TRP CZ2 HZ2  sing N N 329 
TRP CZ3 CH2  sing Y N 330 
TRP CZ3 HZ3  sing N N 331 
TRP CH2 HH2  sing N N 332 
TRP OXT HXT  sing N N 333 
VAL N   CA   sing N N 334 
VAL N   H    sing N N 335 
VAL N   H2   sing N N 336 
VAL CA  C    sing N N 337 
VAL CA  CB   sing N N 338 
VAL CA  HA   sing N N 339 
VAL C   O    doub N N 340 
VAL C   OXT  sing N N 341 
VAL CB  CG1  sing N N 342 
VAL CB  CG2  sing N N 343 
VAL CB  HB   sing N N 344 
VAL CG1 HG11 sing N N 345 
VAL CG1 HG12 sing N N 346 
VAL CG1 HG13 sing N N 347 
VAL CG2 HG21 sing N N 348 
VAL CG2 HG22 sing N N 349 
VAL CG2 HG23 sing N N 350 
VAL OXT HXT  sing N N 351 
# 
_atom_sites.entry_id                    6EKB 
_atom_sites.fract_transf_matrix[1][1]   0.00830991 
_atom_sites.fract_transf_matrix[1][2]   0.01561870 
_atom_sites.fract_transf_matrix[1][3]   0.00303972 
_atom_sites.fract_transf_matrix[2][1]   -0.01579853 
_atom_sites.fract_transf_matrix[2][2]   0.00769046 
_atom_sites.fract_transf_matrix[2][3]   0.00367447 
_atom_sites.fract_transf_matrix[3][1]   0.00219310 
_atom_sites.fract_transf_matrix[3][2]   -0.00506517 
_atom_sites.fract_transf_matrix[3][3]   0.02003043 
_atom_sites.fract_transf_vector[1]      0.157475 
_atom_sites.fract_transf_vector[2]      0.418647 
_atom_sites.fract_transf_vector[3]      0.026134 
# 
loop_
_atom_type.symbol 
C  
N  
O  
S  
ZN 
# 
loop_
_atom_site.group_PDB 
_atom_site.id 
_atom_site.type_symbol 
_atom_site.label_atom_id 
_atom_site.label_alt_id 
_atom_site.label_comp_id 
_atom_site.label_asym_id 
_atom_site.label_entity_id 
_atom_site.label_seq_id 
_atom_site.pdbx_PDB_ins_code 
_atom_site.Cartn_x 
_atom_site.Cartn_y 
_atom_site.Cartn_z 
_atom_site.occupancy 
_atom_site.B_iso_or_equiv 
_atom_site.pdbx_formal_charge 
_atom_site.auth_seq_id 
_atom_site.auth_comp_id 
_atom_site.auth_asym_id 
_atom_site.auth_atom_id 
_atom_site.pdbx_PDB_model_num 
ATOM   1   N  N   . ASN A 1 13 ? -16.417 20.369  -4.056  1.00 96.69  ? 68  ASN A N   1 
ATOM   2   C  CA  . ASN A 1 13 ? -15.968 20.294  -2.643  1.00 90.83  ? 68  ASN A CA  1 
ATOM   3   C  C   . ASN A 1 13 ? -15.321 18.950  -2.358  1.00 87.80  ? 68  ASN A C   1 
ATOM   4   O  O   . ASN A 1 13 ? -15.501 18.006  -3.144  1.00 90.24  ? 68  ASN A O   1 
ATOM   5   C  CB  . ASN A 1 13 ? -17.142 20.478  -1.703  1.00 90.88  ? 68  ASN A CB  1 
ATOM   6   C  CG  . ASN A 1 13 ? -16.731 21.130  -0.403  1.00 88.67  ? 68  ASN A CG  1 
ATOM   7   O  OD1 . ASN A 1 13 ? -16.073 20.514  0.429   1.00 85.14  ? 68  ASN A OD1 1 
ATOM   8   N  ND2 . ASN A 1 13 ? -17.095 22.393  -0.232  1.00 90.38  ? 68  ASN A ND2 1 
ATOM   9   N  N   . SER A 1 14 ? -14.594 18.866  -1.230  1.00 81.45  ? 69  SER A N   1 
ATOM   10  C  CA  . SER A 1 14 ? -13.836 17.648  -0.840  1.00 76.74  ? 69  SER A CA  1 
ATOM   11  C  C   . SER A 1 14 ? -14.641 16.653  0.011   1.00 70.96  ? 69  SER A C   1 
ATOM   12  O  O   . SER A 1 14 ? -15.451 17.044  0.826   1.00 73.22  ? 69  SER A O   1 
ATOM   13  C  CB  . SER A 1 14 ? -12.565 18.013  -0.072  1.00 75.12  ? 69  SER A CB  1 
ATOM   14  O  OG  . SER A 1 14 ? -12.879 18.259  1.303   1.00 75.22  ? 69  SER A OG  1 
ATOM   15  N  N   . LEU A 1 15 ? -14.410 15.374  -0.209  1.00 65.05  ? 70  LEU A N   1 
ATOM   16  C  CA  . LEU A 1 15 ? -15.007 14.295  0.560   1.00 64.06  ? 70  LEU A CA  1 
ATOM   17  C  C   . LEU A 1 15 ? -13.849 13.455  1.083   1.00 57.52  ? 70  LEU A C   1 
ATOM   18  O  O   . LEU A 1 15 ? -12.918 13.188  0.360   1.00 53.60  ? 70  LEU A O   1 
ATOM   19  C  CB  . LEU A 1 15 ? -15.860 13.375  -0.316  1.00 68.01  ? 70  LEU A CB  1 
ATOM   20  C  CG  . LEU A 1 15 ? -17.241 13.884  -0.773  1.00 75.66  ? 70  LEU A CG  1 
ATOM   21  C  CD1 . LEU A 1 15 ? -17.224 15.257  -1.465  1.00 78.77  ? 70  LEU A CD1 1 
ATOM   22  C  CD2 . LEU A 1 15 ? -17.884 12.827  -1.676  1.00 78.15  ? 70  LEU A CD2 1 
ATOM   23  N  N   . VAL A 1 16 ? -13.951 13.029  2.330   1.00 54.35  ? 71  VAL A N   1 
ATOM   24  C  CA  . VAL A 1 16 ? -13.018 12.091  2.894   1.00 53.06  ? 71  VAL A CA  1 
ATOM   25  C  C   . VAL A 1 16 ? -12.962 10.834  2.019   1.00 51.80  ? 71  VAL A C   1 
ATOM   26  O  O   . VAL A 1 16 ? -13.986 10.383  1.518   1.00 54.07  ? 71  VAL A O   1 
ATOM   27  C  CB  . VAL A 1 16 ? -13.337 11.768  4.385   1.00 52.21  ? 71  VAL A CB  1 
ATOM   28  C  CG1 . VAL A 1 16 ? -14.663 11.060  4.564   1.00 53.31  ? 71  VAL A CG1 1 
ATOM   29  C  CG2 . VAL A 1 16 ? -12.248 10.876  4.943   1.00 51.03  ? 71  VAL A CG2 1 
ATOM   30  N  N   . CYS A 1 17 ? -11.758 10.311  1.830   1.00 47.53  ? 72  CYS A N   1 
ATOM   31  C  CA  . CYS A 1 17 ? -11.523 9.230   0.936   1.00 48.14  ? 72  CYS A CA  1 
ATOM   32  C  C   . CYS A 1 17 ? -12.103 7.923   1.467   1.00 50.67  ? 72  CYS A C   1 
ATOM   33  O  O   . CYS A 1 17 ? -11.756 7.446   2.552   1.00 49.28  ? 72  CYS A O   1 
ATOM   34  C  CB  . CYS A 1 17 ? -10.048 9.055   0.647   1.00 45.40  ? 72  CYS A CB  1 
ATOM   35  S  SG  . CYS A 1 17 ? -9.769  7.717   -0.567  1.00 47.93  ? 72  CYS A SG  1 
ATOM   36  N  N   . ALA A 1 18 ? -12.933 7.311   0.640   1.00 54.05  ? 73  ALA A N   1 
ATOM   37  C  CA  . ALA A 1 18 ? -13.610 6.073   0.988   1.00 56.12  ? 73  ALA A CA  1 
ATOM   38  C  C   . ALA A 1 18 ? -12.667 4.861   1.087   1.00 55.23  ? 73  ALA A C   1 
ATOM   39  O  O   . ALA A 1 18 ? -12.906 3.988   1.887   1.00 58.62  ? 73  ALA A O   1 
ATOM   40  C  CB  . ALA A 1 18 ? -14.739 5.816   -0.004  1.00 60.06  ? 73  ALA A CB  1 
ATOM   41  N  N   . ASN A 1 19 ? -11.596 4.807   0.312   1.00 52.42  ? 74  ASN A N   1 
ATOM   42  C  CA  . ASN A 1 19 ? -10.679 3.690   0.393   1.00 51.30  ? 74  ASN A CA  1 
ATOM   43  C  C   . ASN A 1 19 ? -9.848  3.682   1.690   1.00 48.67  ? 74  ASN A C   1 
ATOM   44  O  O   . ASN A 1 19 ? -9.759  2.658   2.296   1.00 51.11  ? 74  ASN A O   1 
ATOM   45  C  CB  . ASN A 1 19 ? -9.698  3.687   -0.772  1.00 50.92  ? 74  ASN A CB  1 
ATOM   46  C  CG  . ASN A 1 19 ? -8.801  2.479   -0.745  1.00 50.55  ? 74  ASN A CG  1 
ATOM   47  O  OD1 . ASN A 1 19 ? -9.248  1.374   -0.949  1.00 56.55  ? 74  ASN A OD1 1 
ATOM   48  N  ND2 . ASN A 1 19 ? -7.560  2.670   -0.466  1.00 48.50  ? 74  ASN A ND2 1 
ATOM   49  N  N   . CYS A 1 20 ? -9.219  4.795   2.086   1.00 44.77  ? 75  CYS A N   1 
ATOM   50  C  CA  . CYS A 1 20 ? -8.412  4.854   3.325   1.00 41.20  ? 75  CYS A CA  1 
ATOM   51  C  C   . CYS A 1 20 ? -9.154  5.460   4.560   1.00 42.21  ? 75  CYS A C   1 
ATOM   52  O  O   . CYS A 1 20 ? -8.614  5.449   5.658   1.00 40.30  ? 75  CYS A O   1 
ATOM   53  C  CB  . CYS A 1 20 ? -7.137  5.643   3.058   1.00 41.23  ? 75  CYS A CB  1 
ATOM   54  S  SG  . CYS A 1 20 ? -7.389  7.380   2.640   1.00 41.03  ? 75  CYS A SG  1 
ATOM   55  N  N   . GLU A 1 21 ? -10.377 5.967   4.354   1.00 42.78  ? 76  GLU A N   1 
ATOM   56  C  CA  . GLU A 1 21 ? -11.145 6.710   5.366   1.00 45.18  ? 76  GLU A CA  1 
ATOM   57  C  C   . GLU A 1 21 ? -10.423 7.952   5.961   1.00 43.48  ? 76  GLU A C   1 
ATOM   58  O  O   . GLU A 1 21 ? -10.587 8.272   7.164   1.00 41.50  ? 76  GLU A O   1 
ATOM   59  C  CB  . GLU A 1 21 ? -11.605 5.770   6.467   1.00 47.51  ? 76  GLU A CB  1 
ATOM   60  C  CG  . GLU A 1 21 ? -12.146 4.452   5.913   1.00 54.19  ? 76  GLU A CG  1 
ATOM   61  C  CD  . GLU A 1 21 ? -13.209 3.831   6.785   1.00 58.46  ? 76  GLU A CD  1 
ATOM   62  O  OE1 . GLU A 1 21 ? -13.085 3.848   8.011   1.00 62.73  ? 76  GLU A OE1 1 
ATOM   63  O  OE2 . GLU A 1 21 ? -14.190 3.304   6.247   1.00 66.44  ? 76  GLU A OE2 1 
ATOM   64  N  N   . GLY A 1 22 ? -9.602  8.606   5.126   1.00 39.52  ? 77  GLY A N   1 
ATOM   65  C  CA  . GLY A 1 22 ? -8.818  9.770   5.566   1.00 39.94  ? 77  GLY A CA  1 
ATOM   66  C  C   . GLY A 1 22 ? -7.389  9.517   6.050   1.00 36.28  ? 77  GLY A C   1 
ATOM   67  O  O   . GLY A 1 22 ? -6.648  10.472  6.279   1.00 34.64  ? 77  GLY A O   1 
ATOM   68  N  N   . GLU A 1 23 ? -6.996  8.249   6.184   1.00 35.59  ? 78  GLU A N   1 
ATOM   69  C  CA  . GLU A 1 23 ? -5.633  7.902   6.665   1.00 35.35  ? 78  GLU A CA  1 
ATOM   70  C  C   . GLU A 1 23 ? -4.575  8.462   5.740   1.00 36.28  ? 78  GLU A C   1 
ATOM   71  O  O   . GLU A 1 23 ? -3.532  8.828   6.199   1.00 35.69  ? 78  GLU A O   1 
ATOM   72  C  CB  . GLU A 1 23 ? -5.481  6.381   6.888   1.00 34.29  ? 78  GLU A CB  1 
ATOM   73  C  CG  . GLU A 1 23 ? -4.151  5.928   7.527   1.00 34.61  ? 78  GLU A CG  1 
ATOM   74  C  CD  . GLU A 1 23 ? -3.976  4.406   7.578   1.00 34.53  ? 78  GLU A CD  1 
ATOM   75  O  OE1 . GLU A 1 23 ? -2.895  3.942   7.963   1.00 36.06  ? 78  GLU A OE1 1 
ATOM   76  O  OE2 . GLU A 1 23 ? -4.937  3.630   7.363   1.00 35.20  ? 78  GLU A OE2 1 
ATOM   77  N  N   . GLY A 1 24 ? -4.830  8.548   4.436   1.00 36.86  ? 79  GLY A N   1 
ATOM   78  C  CA  . GLY A 1 24 ? -3.830  9.007   3.503   1.00 36.96  ? 79  GLY A CA  1 
ATOM   79  C  C   . GLY A 1 24 ? -2.837  7.886   3.172   1.00 36.93  ? 79  GLY A C   1 
ATOM   80  O  O   . GLY A 1 24 ? -2.706  7.504   2.007   1.00 38.27  ? 79  GLY A O   1 
ATOM   81  N  N   . CYS A 1 25 ? -2.092  7.417   4.184   1.00 36.16  ? 80  CYS A N   1 
ATOM   82  C  CA  . CYS A 1 25 ? -1.298  6.172   4.067   1.00 36.50  ? 80  CYS A CA  1 
ATOM   83  C  C   . CYS A 1 25 ? -2.260  5.004   4.288   1.00 38.76  ? 80  CYS A C   1 
ATOM   84  O  O   . CYS A 1 25 ? -3.374  5.195   4.832   1.00 38.90  ? 80  CYS A O   1 
ATOM   85  C  CB  . CYS A 1 25 ? -0.088  6.172   5.005   1.00 34.68  ? 80  CYS A CB  1 
ATOM   86  S  SG  . CYS A 1 25 ? -0.448  6.802   6.726   1.00 34.91  ? 80  CYS A SG  1 
ATOM   87  N  N   . VAL A 1 26 ? -1.889  3.815   3.800   1.00 35.75  ? 81  VAL A N   1 
ATOM   88  C  CA  . VAL A 1 26 ? -2.630  2.592   4.078   1.00 36.79  ? 81  VAL A CA  1 
ATOM   89  C  C   . VAL A 1 26 ? -1.636  1.448   4.263   1.00 39.69  ? 81  VAL A C   1 
ATOM   90  O  O   . VAL A 1 26 ? -0.464  1.569   3.879   1.00 36.07  ? 81  VAL A O   1 
ATOM   91  C  CB  . VAL A 1 26 ? -3.610  2.241   2.968   1.00 39.94  ? 81  VAL A CB  1 
ATOM   92  C  CG1 . VAL A 1 26 ? -4.744  3.252   2.953   1.00 41.86  ? 81  VAL A CG1 1 
ATOM   93  C  CG2 . VAL A 1 26 ? -2.928  2.108   1.551   1.00 42.19  ? 81  VAL A CG2 1 
ATOM   94  N  N   . ALA A 1 27 ? -2.084  0.378   4.905   1.00 37.61  ? 82  ALA A N   1 
ATOM   95  C  CA  . ALA A 1 27 ? -1.301  -0.860  4.963   1.00 39.25  ? 82  ALA A CA  1 
ATOM   96  C  C   . ALA A 1 27 ? -0.857  -1.287  3.562   1.00 37.04  ? 82  ALA A C   1 
ATOM   97  O  O   . ALA A 1 27 ? -1.611  -1.202  2.604   1.00 36.54  ? 82  ALA A O   1 
ATOM   98  C  CB  . ALA A 1 27 ? -2.098  -1.974  5.620   1.00 37.23  ? 82  ALA A CB  1 
ATOM   99  N  N   . CYS A 1 28 ? 0.387   -1.713  3.426   1.00 37.87  ? 83  CYS A N   1 
ATOM   100 C  CA  . CYS A 1 28 ? 0.855   -2.155  2.099   1.00 36.69  ? 83  CYS A CA  1 
ATOM   101 C  C   . CYS A 1 28 ? 0.035   -3.356  1.632   1.00 36.73  ? 83  CYS A C   1 
ATOM   102 O  O   . CYS A 1 28 ? -0.050  -4.360  2.312   1.00 37.71  ? 83  CYS A O   1 
ATOM   103 C  CB  . CYS A 1 28 ? 2.327   -2.541  2.170   1.00 35.68  ? 83  CYS A CB  1 
ATOM   104 S  SG  . CYS A 1 28 ? 2.981   -3.161  0.585   1.00 35.12  ? 83  CYS A SG  1 
ATOM   105 N  N   . SER A 1 29 ? -0.576  -3.233  0.474   1.00 38.16  ? 84  SER A N   1 
ATOM   106 C  CA  . SER A 1 29 ? -1.409  -4.306  -0.129  1.00 42.57  ? 84  SER A CA  1 
ATOM   107 C  C   . SER A 1 29 ? -0.575  -5.513  -0.576  1.00 41.24  ? 84  SER A C   1 
ATOM   108 O  O   . SER A 1 29 ? -1.115  -6.580  -0.665  1.00 42.83  ? 84  SER A O   1 
ATOM   109 C  CB  . SER A 1 29 ? -2.203  -3.756  -1.366  1.00 46.22  ? 84  SER A CB  1 
ATOM   110 O  OG  . SER A 1 29 ? -1.332  -2.866  -2.209  1.00 50.33  ? 84  SER A OG  1 
ATOM   111 N  N   . GLN A 1 30 ? 0.735   -5.366  -0.815  1.00 38.25  ? 85  GLN A N   1 
ATOM   112 C  CA  . GLN A 1 30 ? 1.592   -6.515  -1.243  1.00 36.80  ? 85  GLN A CA  1 
ATOM   113 C  C   . GLN A 1 30 ? 1.986   -7.419  -0.114  1.00 37.07  ? 85  GLN A C   1 
ATOM   114 O  O   . GLN A 1 30 ? 1.867   -8.649  -0.212  1.00 40.17  ? 85  GLN A O   1 
ATOM   115 C  CB  . GLN A 1 30 ? 2.834   -6.018  -2.010  1.00 34.86  ? 85  GLN A CB  1 
ATOM   116 C  CG  . GLN A 1 30 ? 2.454   -5.338  -3.311  1.00 34.06  ? 85  GLN A CG  1 
ATOM   117 C  CD  . GLN A 1 30 ? 1.923   -6.351  -4.331  1.00 36.53  ? 85  GLN A CD  1 
ATOM   118 O  OE1 . GLN A 1 30 ? 2.543   -7.393  -4.583  1.00 34.42  ? 85  GLN A OE1 1 
ATOM   119 N  NE2 . GLN A 1 30 ? 0.809   -6.036  -4.953  1.00 37.21  ? 85  GLN A NE2 1 
ATOM   120 N  N   . CYS A 1 31 ? 2.480   -6.853  0.966   1.00 36.70  ? 86  CYS A N   1 
ATOM   121 C  CA  . CYS A 1 31 ? 2.910   -7.699  2.089   1.00 36.86  ? 86  CYS A CA  1 
ATOM   122 C  C   . CYS A 1 31 ? 1.836   -7.736  3.174   1.00 38.03  ? 86  CYS A C   1 
ATOM   123 O  O   . CYS A 1 31 ? 2.029   -8.391  4.188   1.00 37.36  ? 86  CYS A O   1 
ATOM   124 C  CB  . CYS A 1 31 ? 4.180   -7.151  2.679   1.00 37.82  ? 86  CYS A CB  1 
ATOM   125 S  SG  . CYS A 1 31 ? 4.038   -5.462  3.345   1.00 35.67  ? 86  CYS A SG  1 
ATOM   126 N  N   . LYS A 1 32 ? 0.746   -7.001  2.991   1.00 40.75  ? 87  LYS A N   1 
ATOM   127 C  CA  . LYS A 1 32 ? -0.360  -6.922  3.962   1.00 43.90  ? 87  LYS A CA  1 
ATOM   128 C  C   . LYS A 1 32 ? 0.076   -6.402  5.315   1.00 43.92  ? 87  LYS A C   1 
ATOM   129 O  O   . LYS A 1 32 ? -0.350  -6.902  6.352   1.00 47.06  ? 87  LYS A O   1 
ATOM   130 C  CB  . LYS A 1 32 ? -1.081  -8.290  4.085   1.00 47.75  ? 87  LYS A CB  1 
ATOM   131 C  CG  . LYS A 1 32 ? -1.895  -8.572  2.834   1.00 52.20  ? 87  LYS A CG  1 
ATOM   132 C  CD  . LYS A 1 32 ? -2.423  -9.975  2.791   1.00 59.57  ? 87  LYS A CD  1 
ATOM   133 C  CE  . LYS A 1 32 ? -3.543  -10.065 1.753   1.00 64.87  ? 87  LYS A CE  1 
ATOM   134 N  NZ  . LYS A 1 32 ? -3.491  -11.384 1.075   1.00 68.47  ? 87  LYS A NZ  1 
ATOM   135 N  N   . GLY A 1 33 ? 0.987   -5.461  5.316   1.00 41.51  ? 88  GLY A N   1 
ATOM   136 C  CA  . GLY A 1 33 ? 1.507   -4.954  6.567   1.00 40.95  ? 88  GLY A CA  1 
ATOM   137 C  C   . GLY A 1 33 ? 2.531   -5.787  7.276   1.00 42.37  ? 88  GLY A C   1 
ATOM   138 O  O   . GLY A 1 33 ? 2.971   -5.389  8.320   1.00 43.73  ? 88  GLY A O   1 
ATOM   139 N  N   . GLY A 1 34 ? 2.977   -6.902  6.708   1.00 40.62  ? 89  GLY A N   1 
ATOM   140 C  CA  . GLY A 1 34 ? 4.005   -7.687  7.344   1.00 41.39  ? 89  GLY A CA  1 
ATOM   141 C  C   . GLY A 1 34 ? 5.443   -7.335  6.967   1.00 41.37  ? 89  GLY A C   1 
ATOM   142 O  O   . GLY A 1 34 ? 6.337   -7.751  7.689   1.00 43.40  ? 89  GLY A O   1 
ATOM   143 N  N   . GLY A 1 35 ? 5.679   -6.609  5.856   1.00 38.87  ? 90  GLY A N   1 
ATOM   144 C  CA  . GLY A 1 35 ? 7.022   -6.129  5.487   1.00 37.98  ? 90  GLY A CA  1 
ATOM   145 C  C   . GLY A 1 35 ? 7.863   -7.026  4.557   1.00 39.67  ? 90  GLY A C   1 
ATOM   146 O  O   . GLY A 1 35 ? 8.948   -6.601  4.044   1.00 36.64  ? 90  GLY A O   1 
ATOM   147 N  N   . VAL A 1 36 ? 7.365   -8.228  4.296   1.00 39.18  ? 91  VAL A N   1 
ATOM   148 C  CA  . VAL A 1 36 ? 8.055   -9.204  3.448   1.00 39.40  ? 91  VAL A CA  1 
ATOM   149 C  C   . VAL A 1 36 ? 7.088   -9.755  2.380   1.00 38.82  ? 91  VAL A C   1 
ATOM   150 O  O   . VAL A 1 36 ? 5.885   -9.854  2.586   1.00 36.14  ? 91  VAL A O   1 
ATOM   151 C  CB  . VAL A 1 36 ? 8.681   -10.354 4.280   1.00 41.67  ? 91  VAL A CB  1 
ATOM   152 C  CG1 . VAL A 1 36 ? 9.757   -9.826  5.208   1.00 43.16  ? 91  VAL A CG1 1 
ATOM   153 C  CG2 . VAL A 1 36 ? 7.651   -11.167 5.108   1.00 42.84  ? 91  VAL A CG2 1 
ATOM   154 N  N   . ASN A 1 37 ? 7.637   -10.117 1.231   1.00 38.17  ? 92  ASN A N   1 
ATOM   155 C  CA  . ASN A 1 37 ? 6.834   -10.654 0.161   1.00 36.32  ? 92  ASN A CA  1 
ATOM   156 C  C   . ASN A 1 37 ? 6.156   -11.913 0.674   1.00 38.60  ? 92  ASN A C   1 
ATOM   157 O  O   . ASN A 1 37 ? 6.772   -12.751 1.397   1.00 38.66  ? 92  ASN A O   1 
ATOM   158 C  CB  . ASN A 1 37 ? 7.667   -11.042 -1.046  1.00 35.05  ? 92  ASN A CB  1 
ATOM   159 C  CG  . ASN A 1 37 ? 8.399   -9.899  -1.679  1.00 34.71  ? 92  ASN A CG  1 
ATOM   160 O  OD1 . ASN A 1 37 ? 7.871   -8.782  -1.803  1.00 35.62  ? 92  ASN A OD1 1 
ATOM   161 N  ND2 . ASN A 1 37 ? 9.647   -10.167 -2.126  1.00 34.08  ? 92  ASN A ND2 1 
ATOM   162 N  N   . LEU A 1 38 ? 4.887   -12.081 0.313   1.00 38.60  ? 93  LEU A N   1 
ATOM   163 C  CA  . LEU A 1 38 ? 4.148   -13.236 0.825   1.00 41.12  ? 93  LEU A CA  1 
ATOM   164 C  C   . LEU A 1 38 ? 4.194   -14.413 -0.127  1.00 42.11  ? 93  LEU A C   1 
ATOM   165 O  O   . LEU A 1 38 ? 3.763   -15.486 0.240   1.00 42.14  ? 93  LEU A O   1 
ATOM   166 C  CB  . LEU A 1 38 ? 2.684   -12.862 1.110   1.00 41.86  ? 93  LEU A CB  1 
ATOM   167 C  CG  . LEU A 1 38 ? 2.512   -11.789 2.181   1.00 42.81  ? 93  LEU A CG  1 
ATOM   168 C  CD1 . LEU A 1 38 ? 1.110   -11.205 2.039   1.00 44.82  ? 93  LEU A CD1 1 
ATOM   169 C  CD2 . LEU A 1 38 ? 2.751   -12.398 3.572   1.00 43.82  ? 93  LEU A CD2 1 
ATOM   170 N  N   . ILE A 1 39 ? 4.637   -14.197 -1.360  1.00 41.67  ? 94  ILE A N   1 
ATOM   171 C  CA  . ILE A 1 39 ? 4.665   -15.227 -2.389  1.00 42.87  ? 94  ILE A CA  1 
ATOM   172 C  C   . ILE A 1 39 ? 5.961   -15.048 -3.168  1.00 42.61  ? 94  ILE A C   1 
ATOM   173 O  O   . ILE A 1 39 ? 6.582   -13.961 -3.124  1.00 37.86  ? 94  ILE A O   1 
ATOM   174 C  CB  . ILE A 1 39 ? 3.462   -15.086 -3.342  1.00 45.44  ? 94  ILE A CB  1 
ATOM   175 C  CG1 . ILE A 1 39 ? 3.320   -13.675 -3.943  1.00 46.73  ? 94  ILE A CG1 1 
ATOM   176 C  CG2 . ILE A 1 39 ? 2.166   -15.428 -2.628  1.00 46.50  ? 94  ILE A CG2 1 
ATOM   177 C  CD1 . ILE A 1 39 ? 2.511   -13.662 -5.227  1.00 47.15  ? 94  ILE A CD1 1 
ATOM   178 N  N   . ASP A 1 40 ? 6.374   -16.100 -3.861  1.00 40.50  ? 95  ASP A N   1 
ATOM   179 C  CA  . ASP A 1 40 ? 7.331   -15.943 -4.957  1.00 40.79  ? 95  ASP A CA  1 
ATOM   180 C  C   . ASP A 1 40 ? 6.521   -15.418 -6.110  1.00 40.22  ? 95  ASP A C   1 
ATOM   181 O  O   . ASP A 1 40 ? 5.584   -16.062 -6.531  1.00 41.13  ? 95  ASP A O   1 
ATOM   182 C  CB  . ASP A 1 40 ? 7.959   -17.281 -5.396  1.00 44.56  ? 95  ASP A CB  1 
ATOM   183 C  CG  . ASP A 1 40 ? 8.813   -17.913 -4.291  1.00 46.38  ? 95  ASP A CG  1 
ATOM   184 O  OD1 . ASP A 1 40 ? 9.563   -17.237 -3.594  1.00 44.29  ? 95  ASP A OD1 1 
ATOM   185 O  OD2 . ASP A 1 40 ? 8.675   -19.106 -4.075  1.00 52.45  ? 95  ASP A OD2 1 
ATOM   186 N  N   . HIS A 1 41 ? 6.883   -14.256 -6.633  1.00 37.73  ? 96  HIS A N   1 
ATOM   187 C  CA  . HIS A 1 41 ? 6.127   -13.673 -7.719  1.00 38.51  ? 96  HIS A CA  1 
ATOM   188 C  C   . HIS A 1 41 ? 6.330   -14.306 -9.109  1.00 39.12  ? 96  HIS A C   1 
ATOM   189 O  O   . HIS A 1 41 ? 7.396   -14.850 -9.408  1.00 39.35  ? 96  HIS A O   1 
ATOM   190 C  CB  . HIS A 1 41 ? 6.427   -12.169 -7.748  1.00 37.64  ? 96  HIS A CB  1 
ATOM   191 C  CG  . HIS A 1 41 ? 5.760   -11.419 -6.631  1.00 36.23  ? 96  HIS A CG  1 
ATOM   192 N  ND1 . HIS A 1 41 ? 4.684   -10.594 -6.835  1.00 36.15  ? 96  HIS A ND1 1 
ATOM   193 C  CD2 . HIS A 1 41 ? 5.986   -11.403 -5.304  1.00 33.64  ? 96  HIS A CD2 1 
ATOM   194 C  CE1 . HIS A 1 41 ? 4.295   -10.065 -5.701  1.00 36.59  ? 96  HIS A CE1 1 
ATOM   195 N  NE2 . HIS A 1 41 ? 5.063   -10.546 -4.748  1.00 35.34  ? 96  HIS A NE2 1 
ATOM   196 N  N   . PHE A 1 42 ? 5.300   -14.170 -9.953  1.00 39.82  ? 97  PHE A N   1 
ATOM   197 C  CA  . PHE A 1 42 ? 5.305   -14.672 -11.324 1.00 42.56  ? 97  PHE A CA  1 
ATOM   198 C  C   . PHE A 1 42 ? 6.426   -14.075 -12.177 1.00 43.39  ? 97  PHE A C   1 
ATOM   199 O  O   . PHE A 1 42 ? 6.853   -14.696 -13.154 1.00 45.31  ? 97  PHE A O   1 
ATOM   200 C  CB  . PHE A 1 42 ? 3.953   -14.381 -11.992 1.00 44.24  ? 97  PHE A CB  1 
ATOM   201 C  CG  . PHE A 1 42 ? 3.714   -15.099 -13.305 1.00 47.08  ? 97  PHE A CG  1 
ATOM   202 C  CD1 . PHE A 1 42 ? 3.957   -16.448 -13.444 1.00 47.94  ? 97  PHE A CD1 1 
ATOM   203 C  CD2 . PHE A 1 42 ? 3.162   -14.411 -14.390 1.00 49.94  ? 97  PHE A CD2 1 
ATOM   204 C  CE1 . PHE A 1 42 ? 3.720   -17.089 -14.663 1.00 53.02  ? 97  PHE A CE1 1 
ATOM   205 C  CE2 . PHE A 1 42 ? 2.926   -15.027 -15.605 1.00 53.26  ? 97  PHE A CE2 1 
ATOM   206 C  CZ  . PHE A 1 42 ? 3.196   -16.387 -15.747 1.00 54.93  ? 97  PHE A CZ  1 
ATOM   207 N  N   . ASN A 1 43 ? 6.912   -12.889 -11.835 1.00 40.99  ? 98  ASN A N   1 
ATOM   208 C  CA  . ASN A 1 43 ? 8.065   -12.342 -12.550 1.00 40.93  ? 98  ASN A CA  1 
ATOM   209 C  C   . ASN A 1 43 ? 9.353   -13.168 -12.339 1.00 41.33  ? 98  ASN A C   1 
ATOM   210 O  O   . ASN A 1 43 ? 10.309  -12.862 -12.985 1.00 41.32  ? 98  ASN A O   1 
ATOM   211 C  CB  . ASN A 1 43 ? 8.312   -10.852 -12.191 1.00 39.28  ? 98  ASN A CB  1 
ATOM   212 C  CG  . ASN A 1 43 ? 8.568   -10.616 -10.704 1.00 39.09  ? 98  ASN A CG  1 
ATOM   213 O  OD1 . ASN A 1 43 ? 8.968   -11.532 -9.964  1.00 36.16  ? 98  ASN A OD1 1 
ATOM   214 N  ND2 . ASN A 1 43 ? 8.353   -9.359  -10.249 1.00 37.18  ? 98  ASN A ND2 1 
ATOM   215 N  N   . GLY A 1 44 ? 9.401   -14.105 -11.374 1.00 41.65  ? 99  GLY A N   1 
ATOM   216 C  CA  . GLY A 1 44 ? 10.621  -14.861 -11.050 1.00 43.04  ? 99  GLY A CA  1 
ATOM   217 C  C   . GLY A 1 44 ? 11.685  -14.116 -10.232 1.00 45.19  ? 99  GLY A C   1 
ATOM   218 O  O   . GLY A 1 44 ? 12.769  -14.638 -10.000 1.00 46.12  ? 99  GLY A O   1 
ATOM   219 N  N   . GLN A 1 45 ? 11.401  -12.907 -9.756  1.00 42.17  ? 100 GLN A N   1 
ATOM   220 C  CA  . GLN A 1 45 ? 12.439  -12.094 -9.142  1.00 41.42  ? 100 GLN A CA  1 
ATOM   221 C  C   . GLN A 1 45 ? 12.222  -11.597 -7.734  1.00 38.88  ? 100 GLN A C   1 
ATOM   222 O  O   . GLN A 1 45 ? 13.180  -11.247 -7.056  1.00 40.60  ? 100 GLN A O   1 
ATOM   223 C  CB  . GLN A 1 45 ? 12.595  -10.895 -9.984  1.00 44.82  ? 100 GLN A CB  1 
ATOM   224 C  CG  . GLN A 1 45 ? 13.379  -11.157 -11.253 1.00 48.91  ? 100 GLN A CG  1 
ATOM   225 C  CD  . GLN A 1 45 ? 13.030  -10.110 -12.209 1.00 52.37  ? 100 GLN A CD  1 
ATOM   226 O  OE1 . GLN A 1 45 ? 11.879  -9.636  -12.213 1.00 55.85  ? 100 GLN A OE1 1 
ATOM   227 N  NE2 . GLN A 1 45 ? 13.993  -9.673  -12.989 1.00 55.49  ? 100 GLN A NE2 1 
ATOM   228 N  N   . PHE A 1 46 ? 10.976  -11.528 -7.313  1.00 37.23  ? 101 PHE A N   1 
ATOM   229 C  CA  . PHE A 1 46 ? 10.624  -11.226 -5.918  1.00 36.44  ? 101 PHE A CA  1 
ATOM   230 C  C   . PHE A 1 46 ? 10.341  -12.569 -5.228  1.00 35.94  ? 101 PHE A C   1 
ATOM   231 O  O   . PHE A 1 46 ? 9.465   -13.280 -5.631  1.00 36.73  ? 101 PHE A O   1 
ATOM   232 C  CB  . PHE A 1 46 ? 9.372   -10.325 -5.892  1.00 35.08  ? 101 PHE A CB  1 
ATOM   233 C  CG  . PHE A 1 46 ? 9.481   -9.014  -6.675  1.00 35.42  ? 101 PHE A CG  1 
ATOM   234 C  CD1 . PHE A 1 46 ? 10.689  -8.419  -6.998  1.00 34.05  ? 101 PHE A CD1 1 
ATOM   235 C  CD2 . PHE A 1 46 ? 8.298   -8.320  -7.006  1.00 36.14  ? 101 PHE A CD2 1 
ATOM   236 C  CE1 . PHE A 1 46 ? 10.736  -7.236  -7.696  1.00 37.31  ? 101 PHE A CE1 1 
ATOM   237 C  CE2 . PHE A 1 46 ? 8.345   -7.126  -7.704  1.00 36.42  ? 101 PHE A CE2 1 
ATOM   238 C  CZ  . PHE A 1 46 ? 9.563   -6.572  -8.025  1.00 38.16  ? 101 PHE A CZ  1 
ATOM   239 N  N   . LYS A 1 47 ? 11.055  -12.851 -4.147  1.00 38.66  ? 102 LYS A N   1 
ATOM   240 C  CA  . LYS A 1 47 ? 10.985  -14.089 -3.414  1.00 41.29  ? 102 LYS A CA  1 
ATOM   241 C  C   . LYS A 1 47 ? 10.193  -13.940 -2.172  1.00 39.41  ? 102 LYS A C   1 
ATOM   242 O  O   . LYS A 1 47 ? 10.378  -12.978 -1.443  1.00 38.11  ? 102 LYS A O   1 
ATOM   243 C  CB  . LYS A 1 47 ? 12.412  -14.512 -2.947  1.00 44.28  ? 102 LYS A CB  1 
ATOM   244 C  CG  . LYS A 1 47 ? 13.465  -14.511 -4.041  1.00 50.12  ? 102 LYS A CG  1 
ATOM   245 C  CD  . LYS A 1 47 ? 13.005  -15.384 -5.210  1.00 57.20  ? 102 LYS A CD  1 
ATOM   246 C  CE  . LYS A 1 47 ? 13.987  -15.314 -6.381  1.00 62.84  ? 102 LYS A CE  1 
ATOM   247 N  NZ  . LYS A 1 47 ? 13.445  -16.187 -7.473  1.00 63.84  ? 102 LYS A NZ  1 
ATOM   248 N  N   . ALA A 1 48 ? 9.391   -14.948 -1.893  1.00 38.49  ? 103 ALA A N   1 
ATOM   249 C  CA  . ALA A 1 48 ? 8.712   -15.119 -0.621  1.00 40.53  ? 103 ALA A CA  1 
ATOM   250 C  C   . ALA A 1 48 ? 9.660   -14.948 0.536   1.00 40.53  ? 103 ALA A C   1 
ATOM   251 O  O   . ALA A 1 48 ? 10.724  -15.567 0.550   1.00 41.06  ? 103 ALA A O   1 
ATOM   252 C  CB  . ALA A 1 48 ? 8.128   -16.534 -0.543  1.00 43.77  ? 103 ALA A CB  1 
ATOM   253 N  N   . GLY A 1 49 ? 9.284   -14.093 1.489   1.00 39.95  ? 104 GLY A N   1 
ATOM   254 C  CA  . GLY A 1 49 ? 10.065  -13.837 2.675   1.00 40.70  ? 104 GLY A CA  1 
ATOM   255 C  C   . GLY A 1 49 ? 11.120  -12.758 2.530   1.00 40.08  ? 104 GLY A C   1 
ATOM   256 O  O   . GLY A 1 49 ? 11.645  -12.320 3.518   1.00 41.25  ? 104 GLY A O   1 
ATOM   257 N  N   . ALA A 1 50 ? 11.468  -12.339 1.305   1.00 39.75  ? 105 ALA A N   1 
ATOM   258 C  CA  . ALA A 1 50 ? 12.382  -11.203 1.133   1.00 39.27  ? 105 ALA A CA  1 
ATOM   259 C  C   . ALA A 1 50 ? 11.674  -9.909  1.494   1.00 38.27  ? 105 ALA A C   1 
ATOM   260 O  O   . ALA A 1 50 ? 10.438  -9.833  1.548   1.00 39.14  ? 105 ALA A O   1 
ATOM   261 C  CB  . ALA A 1 50 ? 12.887  -11.117 -0.300  1.00 38.73  ? 105 ALA A CB  1 
ATOM   262 N  N   . LEU A 1 51 ? 12.459  -8.878  1.672   1.00 37.28  ? 106 LEU A N   1 
ATOM   263 C  CA  . LEU A 1 51 ? 11.936  -7.519  1.889   1.00 36.98  ? 106 LEU A CA  1 
ATOM   264 C  C   . LEU A 1 51 ? 10.894  -7.147  0.826   1.00 34.93  ? 106 LEU A C   1 
ATOM   265 O  O   . LEU A 1 51 ? 11.114  -7.374  -0.368  1.00 33.25  ? 106 LEU A O   1 
ATOM   266 C  CB  . LEU A 1 51 ? 13.069  -6.509  1.813   1.00 38.22  ? 106 LEU A CB  1 
ATOM   267 C  CG  . LEU A 1 51 ? 12.784  -5.091  2.312   1.00 38.08  ? 106 LEU A CG  1 
ATOM   268 C  CD1 . LEU A 1 51 ? 12.664  -5.101  3.824   1.00 37.21  ? 106 LEU A CD1 1 
ATOM   269 C  CD2 . LEU A 1 51 ? 13.841  -4.112  1.815   1.00 38.58  ? 106 LEU A CD2 1 
ATOM   270 N  N   . CYS A 1 52 ? 9.747   -6.631  1.277   1.00 33.70  ? 107 CYS A N   1 
ATOM   271 C  CA  . CYS A 1 52 ? 8.623   -6.338  0.379   1.00 32.84  ? 107 CYS A CA  1 
ATOM   272 C  C   . CYS A 1 52 ? 9.083   -5.460  -0.755  1.00 31.07  ? 107 CYS A C   1 
ATOM   273 O  O   . CYS A 1 52 ? 9.737   -4.455  -0.502  1.00 30.17  ? 107 CYS A O   1 
ATOM   274 C  CB  . CYS A 1 52 ? 7.467   -5.640  1.116   1.00 33.69  ? 107 CYS A CB  1 
ATOM   275 S  SG  . CYS A 1 52 ? 6.131   -5.271  -0.040  1.00 32.90  ? 107 CYS A SG  1 
ATOM   276 N  N   . TRP A 1 53 ? 8.793   -5.864  -1.984  1.00 29.36  ? 108 TRP A N   1 
ATOM   277 C  CA  . TRP A 1 53 ? 9.227   -5.111  -3.115  1.00 31.93  ? 108 TRP A CA  1 
ATOM   278 C  C   . TRP A 1 53 ? 8.621   -3.672  -3.182  1.00 31.76  ? 108 TRP A C   1 
ATOM   279 O  O   . TRP A 1 53 ? 9.223   -2.763  -3.803  1.00 32.35  ? 108 TRP A O   1 
ATOM   280 C  CB  . TRP A 1 53 ? 8.903   -5.886  -4.395  1.00 33.25  ? 108 TRP A CB  1 
ATOM   281 C  CG  . TRP A 1 53 ? 7.395   -5.864  -4.776  1.00 32.78  ? 108 TRP A CG  1 
ATOM   282 C  CD1 . TRP A 1 53 ? 6.453   -6.760  -4.394  1.00 33.89  ? 108 TRP A CD1 1 
ATOM   283 C  CD2 . TRP A 1 53 ? 6.730   -4.882  -5.552  1.00 33.11  ? 108 TRP A CD2 1 
ATOM   284 N  NE1 . TRP A 1 53 ? 5.228   -6.445  -4.931  1.00 33.88  ? 108 TRP A NE1 1 
ATOM   285 C  CE2 . TRP A 1 53 ? 5.358   -5.276  -5.637  1.00 35.95  ? 108 TRP A CE2 1 
ATOM   286 C  CE3 . TRP A 1 53 ? 7.138   -3.725  -6.194  1.00 34.17  ? 108 TRP A CE3 1 
ATOM   287 C  CZ2 . TRP A 1 53 ? 4.402   -4.538  -6.352  1.00 34.26  ? 108 TRP A CZ2 1 
ATOM   288 C  CZ3 . TRP A 1 53 ? 6.194   -2.986  -6.928  1.00 35.42  ? 108 TRP A CZ3 1 
ATOM   289 C  CH2 . TRP A 1 53 ? 4.825   -3.395  -6.981  1.00 35.31  ? 108 TRP A CH2 1 
ATOM   290 N  N   . LEU A 1 54 ? 7.419   -3.504  -2.613  1.00 32.10  ? 109 LEU A N   1 
ATOM   291 C  CA  . LEU A 1 54 ? 6.691   -2.258  -2.742  1.00 32.76  ? 109 LEU A CA  1 
ATOM   292 C  C   . LEU A 1 54 ? 6.994   -1.287  -1.633  1.00 33.55  ? 109 LEU A C   1 
ATOM   293 O  O   . LEU A 1 54 ? 7.305   -0.172  -1.938  1.00 33.87  ? 109 LEU A O   1 
ATOM   294 C  CB  . LEU A 1 54 ? 5.198   -2.484  -2.838  1.00 33.50  ? 109 LEU A CB  1 
ATOM   295 C  CG  . LEU A 1 54 ? 4.294   -1.286  -3.057  1.00 34.44  ? 109 LEU A CG  1 
ATOM   296 C  CD1 . LEU A 1 54 ? 4.658   -0.561  -4.319  1.00 37.23  ? 109 LEU A CD1 1 
ATOM   297 C  CD2 . LEU A 1 54 ? 2.859   -1.780  -3.133  1.00 35.01  ? 109 LEU A CD2 1 
ATOM   298 N  N   . CYS A 1 55 ? 6.877   -1.684  -0.380  1.00 33.36  ? 110 CYS A N   1 
ATOM   299 C  CA  . CYS A 1 55 ? 7.069   -0.760  0.768   1.00 35.08  ? 110 CYS A CA  1 
ATOM   300 C  C   . CYS A 1 55 ? 8.430   -0.852  1.429   1.00 35.96  ? 110 CYS A C   1 
ATOM   301 O  O   . CYS A 1 55 ? 8.723   -0.140  2.428   1.00 34.22  ? 110 CYS A O   1 
ATOM   302 C  CB  . CYS A 1 55 ? 6.033   -1.071  1.852   1.00 32.87  ? 110 CYS A CB  1 
ATOM   303 S  SG  . CYS A 1 55 ? 6.226   -2.584  2.787   1.00 34.97  ? 110 CYS A SG  1 
ATOM   304 N  N   . ARG A 1 56 ? 9.261   -1.744  0.896   1.00 35.63  ? 111 ARG A N   1 
ATOM   305 C  CA  . ARG A 1 56 ? 10.580  -2.038  1.470   1.00 37.79  ? 111 ARG A CA  1 
ATOM   306 C  C   . ARG A 1 56 ? 10.597  -2.124  2.982   1.00 36.52  ? 111 ARG A C   1 
ATOM   307 O  O   . ARG A 1 56 ? 11.489  -1.551  3.653   1.00 40.58  ? 111 ARG A O   1 
ATOM   308 C  CB  . ARG A 1 56 ? 11.682  -1.126  0.952   1.00 41.05  ? 111 ARG A CB  1 
ATOM   309 C  CG  . ARG A 1 56 ? 11.522  0.339   1.170   1.00 43.95  ? 111 ARG A CG  1 
ATOM   310 C  CD  . ARG A 1 56 ? 12.758  0.946   0.613   1.00 49.05  ? 111 ARG A CD  1 
ATOM   311 N  NE  . ARG A 1 56 ? 12.849  2.405   0.621   1.00 53.43  ? 111 ARG A NE  1 
ATOM   312 C  CZ  . ARG A 1 56 ? 13.350  3.141   1.601   1.00 56.10  ? 111 ARG A CZ  1 
ATOM   313 N  NH1 . ARG A 1 56 ? 13.740  2.595   2.742   1.00 60.23  ? 111 ARG A NH1 1 
ATOM   314 N  NH2 . ARG A 1 56 ? 13.444  4.437   1.442   1.00 59.67  ? 111 ARG A NH2 1 
ATOM   315 N  N   . GLY A 1 57 ? 9.629   -2.857  3.539   1.00 36.70  ? 112 GLY A N   1 
ATOM   316 C  CA  . GLY A 1 57 ? 9.674   -3.138  5.004   1.00 37.25  ? 112 GLY A CA  1 
ATOM   317 C  C   . GLY A 1 57 ? 8.968   -2.090  5.854   1.00 38.56  ? 112 GLY A C   1 
ATOM   318 O  O   . GLY A 1 57 ? 8.875   -2.271  7.033   1.00 37.98  ? 112 GLY A O   1 
ATOM   319 N  N   . LYS A 1 58 ? 8.470   -1.009  5.259   1.00 39.83  ? 113 LYS A N   1 
ATOM   320 C  CA  . LYS A 1 58 ? 7.822   0.077   6.028   1.00 42.64  ? 113 LYS A CA  1 
ATOM   321 C  C   . LYS A 1 58 ? 6.398   -0.255  6.373   1.00 42.69  ? 113 LYS A C   1 
ATOM   322 O  O   . LYS A 1 58 ? 5.863   0.367   7.274   1.00 40.14  ? 113 LYS A O   1 
ATOM   323 C  CB  . LYS A 1 58 ? 7.808   1.387   5.291   1.00 44.81  ? 113 LYS A CB  1 
ATOM   324 C  CG  . LYS A 1 58 ? 9.199   1.924   5.148   1.00 49.48  ? 113 LYS A CG  1 
ATOM   325 C  CD  . LYS A 1 58 ? 9.138   3.207   4.363   1.00 56.32  ? 113 LYS A CD  1 
ATOM   326 C  CE  . LYS A 1 58 ? 10.536  3.788   4.172   1.00 61.96  ? 113 LYS A CE  1 
ATOM   327 N  NZ  . LYS A 1 58 ? 10.404  5.035   3.361   1.00 65.91  ? 113 LYS A NZ  1 
ATOM   328 N  N   . LYS A 1 59 ? 5.817   -1.240  5.681   1.00 37.52  ? 114 LYS A N   1 
ATOM   329 C  CA  . LYS A 1 59 ? 4.513   -1.804  6.000   1.00 37.61  ? 114 LYS A CA  1 
ATOM   330 C  C   . LYS A 1 59 ? 3.343   -0.906  5.616   1.00 36.44  ? 114 LYS A C   1 
ATOM   331 O  O   . LYS A 1 59 ? 2.247   -1.332  5.750   1.00 36.82  ? 114 LYS A O   1 
ATOM   332 C  CB  . LYS A 1 59 ? 4.394   -2.271  7.450   1.00 38.01  ? 114 LYS A CB  1 
ATOM   333 C  CG  . LYS A 1 59 ? 5.491   -3.239  7.863   1.00 39.62  ? 114 LYS A CG  1 
ATOM   334 C  CD  . LYS A 1 59 ? 5.527   -3.483  9.385   1.00 42.26  ? 114 LYS A CD  1 
ATOM   335 C  CE  . LYS A 1 59 ? 6.605   -4.492  9.761   1.00 44.50  ? 114 LYS A CE  1 
ATOM   336 N  NZ  . LYS A 1 59 ? 6.612   -4.783  11.223  1.00 49.07  ? 114 LYS A NZ  1 
ATOM   337 N  N   . GLU A 1 60 ? 3.602   0.252   5.014   1.00 36.60  ? 115 GLU A N   1 
ATOM   338 C  CA  . GLU A 1 60 ? 2.574   1.117   4.429   1.00 37.13  ? 115 GLU A CA  1 
ATOM   339 C  C   . GLU A 1 60 ? 3.052   1.778   3.131   1.00 36.75  ? 115 GLU A C   1 
ATOM   340 O  O   . GLU A 1 60 ? 4.265   1.957   2.892   1.00 39.26  ? 115 GLU A O   1 
ATOM   341 C  CB  . GLU A 1 60 ? 2.226   2.293   5.398   1.00 36.02  ? 115 GLU A CB  1 
ATOM   342 C  CG  . GLU A 1 60 ? 1.826   1.922   6.824   1.00 35.51  ? 115 GLU A CG  1 
ATOM   343 C  CD  . GLU A 1 60 ? 1.218   3.130   7.550   1.00 37.48  ? 115 GLU A CD  1 
ATOM   344 O  OE1 . GLU A 1 60 ? 1.913   4.045   8.030   1.00 36.91  ? 115 GLU A OE1 1 
ATOM   345 O  OE2 . GLU A 1 60 ? -0.014  3.149   7.597   1.00 38.40  ? 115 GLU A OE2 1 
ATOM   346 N  N   . VAL A 1 61 ? 2.052   2.190   2.370   1.00 35.89  ? 116 VAL A N   1 
ATOM   347 C  CA  . VAL A 1 61 ? 2.193   2.991   1.175   1.00 39.11  ? 116 VAL A CA  1 
ATOM   348 C  C   . VAL A 1 61 ? 1.141   4.124   1.215   1.00 41.02  ? 116 VAL A C   1 
ATOM   349 O  O   . VAL A 1 61 ? 0.279   4.151   2.091   1.00 39.42  ? 116 VAL A O   1 
ATOM   350 C  CB  . VAL A 1 61 ? 1.982   2.093   -0.069  1.00 38.86  ? 116 VAL A CB  1 
ATOM   351 C  CG1 . VAL A 1 61 ? 2.968   0.915   0.009   1.00 39.17  ? 116 VAL A CG1 1 
ATOM   352 C  CG2 . VAL A 1 61 ? 0.551   1.550   -0.190  1.00 38.04  ? 116 VAL A CG2 1 
ATOM   353 N  N   . LEU A 1 62 ? 1.186   5.008   0.243   1.00 41.06  ? 117 LEU A N   1 
ATOM   354 C  CA  . LEU A 1 62 ? 0.117   5.974   0.019   1.00 44.17  ? 117 LEU A CA  1 
ATOM   355 C  C   . LEU A 1 62 ? -1.089  5.356   -0.637  1.00 46.67  ? 117 LEU A C   1 
ATOM   356 O  O   . LEU A 1 62 ? -0.986  4.454   -1.444  1.00 44.98  ? 117 LEU A O   1 
ATOM   357 C  CB  . LEU A 1 62 ? 0.594   7.148   -0.809  1.00 45.66  ? 117 LEU A CB  1 
ATOM   358 C  CG  . LEU A 1 62 ? 1.692   7.976   -0.108  1.00 46.63  ? 117 LEU A CG  1 
ATOM   359 C  CD1 . LEU A 1 62 ? 2.051   9.175   -0.968  1.00 49.12  ? 117 LEU A CD1 1 
ATOM   360 C  CD2 . LEU A 1 62 ? 1.265   8.449   1.285   1.00 46.50  ? 117 LEU A CD2 1 
ATOM   361 N  N   . CYS A 1 63 ? -2.259  5.864   -0.274  1.00 45.66  ? 118 CYS A N   1 
ATOM   362 C  CA  . CYS A 1 63 ? -3.489  5.354   -0.831  1.00 47.25  ? 118 CYS A CA  1 
ATOM   363 C  C   . CYS A 1 63 ? -3.580  5.728   -2.310  1.00 49.62  ? 118 CYS A C   1 
ATOM   364 O  O   . CYS A 1 63 ? -3.422  6.899   -2.678  1.00 48.36  ? 118 CYS A O   1 
ATOM   365 C  CB  . CYS A 1 63 ? -4.674  5.950   -0.082  1.00 44.19  ? 118 CYS A CB  1 
ATOM   366 S  SG  . CYS A 1 63 ? -6.267  5.602   -0.813  1.00 46.24  ? 118 CYS A SG  1 
ATOM   367 N  N   . GLY A 1 64 ? -3.914  4.740   -3.127  1.00 50.63  ? 119 GLY A N   1 
ATOM   368 C  CA  . GLY A 1 64 ? -4.004  4.928   -4.574  1.00 53.90  ? 119 GLY A CA  1 
ATOM   369 C  C   . GLY A 1 64 ? -5.130  5.802   -5.055  1.00 56.70  ? 119 GLY A C   1 
ATOM   370 O  O   . GLY A 1 64 ? -5.013  6.417   -6.119  1.00 60.14  ? 119 GLY A O   1 
ATOM   371 N  N   . ASP A 1 65 ? -6.220  5.881   -4.293  1.00 54.58  ? 120 ASP A N   1 
ATOM   372 C  CA  . ASP A 1 65 ? -7.371  6.657   -4.716  1.00 55.89  ? 120 ASP A CA  1 
ATOM   373 C  C   . ASP A 1 65 ? -7.200  8.143   -4.514  1.00 55.75  ? 120 ASP A C   1 
ATOM   374 O  O   . ASP A 1 65 ? -7.717  8.928   -5.304  1.00 60.07  ? 120 ASP A O   1 
ATOM   375 C  CB  . ASP A 1 65 ? -8.622  6.220   -3.963  1.00 57.53  ? 120 ASP A CB  1 
ATOM   376 C  CG  . ASP A 1 65 ? -9.154  4.876   -4.422  1.00 59.87  ? 120 ASP A CG  1 
ATOM   377 O  OD1 . ASP A 1 65 ? -8.434  4.058   -5.017  1.00 60.10  ? 120 ASP A OD1 1 
ATOM   378 O  OD2 . ASP A 1 65 ? -10.362 4.670   -4.220  1.00 66.37  ? 120 ASP A OD2 1 
ATOM   379 N  N   . CYS A 1 66 ? -6.565  8.536   -3.407  1.00 52.47  ? 121 CYS A N   1 
ATOM   380 C  CA  . CYS A 1 66 ? -6.410  9.942   -3.055  1.00 51.64  ? 121 CYS A CA  1 
ATOM   381 C  C   . CYS A 1 66 ? -4.950  10.379  -3.117  1.00 52.39  ? 121 CYS A C   1 
ATOM   382 O  O   . CYS A 1 66 ? -4.660  11.538  -2.817  1.00 50.23  ? 121 CYS A O   1 
ATOM   383 C  CB  . CYS A 1 66 ? -6.983  10.203  -1.639  1.00 49.10  ? 121 CYS A CB  1 
ATOM   384 S  SG  . CYS A 1 66 ? -6.074  9.399   -0.334  1.00 44.22  ? 121 CYS A SG  1 
ATOM   385 N  N   . ASN A 1 67 ? -4.034  9.465   -3.457  1.00 52.86  ? 122 ASN A N   1 
ATOM   386 C  CA  . ASN A 1 67 ? -2.581  9.754   -3.447  1.00 56.45  ? 122 ASN A CA  1 
ATOM   387 C  C   . ASN A 1 67 ? -2.064  10.335  -2.127  1.00 53.80  ? 122 ASN A C   1 
ATOM   388 O  O   . ASN A 1 67 ? -1.222  11.245  -2.110  1.00 51.75  ? 122 ASN A O   1 
ATOM   389 C  CB  . ASN A 1 67 ? -2.216  10.710  -4.598  1.00 62.77  ? 122 ASN A CB  1 
ATOM   390 C  CG  . ASN A 1 67 ? -2.562  10.134  -5.946  1.00 68.36  ? 122 ASN A CG  1 
ATOM   391 O  OD1 . ASN A 1 67 ? -2.156  9.014   -6.275  1.00 70.05  ? 122 ASN A OD1 1 
ATOM   392 N  ND2 . ASN A 1 67 ? -3.332  10.884  -6.737  1.00 74.24  ? 122 ASN A ND2 1 
ATOM   393 N  N   . GLY A 1 68 ? -2.631  9.859   -1.026  1.00 50.68  ? 123 GLY A N   1 
ATOM   394 C  CA  . GLY A 1 68 ? -2.225  10.295  0.284   1.00 48.09  ? 123 GLY A CA  1 
ATOM   395 C  C   . GLY A 1 68 ? -2.846  11.558  0.812   1.00 48.23  ? 123 GLY A C   1 
ATOM   396 O  O   . GLY A 1 68 ? -2.523  11.936  1.931   1.00 50.45  ? 123 GLY A O   1 
ATOM   397 N  N   . ALA A 1 69 ? -3.724  12.231  0.055   1.00 50.81  ? 124 ALA A N   1 
ATOM   398 C  CA  . ALA A 1 69 ? -4.429  13.438  0.555   1.00 48.56  ? 124 ALA A CA  1 
ATOM   399 C  C   . ALA A 1 69 ? -5.435  13.159  1.692   1.00 47.03  ? 124 ALA A C   1 
ATOM   400 O  O   . ALA A 1 69 ? -5.768  14.062  2.478   1.00 47.74  ? 124 ALA A O   1 
ATOM   401 C  CB  . ALA A 1 69 ? -5.151  14.119  -0.595  1.00 50.80  ? 124 ALA A CB  1 
ATOM   402 N  N   . GLY A 1 70 ? -5.972  11.930  1.714   1.00 43.99  ? 125 GLY A N   1 
ATOM   403 C  CA  . GLY A 1 70 ? -7.112  11.559  2.542   1.00 42.70  ? 125 GLY A CA  1 
ATOM   404 C  C   . GLY A 1 70 ? -8.491  11.988  2.089   1.00 43.66  ? 125 GLY A C   1 
ATOM   405 O  O   . GLY A 1 70 ? -9.456  11.505  2.659   1.00 41.88  ? 125 GLY A O   1 
ATOM   406 N  N   . PHE A 1 71 ? -8.586  12.921  1.121   1.00 46.58  ? 126 PHE A N   1 
ATOM   407 C  CA  . PHE A 1 71 ? -9.840  13.492  0.619   1.00 47.84  ? 126 PHE A CA  1 
ATOM   408 C  C   . PHE A 1 71 ? -9.827  13.393  -0.908  1.00 52.53  ? 126 PHE A C   1 
ATOM   409 O  O   . PHE A 1 71 ? -8.768  13.364  -1.521  1.00 51.46  ? 126 PHE A O   1 
ATOM   410 C  CB  . PHE A 1 71 ? -9.965  14.961  0.994   1.00 48.36  ? 126 PHE A CB  1 
ATOM   411 C  CG  . PHE A 1 71 ? -10.146 15.183  2.454   1.00 45.54  ? 126 PHE A CG  1 
ATOM   412 C  CD1 . PHE A 1 71 ? -9.051  15.134  3.303   1.00 43.69  ? 126 PHE A CD1 1 
ATOM   413 C  CD2 . PHE A 1 71 ? -11.400 15.374  2.991   1.00 45.85  ? 126 PHE A CD2 1 
ATOM   414 C  CE1 . PHE A 1 71 ? -9.197  15.272  4.679   1.00 42.29  ? 126 PHE A CE1 1 
ATOM   415 C  CE2 . PHE A 1 71 ? -11.573 15.542  4.359   1.00 44.87  ? 126 PHE A CE2 1 
ATOM   416 C  CZ  . PHE A 1 71 ? -10.472 15.486  5.209   1.00 42.88  ? 126 PHE A CZ  1 
ATOM   417 N  N   . ILE A 1 72 ? -11.011 13.331  -1.501  1.00 57.05  ? 127 ILE A N   1 
ATOM   418 C  CA  . ILE A 1 72 ? -11.200 13.445  -2.940  1.00 64.62  ? 127 ILE A CA  1 
ATOM   419 C  C   . ILE A 1 72 ? -11.954 14.761  -3.189  1.00 70.40  ? 127 ILE A C   1 
ATOM   420 O  O   . ILE A 1 72 ? -12.885 15.059  -2.462  1.00 70.55  ? 127 ILE A O   1 
ATOM   421 C  CB  . ILE A 1 72 ? -12.084 12.292  -3.471  1.00 66.76  ? 127 ILE A CB  1 
ATOM   422 C  CG1 . ILE A 1 72 ? -11.550 10.909  -3.056  1.00 64.87  ? 127 ILE A CG1 1 
ATOM   423 C  CG2 . ILE A 1 72 ? -12.231 12.393  -4.986  1.00 72.06  ? 127 ILE A CG2 1 
ATOM   424 C  CD1 . ILE A 1 72 ? -10.129 10.627  -3.467  1.00 63.39  ? 127 ILE A CD1 1 
ATOM   425 N  N   . GLY A 1 73 ? -11.584 15.531  -4.213  1.00 77.86  ? 128 GLY A N   1 
ATOM   426 C  CA  . GLY A 1 73 ? -12.367 16.743  -4.608  1.00 83.92  ? 128 GLY A CA  1 
ATOM   427 C  C   . GLY A 1 73 ? -13.757 16.489  -5.236  1.00 91.18  ? 128 GLY A C   1 
ATOM   428 O  O   . GLY A 1 73 ? -14.262 15.364  -5.231  1.00 93.96  ? 128 GLY A O   1 
ATOM   429 N  N   . GLY A 1 74 ? -14.378 17.538  -5.792  1.00 97.49  ? 129 GLY A N   1 
ATOM   430 C  CA  . GLY A 1 74 ? -15.764 17.476  -6.288  1.00 100.40 ? 129 GLY A CA  1 
ATOM   431 C  C   . GLY A 1 74 ? -15.888 16.814  -7.639  1.00 103.65 ? 129 GLY A C   1 
ATOM   432 O  O   . GLY A 1 74 ? -16.284 17.468  -8.606  1.00 107.81 ? 129 GLY A O   1 
HETATM 433 ZN ZN  . ZN  B 2 .  ? -7.382  7.490   0.228   1.00 54.95  ? 201 ZN  A ZN  1 
HETATM 434 ZN ZN  . ZN  C 2 .  ? 4.823   -4.118  1.665   1.00 44.65  ? 202 ZN  A ZN  1 
HETATM 435 ZN ZN  . ZN  D 2 .  ? -1.008  4.954   8.022   1.00 46.67  ? 203 ZN  A ZN  1 
HETATM 436 O  O   . HOH E 3 .  ? -7.419  3.412   6.419   1.00 35.49  ? 301 HOH A O   1 
HETATM 437 O  O   . HOH E 3 .  ? 6.212   2.676   1.298   1.00 45.24  ? 302 HOH A O   1 
HETATM 438 O  O   . HOH E 3 .  ? 13.462  0.176   3.877   1.00 36.21  ? 303 HOH A O   1 
HETATM 439 O  O   . HOH E 3 .  ? -5.082  12.540  5.671   1.00 52.63  ? 304 HOH A O   1 
HETATM 440 O  O   . HOH E 3 .  ? 1.058   -9.612  -4.700  1.00 38.56  ? 305 HOH A O   1 
HETATM 441 O  O   . HOH E 3 .  ? -0.323  -3.309  -4.657  1.00 44.34  ? 306 HOH A O   1 
HETATM 442 O  O   . HOH E 3 .  ? -3.878  1.166   7.666   1.00 39.48  ? 307 HOH A O   1 
HETATM 443 O  O   . HOH E 3 .  ? 5.334   -8.016  -1.250  1.00 31.51  ? 308 HOH A O   1 
HETATM 444 O  O   . HOH E 3 .  ? 4.461   -9.827  4.892   1.00 40.92  ? 309 HOH A O   1 
HETATM 445 O  O   . HOH E 3 .  ? 9.150   -1.799  9.714   1.00 49.73  ? 310 HOH A O   1 
HETATM 446 O  O   . HOH E 3 .  ? -1.452  0.922   8.333   1.00 41.33  ? 311 HOH A O   1 
HETATM 447 O  O   . HOH E 3 .  ? 0.570   -1.372  7.941   1.00 45.37  ? 312 HOH A O   1 
HETATM 448 O  O   . HOH E 3 .  ? 11.786  -8.259  -2.909  1.00 31.25  ? 313 HOH A O   1 
HETATM 449 O  O   . HOH E 3 .  ? 14.888  -9.060  -7.002  1.00 38.30  ? 314 HOH A O   1 
HETATM 450 O  O   . HOH E 3 .  ? 11.056  -0.897  -2.742  0.50 65.30  ? 315 HOH A O   1 
HETATM 451 O  O   . HOH E 3 .  ? 1.473   -10.613 -2.222  1.00 37.19  ? 316 HOH A O   1 
HETATM 452 O  O   . HOH E 3 .  ? 4.156   -10.376 -2.027  1.00 33.56  ? 317 HOH A O   1 
HETATM 453 O  O   . HOH E 3 .  ? 4.474   -18.291 -3.630  1.00 54.62  ? 318 HOH A O   1 
HETATM 454 O  O   . HOH E 3 .  ? 11.365  -6.780  -11.672 1.00 36.25  ? 319 HOH A O   1 
HETATM 455 O  O   . HOH E 3 .  ? -14.685 9.693   -1.286  1.00 64.60  ? 320 HOH A O   1 
HETATM 456 O  O   . HOH E 3 .  ? 11.522  -3.605  -5.563  1.00 31.61  ? 321 HOH A O   1 
HETATM 457 O  O   . HOH E 3 .  ? -4.923  0.036   5.869   1.00 46.82  ? 322 HOH A O   1 
HETATM 458 O  O   . HOH E 3 .  ? -14.504 2.162   10.084  1.00 57.53  ? 323 HOH A O   1 
HETATM 459 O  O   . HOH E 3 .  ? 0.697   -9.788  7.871   1.00 62.12  ? 324 HOH A O   1 
HETATM 460 O  O   . HOH E 3 .  ? 10.252  1.605   -2.021  0.50 80.39  ? 325 HOH A O   1 
HETATM 461 O  O   . HOH E 3 .  ? -9.517  17.549  -2.132  1.00 64.86  ? 326 HOH A O   1 
HETATM 462 O  O   . HOH E 3 .  ? -7.231  1.070   4.907   1.00 50.31  ? 327 HOH A O   1 
HETATM 463 O  O   . HOH E 3 .  ? 0.912   -2.297  -6.620  0.50 28.59  ? 328 HOH A O   1 
HETATM 464 O  O   . HOH E 3 .  ? 12.656  -5.878  -4.177  0.50 52.90  ? 329 HOH A O   1 
# 
loop_
_atom_site_anisotrop.id 
_atom_site_anisotrop.type_symbol 
_atom_site_anisotrop.pdbx_label_atom_id 
_atom_site_anisotrop.pdbx_label_alt_id 
_atom_site_anisotrop.pdbx_label_comp_id 
_atom_site_anisotrop.pdbx_label_asym_id 
_atom_site_anisotrop.pdbx_label_seq_id 
_atom_site_anisotrop.pdbx_PDB_ins_code 
_atom_site_anisotrop.U[1][1] 
_atom_site_anisotrop.U[2][2] 
_atom_site_anisotrop.U[3][3] 
_atom_site_anisotrop.U[1][2] 
_atom_site_anisotrop.U[1][3] 
_atom_site_anisotrop.U[2][3] 
_atom_site_anisotrop.pdbx_auth_seq_id 
_atom_site_anisotrop.pdbx_auth_comp_id 
_atom_site_anisotrop.pdbx_auth_asym_id 
_atom_site_anisotrop.pdbx_auth_atom_id 
1   N  N   . ASN A 13 ? 1.4018 1.2380 1.0341 0.5894  -0.1670 -0.0082 68  ASN A N   
2   C  CA  . ASN A 13 ? 1.2914 1.1539 1.0058 0.5169  -0.1376 -0.0040 68  ASN A CA  
3   C  C   . ASN A 13 ? 1.2235 1.1264 0.9860 0.4650  -0.1352 -0.0103 68  ASN A C   
4   O  O   . ASN A 13 ? 1.2485 1.1778 1.0023 0.4816  -0.1629 -0.0273 68  ASN A O   
5   C  CB  . ASN A 13 ? 1.2442 1.1717 1.0369 0.5074  -0.1588 -0.0367 68  ASN A CB  
6   C  CG  . ASN A 13 ? 1.2049 1.1231 1.0408 0.4593  -0.1219 -0.0217 68  ASN A CG  
7   O  OD1 . ASN A 13 ? 1.1365 1.0768 1.0212 0.4030  -0.1029 -0.0187 68  ASN A OD1 
8   N  ND2 . ASN A 13 ? 1.2451 1.1288 1.0599 0.4844  -0.1119 -0.0131 68  ASN A ND2 
9   N  N   . SER A 14 ? 1.1246 1.0332 0.9370 0.4055  -0.1039 0.0009  69  SER A N   
10  C  CA  . SER A 14 ? 1.0415 0.9796 0.8944 0.3558  -0.0964 -0.0006 69  SER A CA  
11  C  C   . SER A 14 ? 0.9123 0.9315 0.8522 0.3238  -0.1178 -0.0348 69  SER A C   
12  O  O   . SER A 14 ? 0.9152 0.9653 0.9016 0.3166  -0.1220 -0.0510 69  SER A O   
13  C  CB  . SER A 14 ? 1.0310 0.9335 0.8894 0.3129  -0.0530 0.0258  69  SER A CB  
14  O  OG  . SER A 14 ? 0.9993 0.9367 0.9217 0.2787  -0.0458 0.0153  69  SER A OG  
15  N  N   . LEU A 15 ? 0.8207 0.8694 0.7813 0.3054  -0.1276 -0.0455 70  LEU A N   
16  C  CA  . LEU A 15 ? 0.7602 0.8740 0.7998 0.2711  -0.1377 -0.0749 70  LEU A CA  
17  C  C   . LEU A 15 ? 0.6767 0.7824 0.7261 0.2256  -0.1135 -0.0572 70  LEU A C   
18  O  O   . LEU A 15 ? 0.6527 0.7260 0.6578 0.2301  -0.1073 -0.0390 70  LEU A O   
19  C  CB  . LEU A 15 ? 0.7887 0.9478 0.8476 0.2953  -0.1736 -0.1106 70  LEU A CB  
20  C  CG  . LEU A 15 ? 0.8707 1.0620 0.9421 0.3411  -0.2078 -0.1448 70  LEU A CG  
21  C  CD1 . LEU A 15 ? 0.9548 1.0917 0.9462 0.3937  -0.2118 -0.1236 70  LEU A CD1 
22  C  CD2 . LEU A 15 ? 0.8781 1.1179 0.9734 0.3623  -0.2432 -0.1852 70  LEU A CD2 
23  N  N   . VAL A 16 ? 0.6086 0.7429 0.7136 0.1855  -0.1002 -0.0643 71  VAL A N   
24  C  CA  . VAL A 16 ? 0.5887 0.7216 0.7056 0.1474  -0.0823 -0.0532 71  VAL A CA  
25  C  C   . VAL A 16 ? 0.5670 0.7159 0.6851 0.1503  -0.0976 -0.0650 71  VAL A C   
26  O  O   . VAL A 16 ? 0.5743 0.7595 0.7204 0.1666  -0.1208 -0.0949 71  VAL A O   
27  C  CB  . VAL A 16 ? 0.5513 0.7110 0.7214 0.1112  -0.0666 -0.0616 71  VAL A CB  
28  C  CG1 . VAL A 16 ? 0.5294 0.7377 0.7580 0.1080  -0.0788 -0.0964 71  VAL A CG1 
29  C  CG2 . VAL A 16 ? 0.5409 0.6898 0.7082 0.0800  -0.0487 -0.0468 71  VAL A CG2 
30  N  N   . CYS A 17 ? 0.5303 0.6537 0.6217 0.1357  -0.0850 -0.0448 72  CYS A N   
31  C  CA  . CYS A 17 ? 0.5380 0.6687 0.6224 0.1397  -0.0970 -0.0519 72  CYS A CA  
32  C  C   . CYS A 17 ? 0.5354 0.7089 0.6806 0.1139  -0.0992 -0.0764 72  CYS A C   
33  O  O   . CYS A 17 ? 0.5098 0.6840 0.6785 0.0812  -0.0787 -0.0694 72  CYS A O   
34  C  CB  . CYS A 17 ? 0.5301 0.6215 0.5733 0.1297  -0.0803 -0.0248 72  CYS A CB  
35  S  SG  . CYS A 17 ? 0.5633 0.6627 0.5948 0.1374  -0.0963 -0.0343 72  CYS A SG  
36  N  N   . ALA A 18 ? 0.5602 0.7659 0.7273 0.1316  -0.1228 -0.1063 73  ALA A N   
37  C  CA  . ALA A 18 ? 0.5510 0.7972 0.7838 0.1091  -0.1220 -0.1364 73  ALA A CA  
38  C  C   . ALA A 18 ? 0.5447 0.7779 0.7758 0.0820  -0.1064 -0.1240 73  ALA A C   
39  O  O   . ALA A 18 ? 0.5684 0.8146 0.8443 0.0532  -0.0887 -0.1335 73  ALA A O   
40  C  CB  . ALA A 18 ? 0.5766 0.8656 0.8396 0.1387  -0.1540 -0.1791 73  ALA A CB  
41  N  N   . ASN A 19 ? 0.5365 0.7400 0.7152 0.0917  -0.1094 -0.1023 74  ASN A N   
42  C  CA  . ASN A 19 ? 0.5267 0.7184 0.7039 0.0683  -0.0961 -0.0915 74  ASN A CA  
43  C  C   . ASN A 19 ? 0.5031 0.6707 0.6752 0.0390  -0.0684 -0.0656 74  ASN A C   
44  O  O   . ASN A 19 ? 0.5244 0.6956 0.7217 0.0161  -0.0543 -0.0684 74  ASN A O   
45  C  CB  . ASN A 19 ? 0.5491 0.7141 0.6712 0.0865  -0.1047 -0.0759 74  ASN A CB  
46  C  CG  . ASN A 19 ? 0.5462 0.7031 0.6714 0.0639  -0.0935 -0.0686 74  ASN A CG  
47  O  OD1 . ASN A 19 ? 0.6014 0.7830 0.7639 0.0559  -0.0982 -0.0912 74  ASN A OD1 
48  N  ND2 . ASN A 19 ? 0.5422 0.6663 0.6343 0.0537  -0.0778 -0.0407 74  ASN A ND2 
49  N  N   . CYS A 20 ? 0.4736 0.6153 0.6121 0.0423  -0.0601 -0.0425 75  CYS A N   
50  C  CA  . CYS A 20 ? 0.4357 0.5599 0.5697 0.0199  -0.0385 -0.0237 75  CYS A CA  
51  C  C   . CYS A 20 ? 0.4369 0.5715 0.5949 0.0112  -0.0280 -0.0278 75  CYS A C   
52  O  O   . CYS A 20 ? 0.4181 0.5415 0.5715 -0.0038 -0.0120 -0.0164 75  CYS A O   
53  C  CB  . CYS A 20 ? 0.4608 0.5532 0.5523 0.0258  -0.0330 -0.0017 75  CYS A CB  
54  S  SG  . CYS A 20 ? 0.4723 0.5476 0.5387 0.0499  -0.0350 0.0045  75  CYS A SG  
55  N  N   . GLU A 21 ? 0.4287 0.5856 0.6110 0.0237  -0.0386 -0.0465 76  GLU A N   
56  C  CA  . GLU A 21 ? 0.4483 0.6154 0.6529 0.0190  -0.0301 -0.0521 76  GLU A CA  
57  C  C   . GLU A 21 ? 0.4447 0.5878 0.6193 0.0208  -0.0212 -0.0314 76  GLU A C   
58  O  O   . GLU A 21 ? 0.4151 0.5601 0.6016 0.0083  -0.0070 -0.0302 76  GLU A O   
59  C  CB  . GLU A 21 ? 0.4627 0.6399 0.7023 -0.0056 -0.0102 -0.0610 76  GLU A CB  
60  C  CG  . GLU A 21 ? 0.5294 0.7253 0.8040 -0.0121 -0.0119 -0.0824 76  GLU A CG  
61  C  CD  . GLU A 21 ? 0.5609 0.7728 0.8874 -0.0307 0.0096  -0.1034 76  GLU A CD  
62  O  OE1 . GLU A 21 ? 0.6235 0.8173 0.9424 -0.0450 0.0341  -0.0906 76  GLU A OE1 
63  O  OE2 . GLU A 21 ? 0.6350 0.8773 1.0121 -0.0302 0.0039  -0.1357 76  GLU A OE2 
64  N  N   . GLY A 22 ? 0.4152 0.5342 0.5523 0.0360  -0.0263 -0.0171 77  GLY A N   
65  C  CA  . GLY A 22 ? 0.4357 0.5303 0.5514 0.0363  -0.0140 -0.0017 77  GLY A CA  
66  C  C   . GLY A 22 ? 0.3998 0.4771 0.5013 0.0205  -0.0006 0.0111  77  GLY A C   
67  O  O   . GLY A 22 ? 0.3886 0.4479 0.4796 0.0209  0.0102  0.0182  77  GLY A O   
68  N  N   . GLU A 23 ? 0.3881 0.4714 0.4928 0.0082  -0.0008 0.0109  78  GLU A N   
69  C  CA  . GLU A 23 ? 0.3931 0.4642 0.4857 -0.0030 0.0079  0.0191  78  GLU A CA  
70  C  C   . GLU A 23 ? 0.4196 0.4676 0.4913 0.0042  0.0112  0.0268  78  GLU A C   
71  O  O   . GLU A 23 ? 0.4150 0.4547 0.4861 -0.0022 0.0208  0.0278  78  GLU A O   
72  C  CB  . GLU A 23 ? 0.3768 0.4537 0.4722 -0.0134 0.0072  0.0183  78  GLU A CB  
73  C  CG  . GLU A 23 ? 0.3886 0.4560 0.4705 -0.0202 0.0127  0.0238  78  GLU A CG  
74  C  CD  . GLU A 23 ? 0.3894 0.4549 0.4675 -0.0261 0.0130  0.0254  78  GLU A CD  
75  O  OE1 . GLU A 23 ? 0.4160 0.4735 0.4803 -0.0269 0.0140  0.0289  78  GLU A OE1 
76  O  OE2 . GLU A 23 ? 0.3911 0.4631 0.4830 -0.0297 0.0137  0.0209  78  GLU A OE2 
77  N  N   . GLY A 24 ? 0.4363 0.4728 0.4911 0.0192  0.0048  0.0298  79  GLY A N   
78  C  CA  . GLY A 24 ? 0.4562 0.4625 0.4854 0.0267  0.0144  0.0388  79  GLY A CA  
79  C  C   . GLY A 24 ? 0.4577 0.4625 0.4827 0.0172  0.0140  0.0402  79  GLY A C   
80  O  O   . GLY A 24 ? 0.4861 0.4783 0.4896 0.0276  0.0102  0.0439  79  GLY A O   
81  N  N   . CYS A 25 ? 0.4386 0.4545 0.4804 0.0009  0.0178  0.0365  80  CYS A N   
82  C  CA  . CYS A 25 ? 0.4422 0.4615 0.4830 -0.0070 0.0140  0.0360  80  CYS A CA  
83  C  C   . CYS A 25 ? 0.4621 0.4996 0.5108 -0.0099 0.0025  0.0333  80  CYS A C   
84  O  O   . CYS A 25 ? 0.4552 0.5059 0.5168 -0.0097 0.0002  0.0291  80  CYS A O   
85  C  CB  . CYS A 25 ? 0.4144 0.4370 0.4664 -0.0165 0.0205  0.0301  80  CYS A CB  
86  S  SG  . CYS A 25 ? 0.4063 0.4461 0.4737 -0.0197 0.0215  0.0224  80  CYS A SG  
87  N  N   . VAL A 26 ? 0.4250 0.4627 0.4704 -0.0131 -0.0020 0.0334  81  VAL A N   
88  C  CA  . VAL A 26 ? 0.4299 0.4799 0.4880 -0.0192 -0.0061 0.0288  81  VAL A CA  
89  C  C   . VAL A 26 ? 0.4708 0.5139 0.5230 -0.0258 -0.0040 0.0318  81  VAL A C   
90  O  O   . VAL A 26 ? 0.4316 0.4654 0.4731 -0.0244 -0.0035 0.0344  81  VAL A O   
91  C  CB  . VAL A 26 ? 0.4639 0.5242 0.5293 -0.0116 -0.0167 0.0201  81  VAL A CB  
92  C  CG1 . VAL A 26 ? 0.4819 0.5528 0.5559 -0.0017 -0.0213 0.0138  81  VAL A CG1 
93  C  CG2 . VAL A 26 ? 0.5038 0.5521 0.5469 -0.0014 -0.0231 0.0226  81  VAL A CG2 
94  N  N   . ALA A 27 ? 0.4413 0.4861 0.5014 -0.0324 0.0004  0.0305  82  ALA A N   
95  C  CA  . ALA A 27 ? 0.4683 0.5026 0.5201 -0.0355 0.0026  0.0337  82  ALA A CA  
96  C  C   . ALA A 27 ? 0.4407 0.4749 0.4916 -0.0339 -0.0056 0.0310  82  ALA A C   
97  O  O   . ALA A 27 ? 0.4284 0.4719 0.4881 -0.0307 -0.0122 0.0241  82  ALA A O   
98  C  CB  . ALA A 27 ? 0.4419 0.4703 0.5024 -0.0421 0.0145  0.0328  82  ALA A CB  
99  N  N   . CYS A 28 ? 0.4583 0.4832 0.4974 -0.0332 -0.0064 0.0343  83  CYS A N   
100 C  CA  . CYS A 28 ? 0.4451 0.4678 0.4812 -0.0316 -0.0120 0.0319  83  CYS A CA  
101 C  C   . CYS A 28 ? 0.4392 0.4670 0.4891 -0.0356 -0.0136 0.0252  83  CYS A C   
102 O  O   . CYS A 28 ? 0.4518 0.4732 0.5077 -0.0416 -0.0061 0.0262  83  CYS A O   
103 C  CB  . CYS A 28 ? 0.4379 0.4518 0.4657 -0.0317 -0.0110 0.0333  83  CYS A CB  
104 S  SG  . CYS A 28 ? 0.4343 0.4428 0.4571 -0.0307 -0.0143 0.0302  83  CYS A SG  
105 N  N   . SER A 29 ? 0.4526 0.4903 0.5068 -0.0300 -0.0224 0.0167  84  SER A N   
106 C  CA  . SER A 29 ? 0.4966 0.5471 0.5738 -0.0327 -0.0265 0.0018  84  SER A CA  
107 C  C   . SER A 29 ? 0.4833 0.5248 0.5585 -0.0372 -0.0249 0.0015  84  SER A C   
108 O  O   . SER A 29 ? 0.4937 0.5407 0.5928 -0.0442 -0.0216 -0.0100 84  SER A O   
109 C  CB  . SER A 29 ? 0.5375 0.6044 0.6141 -0.0174 -0.0424 -0.0120 84  SER A CB  
110 O  OG  . SER A 29 ? 0.6080 0.6585 0.6456 -0.0035 -0.0461 -0.0009 84  SER A OG  
111 N  N   . GLN A 30 ? 0.4578 0.4856 0.5099 -0.0345 -0.0251 0.0116  85  GLN A N   
112 C  CA  . GLN A 30 ? 0.4424 0.4621 0.4935 -0.0380 -0.0242 0.0105  85  GLN A CA  
113 C  C   . GLN A 30 ? 0.4493 0.4556 0.5035 -0.0445 -0.0140 0.0169  85  GLN A C   
114 O  O   . GLN A 30 ? 0.4865 0.4871 0.5526 -0.0497 -0.0089 0.0123  85  GLN A O   
115 C  CB  . GLN A 30 ? 0.4282 0.4387 0.4576 -0.0320 -0.0259 0.0151  85  GLN A CB  
116 C  CG  . GLN A 30 ? 0.4228 0.4352 0.4362 -0.0202 -0.0323 0.0107  85  GLN A CG  
117 C  CD  . GLN A 30 ? 0.4477 0.4711 0.4689 -0.0167 -0.0421 -0.0036 85  GLN A CD  
118 O  OE1 . GLN A 30 ? 0.4199 0.4403 0.4474 -0.0227 -0.0406 -0.0068 85  GLN A OE1 
119 N  NE2 . GLN A 30 ? 0.4512 0.4893 0.4731 -0.0048 -0.0535 -0.0155 85  GLN A NE2 
120 N  N   . CYS A 31 ? 0.4514 0.4502 0.4926 -0.0418 -0.0104 0.0264  86  CYS A N   
121 C  CA  . CYS A 31 ? 0.4628 0.4435 0.4941 -0.0400 -0.0022 0.0335  86  CYS A CA  
122 C  C   . CYS A 31 ? 0.4797 0.4526 0.5125 -0.0423 0.0109  0.0377  86  CYS A C   
123 O  O   . CYS A 31 ? 0.4847 0.4348 0.4997 -0.0369 0.0217  0.0461  86  CYS A O   
124 C  CB  . CYS A 31 ? 0.4811 0.4602 0.4956 -0.0305 -0.0083 0.0362  86  CYS A CB  
125 S  SG  . CYS A 31 ? 0.4502 0.4419 0.4632 -0.0276 -0.0105 0.0360  86  CYS A SG  
126 N  N   . LYS A 32 ? 0.5032 0.4919 0.5532 -0.0474 0.0108  0.0319  87  LYS A N   
127 C  CA  . LYS A 32 ? 0.5421 0.5261 0.5998 -0.0515 0.0255  0.0328  87  LYS A CA  
128 C  C   . LYS A 32 ? 0.5567 0.5266 0.5854 -0.0425 0.0301  0.0449  87  LYS A C   
129 O  O   . LYS A 32 ? 0.6079 0.5555 0.6245 -0.0412 0.0485  0.0515  87  LYS A O   
130 C  CB  . LYS A 32 ? 0.5900 0.5578 0.6664 -0.0609 0.0460  0.0279  87  LYS A CB  
131 C  CG  . LYS A 32 ? 0.6239 0.6174 0.7417 -0.0695 0.0396  0.0066  87  LYS A CG  
132 C  CD  . LYS A 32 ? 0.7125 0.6926 0.8582 -0.0808 0.0608  -0.0039 87  LYS A CD  
133 C  CE  . LYS A 32 ? 0.7502 0.7657 0.9485 -0.0883 0.0535  -0.0345 87  LYS A CE  
134 N  NZ  . LYS A 32 ? 0.7882 0.8006 1.0128 -0.0959 0.0608  -0.0490 87  LYS A NZ  
135 N  N   . GLY A 33 ? 0.5270 0.5070 0.5431 -0.0347 0.0157  0.0461  88  GLY A N   
136 C  CA  . GLY A 33 ? 0.5302 0.5034 0.5221 -0.0233 0.0157  0.0511  88  GLY A CA  
137 C  C   . GLY A 33 ? 0.5648 0.5180 0.5270 -0.0085 0.0150  0.0559  88  GLY A C   
138 O  O   . GLY A 33 ? 0.5907 0.5406 0.5300 0.0061  0.0115  0.0564  88  GLY A O   
139 N  N   . GLY A 34 ? 0.5469 0.4885 0.5079 -0.0088 0.0158  0.0571  89  GLY A N   
140 C  CA  . GLY A 34 ? 0.5737 0.4953 0.5036 0.0100  0.0127  0.0607  89  GLY A CA  
141 C  C   . GLY A 34 ? 0.5647 0.5067 0.5004 0.0185  -0.0083 0.0483  89  GLY A C   
142 O  O   . GLY A 34 ? 0.6018 0.5346 0.5123 0.0398  -0.0163 0.0461  89  GLY A O   
143 N  N   . GLY A 35 ? 0.5143 0.4810 0.4812 0.0046  -0.0153 0.0389  90  GLY A N   
144 C  CA  . GLY A 35 ? 0.4923 0.4775 0.4731 0.0089  -0.0281 0.0236  90  GLY A CA  
145 C  C   . GLY A 35 ? 0.5117 0.4947 0.5006 0.0074  -0.0316 0.0189  90  GLY A C   
146 O  O   . GLY A 35 ? 0.4615 0.4605 0.4703 0.0068  -0.0376 0.0036  90  GLY A O   
147 N  N   . VAL A 36 ? 0.5155 0.4787 0.4942 0.0051  -0.0247 0.0295  91  VAL A N   
148 C  CA  . VAL A 36 ? 0.5176 0.4764 0.5028 0.0038  -0.0269 0.0258  91  VAL A CA  
149 C  C   . VAL A 36 ? 0.5075 0.4616 0.5054 -0.0129 -0.0176 0.0307  91  VAL A C   
150 O  O   . VAL A 36 ? 0.4758 0.4230 0.4744 -0.0195 -0.0077 0.0372  91  VAL A O   
151 C  CB  . VAL A 36 ? 0.5624 0.4993 0.5213 0.0242  -0.0296 0.0289  91  VAL A CB  
152 C  CG1 . VAL A 36 ? 0.5801 0.5298 0.5298 0.0461  -0.0455 0.0159  91  VAL A CG1 
153 C  CG2 . VAL A 36 ? 0.5983 0.5004 0.5288 0.0292  -0.0129 0.0467  91  VAL A CG2 
154 N  N   . ASN A 37 ? 0.4932 0.4530 0.5039 -0.0186 -0.0208 0.0236  92  ASN A N   
155 C  CA  . ASN A 37 ? 0.4655 0.4257 0.4887 -0.0302 -0.0161 0.0224  92  ASN A CA  
156 C  C   . ASN A 37 ? 0.5019 0.4411 0.5234 -0.0311 -0.0047 0.0280  92  ASN A C   
157 O  O   . ASN A 37 ? 0.5153 0.4331 0.5202 -0.0203 -0.0013 0.0337  92  ASN A O   
158 C  CB  . ASN A 37 ? 0.4452 0.4104 0.4761 -0.0327 -0.0204 0.0138  92  ASN A CB  
159 C  CG  . ASN A 37 ? 0.4364 0.4132 0.4690 -0.0329 -0.0228 0.0078  92  ASN A CG  
160 O  OD1 . ASN A 37 ? 0.4468 0.4295 0.4768 -0.0347 -0.0209 0.0099  92  ASN A OD1 
161 N  ND2 . ASN A 37 ? 0.4262 0.4039 0.4644 -0.0311 -0.0238 -0.0007 92  ASN A ND2 
162 N  N   . LEU A 38 ? 0.4947 0.4379 0.5341 -0.0422 0.0031  0.0245  93  LEU A N   
163 C  CA  . LEU A 38 ? 0.5320 0.4519 0.5781 -0.0464 0.0220  0.0267  93  LEU A CA  
164 C  C   . LEU A 38 ? 0.5385 0.4560 0.6054 -0.0535 0.0255  0.0161  93  LEU A C   
165 O  O   . LEU A 38 ? 0.5443 0.4374 0.6192 -0.0577 0.0454  0.0168  93  LEU A O   
166 C  CB  . LEU A 38 ? 0.5325 0.4594 0.5985 -0.0563 0.0331  0.0224  93  LEU A CB  
167 C  CG  . LEU A 38 ? 0.5515 0.4773 0.5975 -0.0498 0.0333  0.0332  93  LEU A CG  
168 C  CD1 . LEU A 38 ? 0.5610 0.5063 0.6355 -0.0604 0.0375  0.0229  93  LEU A CD1 
169 C  CD2 . LEU A 38 ? 0.5880 0.4750 0.6018 -0.0388 0.0509  0.0489  93  LEU A CD2 
170 N  N   . ILE A 39 ? 0.5225 0.4627 0.5980 -0.0551 0.0098  0.0054  94  ILE A N   
171 C  CA  . ILE A 39 ? 0.5297 0.4731 0.6259 -0.0609 0.0101  -0.0082 94  ILE A CA  
172 C  C   . ILE A 39 ? 0.5289 0.4792 0.6108 -0.0545 -0.0039 -0.0089 94  ILE A C   
173 O  O   . ILE A 39 ? 0.4718 0.4300 0.5367 -0.0485 -0.0127 -0.0035 94  ILE A O   
174 C  CB  . ILE A 39 ? 0.5426 0.5137 0.6700 -0.0688 0.0054  -0.0290 94  ILE A CB  
175 C  CG1 . ILE A 39 ? 0.5556 0.5505 0.6693 -0.0616 -0.0121 -0.0306 94  ILE A CG1 
176 C  CG2 . ILE A 39 ? 0.5482 0.5148 0.7038 -0.0785 0.0236  -0.0356 94  ILE A CG2 
177 C  CD1 . ILE A 39 ? 0.5457 0.5680 0.6778 -0.0592 -0.0248 -0.0541 94  ILE A CD1 
178 N  N   . ASP A 40 ? 0.5001 0.4461 0.5925 -0.0566 -0.0029 -0.0174 95  ASP A N   
179 C  CA  . ASP A 40 ? 0.5019 0.4593 0.5883 -0.0535 -0.0139 -0.0241 95  ASP A CA  
180 C  C   . ASP A 40 ? 0.4852 0.4653 0.5777 -0.0548 -0.0222 -0.0374 95  ASP A C   
181 O  O   . ASP A 40 ? 0.4854 0.4753 0.6019 -0.0598 -0.0215 -0.0526 95  ASP A O   
182 C  CB  . ASP A 40 ? 0.5499 0.4966 0.6465 -0.0547 -0.0104 -0.0310 95  ASP A CB  
183 C  CG  . ASP A 40 ? 0.5859 0.5064 0.6699 -0.0465 -0.0043 -0.0186 95  ASP A CG  
184 O  OD1 . ASP A 40 ? 0.5659 0.4850 0.6316 -0.0366 -0.0101 -0.0105 95  ASP A OD1 
185 O  OD2 . ASP A 40 ? 0.6671 0.5665 0.7591 -0.0474 0.0072  -0.0188 95  ASP A OD2 
186 N  N   . HIS A 41 ? 0.4584 0.4456 0.5294 -0.0482 -0.0290 -0.0343 96  HIS A N   
187 C  CA  . HIS A 41 ? 0.4657 0.4683 0.5289 -0.0415 -0.0377 -0.0449 96  HIS A CA  
188 C  C   . HIS A 41 ? 0.4723 0.4812 0.5326 -0.0365 -0.0437 -0.0607 96  HIS A C   
189 O  O   . HIS A 41 ? 0.4797 0.4786 0.5369 -0.0386 -0.0393 -0.0599 96  HIS A O   
190 C  CB  . HIS A 41 ? 0.4661 0.4638 0.5000 -0.0336 -0.0371 -0.0330 96  HIS A CB  
191 C  CG  . HIS A 41 ? 0.4462 0.4459 0.4843 -0.0357 -0.0356 -0.0238 96  HIS A CG  
192 N  ND1 . HIS A 41 ? 0.4437 0.4537 0.4760 -0.0285 -0.0419 -0.0267 96  HIS A ND1 
193 C  CD2 . HIS A 41 ? 0.4134 0.4059 0.4588 -0.0415 -0.0295 -0.0134 96  HIS A CD2 
194 C  CE1 . HIS A 41 ? 0.4471 0.4569 0.4861 -0.0329 -0.0380 -0.0180 96  HIS A CE1 
195 N  NE2 . HIS A 41 ? 0.4329 0.4315 0.4781 -0.0404 -0.0302 -0.0095 96  HIS A NE2 
196 N  N   . PHE A 42 ? 0.4751 0.5024 0.5354 -0.0270 -0.0555 -0.0775 97  PHE A N   
197 C  CA  . PHE A 42 ? 0.5092 0.5460 0.5616 -0.0165 -0.0650 -0.0966 97  PHE A CA  
198 C  C   . PHE A 42 ? 0.5417 0.5588 0.5481 -0.0055 -0.0598 -0.0857 97  PHE A C   
199 O  O   . PHE A 42 ? 0.5688 0.5856 0.5671 -0.0003 -0.0618 -0.0972 97  PHE A O   
200 C  CB  . PHE A 42 ? 0.5210 0.5841 0.5758 -0.0007 -0.0830 -0.1191 97  PHE A CB  
201 C  CG  . PHE A 42 ? 0.5505 0.6320 0.6062 0.0125  -0.0972 -0.1477 97  PHE A CG  
202 C  CD1 . PHE A 42 ? 0.5469 0.6349 0.6396 -0.0009 -0.0936 -0.1636 97  PHE A CD1 
203 C  CD2 . PHE A 42 ? 0.5960 0.6879 0.6132 0.0423  -0.1157 -0.1609 97  PHE A CD2 
204 C  CE1 . PHE A 42 ? 0.6033 0.7117 0.6993 0.0123  -0.1081 -0.1936 97  PHE A CE1 
205 C  CE2 . PHE A 42 ? 0.6335 0.7442 0.6459 0.0601  -0.1321 -0.1902 97  PHE A CE2 
206 C  CZ  . PHE A 42 ? 0.6364 0.7583 0.6921 0.0435  -0.1289 -0.2085 97  PHE A CZ  
207 N  N   . ASN A 43 ? 0.5266 0.5252 0.5053 -0.0027 -0.0499 -0.0659 98  ASN A N   
208 C  CA  . ASN A 43 ? 0.5459 0.5200 0.4888 0.0036  -0.0358 -0.0569 98  ASN A CA  
209 C  C   . ASN A 43 ? 0.5458 0.5137 0.5106 -0.0112 -0.0253 -0.0571 98  ASN A C   
210 O  O   . ASN A 43 ? 0.5587 0.5087 0.5025 -0.0083 -0.0114 -0.0547 98  ASN A O   
211 C  CB  . ASN A 43 ? 0.5405 0.4944 0.4575 0.0077  -0.0220 -0.0389 98  ASN A CB  
212 C  CG  . ASN A 43 ? 0.5258 0.4843 0.4749 -0.0090 -0.0176 -0.0295 98  ASN A CG  
213 O  OD1 . ASN A 43 ? 0.4748 0.4422 0.4567 -0.0219 -0.0199 -0.0325 98  ASN A OD1 
214 N  ND2 . ASN A 43 ? 0.5090 0.4586 0.4448 -0.0056 -0.0108 -0.0184 98  ASN A ND2 
215 N  N   . GLY A 44 ? 0.5334 0.5115 0.5373 -0.0251 -0.0291 -0.0589 99  GLY A N   
216 C  CA  . GLY A 44 ? 0.5468 0.5186 0.5696 -0.0343 -0.0221 -0.0595 99  GLY A CA  
217 C  C   . GLY A 44 ? 0.5759 0.5391 0.6020 -0.0381 -0.0116 -0.0505 99  GLY A C   
218 O  O   . GLY A 44 ? 0.5826 0.5441 0.6255 -0.0419 -0.0081 -0.0553 99  GLY A O   
219 N  N   . GLN A 45 ? 0.5422 0.5027 0.5573 -0.0362 -0.0079 -0.0411 100 GLN A N   
220 C  CA  . GLN A 45 ? 0.5315 0.4871 0.5550 -0.0395 0.0034  -0.0394 100 GLN A CA  
221 C  C   . GLN A 45 ? 0.4929 0.4556 0.5287 -0.0407 -0.0017 -0.0333 100 GLN A C   
222 O  O   . GLN A 45 ? 0.5076 0.4739 0.5609 -0.0421 0.0022  -0.0390 100 GLN A O   
223 C  CB  . GLN A 45 ? 0.5888 0.5279 0.5863 -0.0355 0.0208  -0.0363 100 GLN A CB  
224 C  CG  . GLN A 45 ? 0.6499 0.5745 0.6338 -0.0336 0.0352  -0.0438 100 GLN A CG  
225 C  CD  . GLN A 45 ? 0.7170 0.6163 0.6562 -0.0225 0.0512  -0.0357 100 GLN A CD  
226 O  OE1 . GLN A 45 ? 0.7691 0.6685 0.6845 -0.0121 0.0409  -0.0272 100 GLN A OE1 
227 N  NE2 . GLN A 45 ? 0.7693 0.6437 0.6952 -0.0226 0.0788  -0.0385 100 GLN A NE2 
228 N  N   . PHE A 46 ? 0.4728 0.4397 0.5019 -0.0392 -0.0102 -0.0250 101 PHE A N   
229 C  CA  . PHE A 46 ? 0.4585 0.4302 0.4956 -0.0394 -0.0149 -0.0184 101 PHE A CA  
230 C  C   . PHE A 46 ? 0.4492 0.4198 0.4965 -0.0394 -0.0219 -0.0173 101 PHE A C   
231 O  O   . PHE A 46 ? 0.4582 0.4290 0.5081 -0.0421 -0.0237 -0.0185 101 PHE A O   
232 C  CB  . PHE A 46 ? 0.4449 0.4186 0.4690 -0.0377 -0.0159 -0.0107 101 PHE A CB  
233 C  CG  . PHE A 46 ? 0.4589 0.4237 0.4632 -0.0335 -0.0056 -0.0085 101 PHE A CG  
234 C  CD1 . PHE A 46 ? 0.4445 0.3992 0.4497 -0.0353 0.0097  -0.0127 101 PHE A CD1 
235 C  CD2 . PHE A 46 ? 0.4744 0.4388 0.4600 -0.0264 -0.0088 -0.0033 101 PHE A CD2 
236 C  CE1 . PHE A 46 ? 0.4994 0.4356 0.4824 -0.0309 0.0266  -0.0085 101 PHE A CE1 
237 C  CE2 . PHE A 46 ? 0.4925 0.4403 0.4509 -0.0180 0.0029  0.0016  101 PHE A CE2 
238 C  CZ  . PHE A 46 ? 0.5216 0.4515 0.4767 -0.0208 0.0233  0.0009  101 PHE A CZ  
239 N  N   . LYS A 47 ? 0.4829 0.4508 0.5351 -0.0342 -0.0246 -0.0167 102 LYS A N   
240 C  CA  . LYS A 47 ? 0.5203 0.4761 0.5721 -0.0291 -0.0266 -0.0129 102 LYS A CA  
241 C  C   . LYS A 47 ? 0.5032 0.4503 0.5439 -0.0246 -0.0249 -0.0015 102 LYS A C   
242 O  O   . LYS A 47 ? 0.4864 0.4401 0.5212 -0.0193 -0.0282 0.0000  102 LYS A O   
243 C  CB  . LYS A 47 ? 0.5574 0.5121 0.6126 -0.0174 -0.0326 -0.0209 102 LYS A CB  
244 C  CG  . LYS A 47 ? 0.6228 0.5874 0.6937 -0.0217 -0.0316 -0.0356 102 LYS A CG  
245 C  CD  . LYS A 47 ? 0.7140 0.6730 0.7864 -0.0304 -0.0272 -0.0360 102 LYS A CD  
246 C  CE  . LYS A 47 ? 0.7800 0.7454 0.8622 -0.0344 -0.0227 -0.0495 102 LYS A CE  
247 N  NZ  . LYS A 47 ? 0.7947 0.7560 0.8749 -0.0399 -0.0210 -0.0516 102 LYS A NZ  
248 N  N   . ALA A 48 ? 0.4977 0.4275 0.5370 -0.0263 -0.0170 0.0046  103 ALA A N   
249 C  CA  . ALA A 48 ? 0.5353 0.4453 0.5593 -0.0202 -0.0085 0.0168  103 ALA A CA  
250 C  C   . ALA A 48 ? 0.5464 0.4474 0.5462 0.0003  -0.0158 0.0211  103 ALA A C   
251 O  O   . ALA A 48 ? 0.5564 0.4521 0.5515 0.0126  -0.0228 0.0162  103 ALA A O   
252 C  CB  . ALA A 48 ? 0.5844 0.4668 0.6119 -0.0232 0.0080  0.0204  103 ALA A CB  
253 N  N   . GLY A 49 ? 0.5433 0.4455 0.5290 0.0061  -0.0162 0.0273  104 GLY A N   
254 C  CA  . GLY A 49 ? 0.5626 0.4603 0.5235 0.0296  -0.0261 0.0275  104 GLY A CA  
255 C  C   . GLY A 49 ? 0.5377 0.4688 0.5162 0.0329  -0.0428 0.0097  104 GLY A C   
256 O  O   . GLY A 49 ? 0.5550 0.4917 0.5206 0.0517  -0.0533 0.0037  104 GLY A O   
257 N  N   . ALA A 50 ? 0.5168 0.4686 0.5248 0.0162  -0.0433 -0.0011 105 ALA A N   
258 C  CA  . ALA A 50 ? 0.4943 0.4730 0.5249 0.0150  -0.0498 -0.0193 105 ALA A CA  
259 C  C   . ALA A 50 ? 0.4782 0.4659 0.5096 0.0084  -0.0458 -0.0157 105 ALA A C   
260 O  O   . ALA A 50 ? 0.4969 0.4742 0.5161 0.0010  -0.0384 -0.0002 105 ALA A O   
261 C  CB  . ALA A 50 ? 0.4766 0.4640 0.5309 -0.0003 -0.0436 -0.0288 105 ALA A CB  
262 N  N   . LEU A 51 ? 0.4520 0.4601 0.5041 0.0097  -0.0489 -0.0333 106 LEU A N   
263 C  CA  . LEU A 51 ? 0.4433 0.4599 0.5018 0.0023  -0.0427 -0.0329 106 LEU A CA  
264 C  C   . LEU A 51 ? 0.4223 0.4287 0.4759 -0.0146 -0.0296 -0.0178 106 LEU A C   
265 O  O   . LEU A 51 ? 0.4010 0.4027 0.4596 -0.0228 -0.0228 -0.0187 106 LEU A O   
266 C  CB  . LEU A 51 ? 0.4400 0.4781 0.5339 0.0003  -0.0404 -0.0590 106 LEU A CB  
267 C  CG  . LEU A 51 ? 0.4310 0.4791 0.5367 -0.0037 -0.0344 -0.0647 106 LEU A CG  
268 C  CD1 . LEU A 51 ? 0.4212 0.4791 0.5133 0.0155  -0.0510 -0.0688 106 LEU A CD1 
269 C  CD2 . LEU A 51 ? 0.4181 0.4801 0.5674 -0.0133 -0.0205 -0.0910 106 LEU A CD2 
270 N  N   . CYS A 52 ? 0.4120 0.4149 0.4534 -0.0165 -0.0274 -0.0055 107 CYS A N   
271 C  CA  . CYS A 52 ? 0.4053 0.4019 0.4404 -0.0264 -0.0201 0.0058  107 CYS A CA  
272 C  C   . CYS A 52 ? 0.3811 0.3762 0.4228 -0.0322 -0.0098 0.0004  107 CYS A C   
273 O  O   . CYS A 52 ? 0.3638 0.3633 0.4189 -0.0330 -0.0027 -0.0091 107 CYS A O   
274 C  CB  . CYS A 52 ? 0.4179 0.4159 0.4461 -0.0264 -0.0191 0.0143  107 CYS A CB  
275 S  SG  . CYS A 52 ? 0.4102 0.4058 0.4339 -0.0325 -0.0152 0.0213  107 CYS A SG  
276 N  N   . TRP A 53 ? 0.3656 0.3521 0.3976 -0.0347 -0.0067 0.0043  108 TRP A N   
277 C  CA  . TRP A 53 ? 0.4039 0.3792 0.4301 -0.0359 0.0070  0.0021  108 TRP A CA  
278 C  C   . TRP A 53 ? 0.4084 0.3748 0.4236 -0.0338 0.0173  0.0085  108 TRP A C   
279 O  O   . TRP A 53 ? 0.4225 0.3721 0.4343 -0.0343 0.0369  0.0062  108 TRP A O   
280 C  CB  . TRP A 53 ? 0.4290 0.3960 0.4382 -0.0336 0.0053  0.0048  108 TRP A CB  
281 C  CG  . TRP A 53 ? 0.4282 0.3971 0.4202 -0.0276 -0.0037 0.0117  108 TRP A CG  
282 C  CD1 . TRP A 53 ? 0.4347 0.4164 0.4363 -0.0291 -0.0161 0.0108  108 TRP A CD1 
283 C  CD2 . TRP A 53 ? 0.4444 0.4024 0.4110 -0.0173 0.0006  0.0167  108 TRP A CD2 
284 N  NE1 . TRP A 53 ? 0.4362 0.4228 0.4281 -0.0218 -0.0225 0.0100  108 TRP A NE1 
285 C  CE2 . TRP A 53 ? 0.4759 0.4481 0.4417 -0.0117 -0.0152 0.0147  108 TRP A CE2 
286 C  CE3 . TRP A 53 ? 0.4735 0.4076 0.4170 -0.0106 0.0183  0.0216  108 TRP A CE3 
287 C  CZ2 . TRP A 53 ? 0.4638 0.4325 0.4053 0.0042  -0.0199 0.0155  108 TRP A CZ2 
288 C  CZ3 . TRP A 53 ? 0.5051 0.4262 0.4143 0.0065  0.0175  0.0280  108 TRP A CZ3 
289 C  CH2 . TRP A 53 ? 0.4973 0.4388 0.4055 0.0155  -0.0049 0.0240  108 TRP A CH2 
290 N  N   . LEU A 54 ? 0.4122 0.3858 0.4217 -0.0310 0.0075  0.0161  109 LEU A N   
291 C  CA  . LEU A 54 ? 0.4277 0.3929 0.4242 -0.0261 0.0143  0.0226  109 LEU A CA  
292 C  C   . LEU A 54 ? 0.4300 0.4005 0.4440 -0.0300 0.0206  0.0187  109 LEU A C   
293 O  O   . LEU A 54 ? 0.4396 0.3953 0.4517 -0.0296 0.0377  0.0183  109 LEU A O   
294 C  CB  . LEU A 54 ? 0.4378 0.4109 0.4238 -0.0199 0.0009  0.0277  109 LEU A CB  
295 C  CG  . LEU A 54 ? 0.4576 0.4234 0.4274 -0.0101 0.0035  0.0334  109 LEU A CG  
296 C  CD1 . LEU A 54 ? 0.5131 0.4504 0.4509 0.0019  0.0174  0.0381  109 LEU A CD1 
297 C  CD2 . LEU A 54 ? 0.4584 0.4415 0.4303 -0.0042 -0.0136 0.0302  109 LEU A CD2 
298 N  N   . CYS A 55 ? 0.4170 0.4052 0.4452 -0.0320 0.0092  0.0157  110 CYS A N   
299 C  CA  . CYS A 55 ? 0.4306 0.4280 0.4740 -0.0327 0.0116  0.0093  110 CYS A CA  
300 C  C   . CYS A 55 ? 0.4295 0.4394 0.4972 -0.0332 0.0110  -0.0091 110 CYS A C   
301 O  O   . CYS A 55 ? 0.3974 0.4204 0.4822 -0.0314 0.0102  -0.0212 110 CYS A O   
302 C  CB  . CYS A 55 ? 0.4010 0.4087 0.4390 -0.0299 0.0000  0.0158  110 CYS A CB  
303 S  SG  . CYS A 55 ? 0.4277 0.4401 0.4607 -0.0254 -0.0122 0.0158  110 CYS A SG  
304 N  N   . ARG A 56 ? 0.4241 0.4333 0.4960 -0.0338 0.0093  -0.0151 111 ARG A N   
305 C  CA  . ARG A 56 ? 0.4375 0.4631 0.5351 -0.0306 0.0040  -0.0370 111 ARG A CA  
306 C  C   . ARG A 56 ? 0.4150 0.4585 0.5141 -0.0188 -0.0127 -0.0452 111 ARG A C   
307 O  O   . ARG A 56 ? 0.4505 0.5135 0.5776 -0.0142 -0.0153 -0.0702 111 ARG A O   
308 C  CB  . ARG A 56 ? 0.4675 0.4936 0.5984 -0.0386 0.0239  -0.0577 111 ARG A CB  
309 C  CG  . ARG A 56 ? 0.5002 0.5232 0.6461 -0.0438 0.0408  -0.0633 111 ARG A CG  
310 C  CD  . ARG A 56 ? 0.5528 0.5730 0.7377 -0.0533 0.0657  -0.0874 111 ARG A CD  
311 N  NE  . ARG A 56 ? 0.6043 0.6139 0.8118 -0.0613 0.0927  -0.0970 111 ARG A NE  
312 C  CZ  . ARG A 56 ? 0.6151 0.6499 0.8666 -0.0628 0.0929  -0.1254 111 ARG A CZ  
313 N  NH1 . ARG A 56 ? 0.6486 0.7218 0.9181 -0.0521 0.0631  -0.1461 111 ARG A NH1 
314 N  NH2 . ARG A 56 ? 0.6579 0.6770 0.9323 -0.0724 0.1237  -0.1340 111 ARG A NH2 
315 N  N   . GLY A 57 ? 0.4296 0.4658 0.4988 -0.0122 -0.0227 -0.0270 112 GLY A N   
316 C  CA  . GLY A 57 ? 0.4382 0.4824 0.4946 0.0046  -0.0368 -0.0316 112 GLY A CA  
317 C  C   . GLY A 57 ? 0.4535 0.5036 0.5079 0.0057  -0.0350 -0.0306 112 GLY A C   
318 O  O   . GLY A 57 ? 0.4513 0.5041 0.4875 0.0212  -0.0446 -0.0323 112 GLY A O   
319 N  N   . LYS A 58 ? 0.4654 0.5141 0.5335 -0.0080 -0.0218 -0.0274 113 LYS A N   
320 C  CA  . LYS A 58 ? 0.4982 0.5532 0.5685 -0.0078 -0.0190 -0.0282 113 LYS A CA  
321 C  C   . LYS A 58 ? 0.5119 0.5548 0.5553 -0.0075 -0.0187 -0.0063 113 LYS A C   
322 O  O   . LYS A 58 ? 0.4792 0.5272 0.5186 -0.0037 -0.0188 -0.0068 113 LYS A O   
323 C  CB  . LYS A 58 ? 0.5192 0.5714 0.6118 -0.0199 -0.0023 -0.0322 113 LYS A CB  
324 C  CG  . LYS A 58 ? 0.5618 0.6262 0.6920 -0.0226 0.0046  -0.0597 113 LYS A CG  
325 C  CD  . LYS A 58 ? 0.6477 0.6972 0.7947 -0.0347 0.0299  -0.0603 113 LYS A CD  
326 C  CE  . LYS A 58 ? 0.7006 0.7589 0.8947 -0.0414 0.0457  -0.0917 113 LYS A CE  
327 N  NZ  . LYS A 58 ? 0.7569 0.7876 0.9599 -0.0525 0.0786  -0.0877 113 LYS A NZ  
328 N  N   . LYS A 59 ? 0.4555 0.4848 0.4853 -0.0119 -0.0171 0.0087  114 LYS A N   
329 C  CA  . LYS A 59 ? 0.4655 0.4845 0.4790 -0.0132 -0.0139 0.0236  114 LYS A CA  
330 C  C   . LYS A 59 ? 0.4469 0.4687 0.4687 -0.0212 -0.0079 0.0286  114 LYS A C   
331 O  O   . LYS A 59 ? 0.4541 0.4720 0.4727 -0.0241 -0.0042 0.0355  114 LYS A O   
332 C  CB  . LYS A 59 ? 0.4806 0.4926 0.4710 -0.0002 -0.0153 0.0263  114 LYS A CB  
333 C  CG  . LYS A 59 ? 0.5086 0.5143 0.4822 0.0149  -0.0237 0.0218  114 LYS A CG  
334 C  CD  . LYS A 59 ? 0.5573 0.5523 0.4961 0.0369  -0.0265 0.0231  114 LYS A CD  
335 C  CE  . LYS A 59 ? 0.5968 0.5823 0.5116 0.0590  -0.0374 0.0183  114 LYS A CE  
336 N  NZ  . LYS A 59 ? 0.6766 0.6442 0.5433 0.0879  -0.0399 0.0214  114 LYS A NZ  
337 N  N   . GLU A 60 ? 0.4435 0.4696 0.4773 -0.0240 -0.0048 0.0236  115 GLU A N   
338 C  CA  . GLU A 60 ? 0.4500 0.4747 0.4860 -0.0263 -0.0004 0.0286  115 GLU A CA  
339 C  C   . GLU A 60 ? 0.4491 0.4629 0.4842 -0.0261 0.0063  0.0283  115 GLU A C   
340 O  O   . GLU A 60 ? 0.4799 0.4895 0.5222 -0.0278 0.0126  0.0209  115 GLU A O   
341 C  CB  . GLU A 60 ? 0.4314 0.4630 0.4741 -0.0250 0.0031  0.0253  115 GLU A CB  
342 C  CG  . GLU A 60 ? 0.4250 0.4625 0.4616 -0.0220 0.0007  0.0253  115 GLU A CG  
343 C  CD  . GLU A 60 ? 0.4453 0.4899 0.4888 -0.0212 0.0046  0.0224  115 GLU A CD  
344 O  OE1 . GLU A 60 ? 0.4324 0.4839 0.4859 -0.0190 0.0057  0.0115  115 GLU A OE1 
345 O  OE2 . GLU A 60 ? 0.4567 0.5016 0.5007 -0.0234 0.0072  0.0281  115 GLU A OE2 
346 N  N   . VAL A 61 ? 0.4431 0.4514 0.4691 -0.0215 0.0062  0.0343  116 VAL A N   
347 C  CA  . VAL A 61 ? 0.4953 0.4841 0.5063 -0.0143 0.0151  0.0380  116 VAL A CA  
348 C  C   . VAL A 61 ? 0.5229 0.5079 0.5277 -0.0057 0.0167  0.0418  116 VAL A C   
349 O  O   . VAL A 61 ? 0.4927 0.4949 0.5100 -0.0078 0.0096  0.0398  116 VAL A O   
350 C  CB  . VAL A 61 ? 0.4997 0.4832 0.4936 -0.0079 0.0077  0.0405  116 VAL A CB  
351 C  CG1 . VAL A 61 ? 0.4990 0.4873 0.5019 -0.0170 0.0057  0.0364  116 VAL A CG1 
352 C  CG2 . VAL A 61 ? 0.4829 0.4833 0.4792 -0.0024 -0.0081 0.0378  116 VAL A CG2 
353 N  N   . LEU A 62 ? 0.5393 0.4987 0.5219 0.0060  0.0277  0.0478  117 LEU A N   
354 C  CA  . LEU A 62 ? 0.5863 0.5376 0.5540 0.0211  0.0267  0.0523  117 LEU A CA  
355 C  C   . LEU A 62 ? 0.6171 0.5823 0.5736 0.0355  0.0054  0.0496  117 LEU A C   
356 O  O   . LEU A 62 ? 0.5986 0.5656 0.5447 0.0397  -0.0031 0.0474  117 LEU A O   
357 C  CB  . LEU A 62 ? 0.6288 0.5382 0.5679 0.0335  0.0497  0.0610  117 LEU A CB  
358 C  CG  . LEU A 62 ? 0.6367 0.5349 0.6003 0.0179  0.0750  0.0564  117 LEU A CG  
359 C  CD1 . LEU A 62 ? 0.6944 0.5419 0.6298 0.0300  0.1062  0.0656  117 LEU A CD1 
360 C  CD2 . LEU A 62 ? 0.6155 0.5401 0.6110 0.0085  0.0692  0.0485  117 LEU A CD2 
361 N  N   . CYS A 63 ? 0.5974 0.5761 0.5613 0.0436  -0.0038 0.0457  118 CYS A N   
362 C  CA  . CYS A 63 ? 0.6101 0.6098 0.5751 0.0584  -0.0256 0.0349  118 CYS A CA  
363 C  C   . CYS A 63 ? 0.6643 0.6388 0.5822 0.0890  -0.0304 0.0386  118 CYS A C   
364 O  O   . CYS A 63 ? 0.6712 0.6112 0.5550 0.1059  -0.0173 0.0504  118 CYS A O   
365 C  CB  . CYS A 63 ? 0.5572 0.5770 0.5446 0.0611  -0.0322 0.0271  118 CYS A CB  
366 S  SG  . CYS A 63 ? 0.5695 0.6200 0.5672 0.0841  -0.0598 0.0049  118 CYS A SG  
367 N  N   . GLY A 64 ? 0.6729 0.6629 0.5876 0.0983  -0.0482 0.0272  119 GLY A N   
368 C  CA  . GLY A 64 ? 0.7390 0.7066 0.6021 0.1323  -0.0563 0.0282  119 GLY A CA  
369 C  C   . GLY A 64 ? 0.7837 0.7495 0.6211 0.1685  -0.0719 0.0220  119 GLY A C   
370 O  O   . GLY A 64 ? 0.8606 0.7880 0.6361 0.2027  -0.0696 0.0317  119 GLY A O   
371 N  N   . ASP A 65 ? 0.7299 0.7333 0.6106 0.1642  -0.0863 0.0057  120 ASP A N   
372 C  CA  . ASP A 65 ? 0.7502 0.7593 0.6137 0.2008  -0.1057 -0.0057 120 ASP A CA  
373 C  C   . ASP A 65 ? 0.7748 0.7410 0.6021 0.2141  -0.0864 0.0162  120 ASP A C   
374 O  O   . ASP A 65 ? 0.8536 0.7967 0.6318 0.2562  -0.0955 0.0177  120 ASP A O   
375 C  CB  . ASP A 65 ? 0.7294 0.7959 0.6604 0.1899  -0.1249 -0.0352 120 ASP A CB  
376 C  CG  . ASP A 65 ? 0.7320 0.8425 0.7002 0.1884  -0.1472 -0.0662 120 ASP A CG  
377 O  OD1 . ASP A 65 ? 0.7424 0.8449 0.6962 0.1836  -0.1457 -0.0631 120 ASP A OD1 
378 O  OD2 . ASP A 65 ? 0.7832 0.9386 0.7999 0.1933  -0.1660 -0.0980 120 ASP A OD2 
379 N  N   . CYS A 66 ? 0.7275 0.6850 0.5810 0.1808  -0.0612 0.0299  121 CYS A N   
380 C  CA  . CYS A 66 ? 0.7360 0.6569 0.5689 0.1875  -0.0398 0.0465  121 CYS A CA  
381 C  C   . CYS A 66 ? 0.7696 0.6417 0.5790 0.1730  -0.0035 0.0685  121 CYS A C   
382 O  O   . CYS A 66 ? 0.7574 0.5953 0.5556 0.1741  0.0210  0.0807  121 CYS A O   
383 C  CB  . CYS A 66 ? 0.6733 0.6289 0.5633 0.1630  -0.0402 0.0374  121 CYS A CB  
384 S  SG  . CYS A 66 ? 0.5873 0.5647 0.5280 0.1134  -0.0255 0.0377  121 CYS A SG  
385 N  N   . ASN A 67 ? 0.7763 0.6468 0.5853 0.1576  0.0018  0.0703  122 ASN A N   
386 C  CA  . ASN A 67 ? 0.8370 0.6694 0.6385 0.1394  0.0369  0.0842  122 ASN A CA  
387 C  C   . ASN A 67 ? 0.7854 0.6257 0.6329 0.1092  0.0556  0.0829  122 ASN A C   
388 O  O   . ASN A 67 ? 0.7746 0.5761 0.6153 0.1043  0.0886  0.0910  122 ASN A O   
389 C  CB  . ASN A 67 ? 0.9626 0.7267 0.6955 0.1703  0.0629  0.1024  122 ASN A CB  
390 C  CG  . ASN A 67 ? 1.0558 0.8078 0.7335 0.2046  0.0451  0.1031  122 ASN A CG  
391 O  OD1 . ASN A 67 ? 1.0674 0.8395 0.7544 0.1937  0.0349  0.0962  122 ASN A OD1 
392 N  ND2 . ASN A 67 ? 1.1611 0.8806 0.7788 0.2495  0.0397  0.1099  122 ASN A ND2 
393 N  N   . GLY A 68 ? 0.7142 0.6029 0.6081 0.0911  0.0366  0.0704  123 GLY A N   
394 C  CA  . GLY A 68 ? 0.6635 0.5656 0.5978 0.0666  0.0487  0.0659  123 GLY A CA  
395 C  C   . GLY A 68 ? 0.6665 0.5606 0.6050 0.0738  0.0562  0.0669  123 GLY A C   
396 O  O   . GLY A 68 ? 0.6788 0.5865 0.6513 0.0547  0.0651  0.0602  123 GLY A O   
397 N  N   . ALA A 69 ? 0.7182 0.5908 0.6214 0.1038  0.0519  0.0732  124 ALA A N   
398 C  CA  . ALA A 69 ? 0.6908 0.5560 0.5981 0.1135  0.0574  0.0737  124 ALA A CA  
399 C  C   . ALA A 69 ? 0.6392 0.5565 0.5910 0.1015  0.0357  0.0587  124 ALA A C   
400 O  O   . ALA A 69 ? 0.6415 0.5608 0.6113 0.0982  0.0433  0.0562  124 ALA A O   
401 C  CB  . ALA A 69 ? 0.7500 0.5783 0.6018 0.1552  0.0543  0.0834  124 ALA A CB  
402 N  N   . GLY A 70 ? 0.5822 0.5383 0.5510 0.0963  0.0115  0.0480  125 GLY A N   
403 C  CA  . GLY A 70 ? 0.5384 0.5384 0.5454 0.0893  -0.0060 0.0324  125 GLY A CA  
404 C  C   . GLY A 70 ? 0.5476 0.5596 0.5517 0.1171  -0.0249 0.0218  125 GLY A C   
405 O  O   . GLY A 70 ? 0.4989 0.5504 0.5416 0.1098  -0.0382 0.0042  125 GLY A O   
406 N  N   . PHE A 71 ? 0.6120 0.5873 0.5705 0.1501  -0.0237 0.0312  126 PHE A N   
407 C  CA  . PHE A 71 ? 0.6297 0.6114 0.5766 0.1858  -0.0439 0.0207  126 PHE A CA  
408 C  C   . PHE A 71 ? 0.7179 0.6719 0.6057 0.2253  -0.0563 0.0252  126 PHE A C   
409 O  O   . PHE A 71 ? 0.7315 0.6443 0.5791 0.2259  -0.0381 0.0438  126 PHE A O   
410 C  CB  . PHE A 71 ? 0.6503 0.6021 0.5848 0.1966  -0.0273 0.0308  126 PHE A CB  
411 C  CG  . PHE A 71 ? 0.5873 0.5676 0.5752 0.1652  -0.0185 0.0232  126 PHE A CG  
412 C  CD1 . PHE A 71 ? 0.5603 0.5342 0.5652 0.1314  0.0047  0.0314  126 PHE A CD1 
413 C  CD2 . PHE A 71 ? 0.5678 0.5843 0.5900 0.1704  -0.0345 0.0045  126 PHE A CD2 
414 C  CE1 . PHE A 71 ? 0.5195 0.5200 0.5671 0.1060  0.0109  0.0228  126 PHE A CE1 
415 C  CE2 . PHE A 71 ? 0.5323 0.5728 0.5994 0.1422  -0.0243 -0.0024 126 PHE A CE2 
416 C  CZ  . PHE A 71 ? 0.5073 0.5386 0.5831 0.1112  -0.0022 0.0078  126 PHE A CZ  
417 N  N   . ILE A 72 ? 0.7683 0.7470 0.6524 0.2596  -0.0874 0.0049  127 ILE A N   
418 C  CA  . ILE A 72 ? 0.8952 0.8467 0.7133 0.3098  -0.1042 0.0061  127 ILE A CA  
419 C  C   . ILE A 72 ? 0.9899 0.9143 0.7706 0.3536  -0.1090 0.0091  127 ILE A C   
420 O  O   . ILE A 72 ? 0.9636 0.9257 0.7912 0.3504  -0.1217 -0.0095 127 ILE A O   
421 C  CB  . ILE A 72 ? 0.8932 0.9028 0.7403 0.3230  -0.1436 -0.0291 127 ILE A CB  
422 C  CG1 . ILE A 72 ? 0.8418 0.8844 0.7385 0.2774  -0.1392 -0.0363 127 ILE A CG1 
423 C  CG2 . ILE A 72 ? 0.9947 0.9770 0.7662 0.3805  -0.1643 -0.0303 127 ILE A CG2 
424 C  CD1 . ILE A 72 ? 0.8516 0.8497 0.7069 0.2640  -0.1152 -0.0086 127 ILE A CD1 
425 N  N   . GLY A 73 ? 1.1357 0.9925 0.8301 0.3963  -0.0975 0.0319  128 GLY A N   
426 C  CA  . GLY A 73 ? 1.2399 1.0637 0.8849 0.4491  -0.1047 0.0351  128 GLY A CA  
427 C  C   . GLY A 73 ? 1.3167 1.1873 0.9601 0.4993  -0.1570 -0.0004 128 GLY A C   
428 O  O   . GLY A 73 ? 1.3108 1.2499 1.0091 0.4873  -0.1879 -0.0336 128 GLY A O   
429 N  N   . GLY A 74 ? 1.4297 1.2628 1.0114 0.5579  -0.1663 0.0038  129 GLY A N   
430 C  CA  . GLY A 74 ? 1.4493 1.3307 1.0345 0.6112  -0.2189 -0.0355 129 GLY A CA  
431 C  C   . GLY A 74 ? 1.5099 1.3921 1.0360 0.6617  -0.2515 -0.0500 129 GLY A C   
432 O  O   . GLY A 74 ? 1.6061 1.4465 1.0437 0.7339  -0.2688 -0.0470 129 GLY A O   
433 ZN ZN  . ZN  B .  ? 0.6756 0.7277 0.6847 0.0945  -0.0554 0.0051  201 ZN  A ZN  
434 ZN ZN  . ZN  C .  ? 0.5570 0.5597 0.5798 -0.0307 -0.0139 0.0279  202 ZN  A ZN  
# 
